data_6AQY
#
_entry.id   6AQY
#
_cell.length_a   99.730
_cell.length_b   102.100
_cell.length_c   121.820
_cell.angle_alpha   90.000
_cell.angle_beta   107.630
_cell.angle_gamma   90.000
#
_symmetry.space_group_name_H-M   'P 1 21 1'
#
loop_
_entity.id
_entity.type
_entity.pdbx_description
1 polymer 'gdp-l-fucose synthetase'
2 non-polymer 'SULFATE ION'
3 non-polymer 'CHLORIDE ION'
4 water water
#
_entity_poly.entity_id   1
_entity_poly.type   'polypeptide(L)'
_entity_poly.pdbx_seq_one_letter_code
;MAHHHHHHMAQREVSDQPITLTQDDVILVTGGTGLFGKAVEHIVKKEQIKGKWVFLGSKDGDLRDADACKQPFEKYRPTY
VIHLAAFVGGLFKNMNFKVSFWLDNVNMNNNILTCCYDFGVKKTISCLSTCVFPDKIEYPITEEKLHEGPPHFSNNAYAY
AKRMLDMLGRWYNEKAVNEGKSCLFTSVIPTNLFGPHDNFNVEAGHVLPGLMHKCYKAQQNGTDFVVFGSGKPLRQFLYS
HDAARMLLWTMFNYQSEEPIMLCVSEEDEKSIGQVAQTIKDAFNFTGNMVFDTSKADGQYKKTSSNAKFLRLNPTFQYTP
FEQAIKETVQWFLENYETARK
;
_entity_poly.pdbx_strand_id   A,B,C,D,E,F
#
loop_
_chem_comp.id
_chem_comp.type
_chem_comp.name
_chem_comp.formula
CL non-polymer 'CHLORIDE ION' 'Cl -1'
SO4 non-polymer 'SULFATE ION' 'O4 S -2'
#
# COMPACT_ATOMS: atom_id res chain seq x y z
N HIS A 8 -27.58 16.79 -22.05
CA HIS A 8 -28.56 17.48 -22.88
C HIS A 8 -29.78 16.59 -23.12
N MET A 9 -30.86 16.87 -22.39
CA MET A 9 -32.10 16.11 -22.49
C MET A 9 -33.03 16.59 -23.61
N ALA A 10 -32.64 17.61 -24.36
CA ALA A 10 -33.58 18.39 -25.17
C ALA A 10 -34.17 17.59 -26.32
N GLN A 11 -33.36 17.16 -27.27
CA GLN A 11 -33.78 16.51 -28.51
C GLN A 11 -33.88 14.99 -28.38
N ARG A 12 -34.75 14.40 -29.18
CA ARG A 12 -34.88 12.95 -29.30
C ARG A 12 -33.89 12.43 -30.33
N GLU A 13 -33.69 11.11 -30.34
CA GLU A 13 -32.73 10.54 -31.28
C GLU A 13 -33.15 10.74 -32.74
N VAL A 14 -34.46 10.91 -32.99
CA VAL A 14 -35.00 11.14 -34.33
C VAL A 14 -35.76 12.46 -34.37
N SER A 15 -35.89 13.02 -35.57
CA SER A 15 -36.77 14.16 -35.78
C SER A 15 -38.23 13.71 -35.90
N ASP A 16 -39.16 14.61 -35.60
CA ASP A 16 -40.57 14.23 -35.62
C ASP A 16 -41.00 13.82 -37.03
N GLN A 17 -40.65 14.65 -38.02
CA GLN A 17 -40.86 14.35 -39.43
C GLN A 17 -39.52 14.09 -40.10
N PRO A 18 -39.49 13.35 -41.19
CA PRO A 18 -38.24 13.22 -41.95
C PRO A 18 -37.90 14.51 -42.67
N ILE A 19 -36.61 14.73 -42.88
CA ILE A 19 -36.19 15.81 -43.75
C ILE A 19 -36.65 15.53 -45.17
N THR A 20 -37.18 16.53 -45.84
CA THR A 20 -37.54 16.38 -47.24
C THR A 20 -36.47 17.11 -48.04
N LEU A 21 -35.81 16.38 -48.93
CA LEU A 21 -34.82 16.99 -49.79
C LEU A 21 -35.52 17.67 -50.94
N THR A 22 -34.97 18.80 -51.37
CA THR A 22 -35.47 19.53 -52.53
C THR A 22 -34.45 19.46 -53.65
N GLN A 23 -34.82 20.00 -54.82
CA GLN A 23 -33.86 19.99 -55.91
C GLN A 23 -32.69 20.93 -55.66
N ASP A 24 -32.83 21.87 -54.74
CA ASP A 24 -31.75 22.75 -54.36
C ASP A 24 -30.75 22.11 -53.41
N ASP A 25 -31.03 20.90 -52.92
CA ASP A 25 -30.11 20.27 -52.00
C ASP A 25 -28.96 19.66 -52.79
N VAL A 26 -27.75 19.69 -52.19
CA VAL A 26 -26.55 19.11 -52.78
C VAL A 26 -25.93 18.18 -51.75
N ILE A 27 -25.75 16.91 -52.13
CA ILE A 27 -25.27 15.87 -51.23
C ILE A 27 -23.91 15.44 -51.75
N LEU A 28 -22.88 15.70 -50.98
CA LEU A 28 -21.53 15.32 -51.33
C LEU A 28 -21.20 14.00 -50.64
N VAL A 29 -20.69 13.04 -51.41
CA VAL A 29 -20.36 11.72 -50.90
C VAL A 29 -18.89 11.49 -51.19
N THR A 30 -18.07 11.47 -50.16
CA THR A 30 -16.67 11.08 -50.28
C THR A 30 -16.61 9.56 -50.29
N GLY A 31 -15.55 9.02 -50.92
CA GLY A 31 -15.46 7.58 -51.09
C GLY A 31 -16.65 7.00 -51.83
N GLY A 32 -17.23 7.78 -52.77
CA GLY A 32 -18.51 7.37 -53.34
C GLY A 32 -18.46 6.27 -54.40
N THR A 33 -17.28 5.79 -54.77
CA THR A 33 -17.14 4.78 -55.81
C THR A 33 -16.79 3.39 -55.28
N GLY A 34 -16.76 3.19 -53.96
CA GLY A 34 -16.55 1.88 -53.40
C GLY A 34 -17.84 1.09 -53.26
N LEU A 35 -17.75 -0.01 -52.51
CA LEU A 35 -18.91 -0.88 -52.35
C LEU A 35 -20.11 -0.11 -51.79
N PHE A 36 -19.90 0.57 -50.65
CA PHE A 36 -20.99 1.28 -49.94
C PHE A 36 -21.50 2.48 -50.76
N GLY A 37 -20.58 3.29 -51.29
CA GLY A 37 -20.96 4.44 -52.08
C GLY A 37 -21.74 4.10 -53.35
N LYS A 38 -21.33 3.05 -54.05
CA LYS A 38 -22.07 2.65 -55.26
C LYS A 38 -23.46 2.19 -54.90
N ALA A 39 -23.65 1.62 -53.70
CA ALA A 39 -24.99 1.23 -53.28
C ALA A 39 -25.86 2.45 -53.01
N VAL A 40 -25.28 3.52 -52.46
CA VAL A 40 -26.03 4.75 -52.27
C VAL A 40 -26.50 5.28 -53.61
N GLU A 41 -25.59 5.29 -54.58
CA GLU A 41 -25.94 5.75 -55.92
C GLU A 41 -27.06 4.92 -56.52
N HIS A 42 -27.03 3.59 -56.30
CA HIS A 42 -28.07 2.73 -56.85
C HIS A 42 -29.42 3.05 -56.25
N ILE A 43 -29.47 3.17 -54.92
CA ILE A 43 -30.72 3.46 -54.22
C ILE A 43 -31.22 4.86 -54.55
N VAL A 44 -30.31 5.84 -54.62
CA VAL A 44 -30.73 7.18 -55.01
C VAL A 44 -31.40 7.16 -56.39
N LYS A 45 -30.80 6.44 -57.35
CA LYS A 45 -31.40 6.39 -58.68
C LYS A 45 -32.67 5.55 -58.65
N LYS A 46 -32.66 4.41 -57.98
CA LYS A 46 -33.83 3.54 -58.03
C LYS A 46 -35.04 4.20 -57.38
N GLU A 47 -34.85 4.90 -56.26
CA GLU A 47 -35.95 5.51 -55.55
C GLU A 47 -36.12 6.98 -55.90
N GLN A 48 -35.37 7.45 -56.90
CA GLN A 48 -35.49 8.81 -57.43
C GLN A 48 -35.46 9.84 -56.31
N ILE A 49 -34.45 9.72 -55.44
CA ILE A 49 -34.24 10.67 -54.36
C ILE A 49 -33.85 12.01 -54.97
N LYS A 50 -34.43 13.08 -54.43
CA LYS A 50 -34.25 14.39 -55.03
C LYS A 50 -32.86 14.94 -54.69
N GLY A 51 -32.49 16.01 -55.38
CA GLY A 51 -31.25 16.69 -55.07
C GLY A 51 -30.13 16.36 -56.04
N LYS A 52 -29.08 17.20 -56.02
CA LYS A 52 -27.86 16.95 -56.76
C LYS A 52 -26.89 16.15 -55.88
N TRP A 53 -26.64 14.91 -56.29
CA TRP A 53 -25.75 13.98 -55.58
C TRP A 53 -24.41 13.93 -56.28
N VAL A 54 -23.34 14.17 -55.53
CA VAL A 54 -21.99 14.20 -56.06
C VAL A 54 -21.16 13.11 -55.39
N PHE A 55 -20.72 12.13 -56.18
CA PHE A 55 -19.96 10.98 -55.70
C PHE A 55 -18.49 11.19 -56.02
N LEU A 56 -17.72 11.66 -55.03
CA LEU A 56 -16.29 11.89 -55.22
C LEU A 56 -15.53 10.58 -55.33
N GLY A 57 -14.45 10.61 -56.09
CA GLY A 57 -13.56 9.47 -56.19
C GLY A 57 -12.11 9.84 -56.02
N SER A 58 -11.19 8.91 -56.29
CA SER A 58 -9.77 9.17 -56.05
C SER A 58 -9.24 10.24 -56.99
N LYS A 59 -9.72 10.26 -58.23
CA LYS A 59 -9.24 11.23 -59.20
C LYS A 59 -9.73 12.63 -58.92
N ASP A 60 -10.65 12.79 -57.97
CA ASP A 60 -11.27 14.08 -57.74
C ASP A 60 -10.49 14.96 -56.76
N GLY A 61 -9.46 14.42 -56.11
CA GLY A 61 -8.63 15.20 -55.22
C GLY A 61 -8.20 14.48 -53.96
N ASP A 62 -7.03 14.83 -53.47
CA ASP A 62 -6.45 14.25 -52.25
C ASP A 62 -7.03 14.92 -51.02
N LEU A 63 -8.00 14.26 -50.38
CA LEU A 63 -8.69 14.80 -49.22
C LEU A 63 -7.78 14.96 -48.02
N ARG A 64 -6.58 14.35 -48.04
CA ARG A 64 -5.60 14.58 -46.98
C ARG A 64 -5.07 16.00 -46.99
N ASP A 65 -5.09 16.67 -48.15
CA ASP A 65 -4.57 18.02 -48.30
C ASP A 65 -5.68 19.01 -47.95
N ALA A 66 -5.39 19.95 -47.04
CA ALA A 66 -6.43 20.86 -46.58
C ALA A 66 -6.96 21.73 -47.71
N ASP A 67 -6.09 22.26 -48.57
CA ASP A 67 -6.56 23.09 -49.66
C ASP A 67 -7.36 22.28 -50.67
N ALA A 68 -6.83 21.11 -51.06
CA ALA A 68 -7.53 20.27 -52.03
C ALA A 68 -8.89 19.86 -51.50
N CYS A 69 -8.97 19.60 -50.21
CA CYS A 69 -10.23 19.21 -49.61
C CYS A 69 -11.25 20.36 -49.70
N LYS A 70 -10.80 21.62 -49.69
CA LYS A 70 -11.74 22.73 -49.78
C LYS A 70 -12.40 22.84 -51.15
N GLN A 71 -11.77 22.29 -52.19
CA GLN A 71 -12.22 22.50 -53.57
C GLN A 71 -13.62 21.95 -53.86
N PRO A 72 -13.98 20.71 -53.49
CA PRO A 72 -15.36 20.27 -53.77
C PRO A 72 -16.43 20.99 -52.95
N PHE A 73 -16.10 21.48 -51.76
CA PHE A 73 -17.07 22.26 -50.99
C PHE A 73 -17.30 23.61 -51.64
N GLU A 74 -16.23 24.27 -52.10
CA GLU A 74 -16.39 25.55 -52.79
C GLU A 74 -17.17 25.38 -54.08
N LYS A 75 -16.99 24.26 -54.76
CA LYS A 75 -17.56 24.09 -56.07
C LYS A 75 -19.03 23.73 -56.00
N TYR A 76 -19.39 22.85 -55.06
CA TYR A 76 -20.73 22.28 -55.00
C TYR A 76 -21.57 22.84 -53.87
N ARG A 77 -20.96 23.40 -52.83
CA ARG A 77 -21.67 23.99 -51.70
C ARG A 77 -22.72 23.01 -51.17
N PRO A 78 -22.30 21.87 -50.63
CA PRO A 78 -23.28 20.85 -50.24
C PRO A 78 -24.10 21.26 -49.01
N THR A 79 -25.35 20.79 -48.97
CA THR A 79 -26.20 20.96 -47.80
C THR A 79 -26.14 19.73 -46.92
N TYR A 80 -25.67 18.62 -47.46
CA TYR A 80 -25.49 17.39 -46.72
C TYR A 80 -24.21 16.71 -47.21
N VAL A 81 -23.55 16.01 -46.30
CA VAL A 81 -22.33 15.29 -46.61
C VAL A 81 -22.42 13.87 -46.05
N ILE A 82 -22.11 12.90 -46.88
CA ILE A 82 -21.96 11.53 -46.46
C ILE A 82 -20.49 11.20 -46.65
N HIS A 83 -19.79 11.01 -45.54
CA HIS A 83 -18.33 10.85 -45.52
C HIS A 83 -18.00 9.37 -45.38
N LEU A 84 -17.66 8.73 -46.50
CA LEU A 84 -17.34 7.32 -46.52
C LEU A 84 -15.85 7.05 -46.75
N ALA A 85 -15.10 8.03 -47.23
CA ALA A 85 -13.70 7.79 -47.60
C ALA A 85 -12.84 7.40 -46.39
N ALA A 86 -11.87 6.53 -46.63
CA ALA A 86 -10.85 6.22 -45.62
C ALA A 86 -9.63 5.71 -46.36
N PHE A 87 -8.48 5.81 -45.70
CA PHE A 87 -7.26 5.24 -46.24
C PHE A 87 -7.03 3.93 -45.51
N VAL A 88 -7.03 2.86 -46.29
CA VAL A 88 -6.91 1.54 -45.78
C VAL A 88 -5.78 0.87 -46.59
N MET A 95 4.97 1.85 -47.87
CA MET A 95 4.10 2.93 -47.41
C MET A 95 2.79 2.40 -46.82
N ASN A 96 2.80 1.09 -46.48
CA ASN A 96 1.77 0.41 -45.71
C ASN A 96 1.94 0.64 -44.20
N PHE A 97 2.75 1.62 -43.81
CA PHE A 97 3.17 1.82 -42.43
C PHE A 97 2.03 2.33 -41.53
N LYS A 98 2.04 1.90 -40.26
CA LYS A 98 1.00 2.38 -39.35
C LYS A 98 1.00 3.90 -39.24
N VAL A 99 2.17 4.52 -39.30
CA VAL A 99 2.27 5.97 -39.32
C VAL A 99 1.34 6.55 -40.38
N SER A 100 1.41 6.02 -41.60
CA SER A 100 0.57 6.52 -42.69
C SER A 100 -0.91 6.32 -42.39
N PHE A 101 -1.27 5.18 -41.80
CA PHE A 101 -2.66 4.91 -41.51
C PHE A 101 -3.21 5.95 -40.55
N TRP A 102 -2.40 6.37 -39.59
CA TRP A 102 -2.82 7.40 -38.67
C TRP A 102 -2.87 8.76 -39.37
N LEU A 103 -1.77 9.15 -40.01
CA LEU A 103 -1.68 10.49 -40.58
C LEU A 103 -2.68 10.70 -41.69
N ASP A 104 -2.77 9.75 -42.63
CA ASP A 104 -3.65 9.97 -43.79
C ASP A 104 -5.11 10.03 -43.37
N ASN A 105 -5.54 9.13 -42.50
CA ASN A 105 -6.95 9.13 -42.09
C ASN A 105 -7.28 10.32 -41.20
N VAL A 106 -6.41 10.66 -40.21
CA VAL A 106 -6.74 11.75 -39.30
C VAL A 106 -6.70 13.10 -40.04
N ASN A 107 -5.77 13.25 -41.01
CA ASN A 107 -5.73 14.50 -41.77
C ASN A 107 -6.98 14.66 -42.62
N MET A 108 -7.34 13.62 -43.40
CA MET A 108 -8.56 13.71 -44.20
C MET A 108 -9.79 13.95 -43.31
N ASN A 109 -9.90 13.22 -42.21
CA ASN A 109 -11.04 13.38 -41.32
C ASN A 109 -11.10 14.80 -40.74
N ASN A 110 -9.94 15.33 -40.28
CA ASN A 110 -9.93 16.70 -39.78
C ASN A 110 -10.38 17.68 -40.86
N ASN A 111 -9.87 17.51 -42.08
CA ASN A 111 -10.23 18.40 -43.20
C ASN A 111 -11.70 18.32 -43.54
N ILE A 112 -12.24 17.10 -43.73
CA ILE A 112 -13.63 16.97 -44.14
C ILE A 112 -14.57 17.57 -43.11
N LEU A 113 -14.40 17.21 -41.84
CA LEU A 113 -15.36 17.70 -40.84
C LEU A 113 -15.27 19.20 -40.71
N THR A 114 -14.05 19.75 -40.76
CA THR A 114 -13.87 21.20 -40.68
C THR A 114 -14.55 21.90 -41.86
N CYS A 115 -14.36 21.37 -43.06
CA CYS A 115 -15.06 21.92 -44.21
C CYS A 115 -16.57 21.89 -44.01
N CYS A 116 -17.09 20.76 -43.48
CA CYS A 116 -18.54 20.67 -43.23
C CYS A 116 -19.01 21.81 -42.34
N TYR A 117 -18.28 22.06 -41.24
CA TYR A 117 -18.67 23.12 -40.33
C TYR A 117 -18.57 24.48 -41.00
N ASP A 118 -17.41 24.77 -41.62
CA ASP A 118 -17.18 26.08 -42.19
C ASP A 118 -18.16 26.41 -43.32
N PHE A 119 -18.60 25.41 -44.08
CA PHE A 119 -19.53 25.63 -45.18
C PHE A 119 -20.98 25.39 -44.79
N GLY A 120 -21.26 25.25 -43.48
CA GLY A 120 -22.63 25.20 -43.01
C GLY A 120 -23.43 24.02 -43.49
N VAL A 121 -22.79 22.85 -43.66
CA VAL A 121 -23.49 21.63 -44.02
C VAL A 121 -24.51 21.31 -42.92
N LYS A 122 -25.73 20.98 -43.32
CA LYS A 122 -26.78 20.79 -42.31
C LYS A 122 -26.54 19.53 -41.49
N LYS A 123 -26.23 18.42 -42.16
CA LYS A 123 -25.99 17.16 -41.49
C LYS A 123 -24.85 16.44 -42.19
N THR A 124 -23.94 15.88 -41.40
CA THR A 124 -22.80 15.13 -41.91
C THR A 124 -22.82 13.76 -41.25
N ILE A 125 -22.82 12.72 -42.07
CA ILE A 125 -22.77 11.34 -41.59
C ILE A 125 -21.45 10.74 -42.02
N SER A 126 -20.68 10.30 -41.05
CA SER A 126 -19.42 9.61 -41.25
C SER A 126 -19.63 8.13 -41.00
N CYS A 127 -18.62 7.36 -41.38
CA CYS A 127 -18.68 5.91 -41.36
C CYS A 127 -17.54 5.41 -40.48
N LEU A 128 -17.89 4.56 -39.50
CA LEU A 128 -16.92 3.81 -38.69
C LEU A 128 -16.97 2.35 -39.16
N SER A 129 -16.30 1.46 -38.44
CA SER A 129 -16.35 0.04 -38.77
C SER A 129 -16.19 -0.77 -37.51
N THR A 130 -16.63 -2.02 -37.57
CA THR A 130 -16.65 -2.84 -36.37
C THR A 130 -15.25 -3.05 -35.80
N CYS A 131 -14.21 -2.95 -36.60
CA CYS A 131 -12.88 -3.29 -36.11
C CYS A 131 -12.25 -2.21 -35.22
N VAL A 132 -12.95 -1.11 -34.92
CA VAL A 132 -12.41 -0.09 -34.05
C VAL A 132 -12.91 -0.22 -32.60
N PHE A 133 -13.75 -1.19 -32.30
CA PHE A 133 -14.24 -1.35 -30.94
C PHE A 133 -13.13 -1.93 -30.06
N PRO A 134 -13.27 -1.82 -28.75
CA PRO A 134 -12.22 -2.34 -27.86
C PRO A 134 -12.03 -3.81 -28.09
N ASP A 135 -10.76 -4.23 -28.03
CA ASP A 135 -10.42 -5.63 -28.20
C ASP A 135 -11.04 -6.50 -27.10
N LYS A 136 -10.92 -6.09 -25.84
CA LYS A 136 -11.52 -6.80 -24.72
C LYS A 136 -12.94 -6.30 -24.57
N ILE A 137 -13.91 -7.14 -24.92
CA ILE A 137 -15.29 -6.68 -25.02
C ILE A 137 -16.25 -7.85 -24.81
N GLU A 138 -17.41 -7.54 -24.23
CA GLU A 138 -18.48 -8.51 -24.06
C GLU A 138 -19.48 -8.34 -25.20
N TYR A 139 -19.85 -9.40 -25.80
CA TYR A 139 -20.80 -9.37 -26.89
C TYR A 139 -22.23 -9.39 -26.34
N PRO A 140 -23.23 -8.86 -27.06
CA PRO A 140 -23.14 -8.19 -28.37
C PRO A 140 -22.56 -6.82 -28.28
N ILE A 141 -21.87 -6.41 -29.35
CA ILE A 141 -21.31 -5.08 -29.42
C ILE A 141 -22.45 -4.05 -29.53
N THR A 142 -22.42 -3.05 -28.67
CA THR A 142 -23.37 -1.94 -28.71
C THR A 142 -22.58 -0.66 -28.84
N GLU A 143 -23.23 0.37 -29.41
CA GLU A 143 -22.52 1.59 -29.80
C GLU A 143 -21.85 2.28 -28.62
N GLU A 144 -22.48 2.25 -27.44
CA GLU A 144 -21.91 2.95 -26.29
C GLU A 144 -20.54 2.42 -25.87
N LYS A 145 -20.15 1.23 -26.31
CA LYS A 145 -18.88 0.64 -25.90
C LYS A 145 -17.69 1.10 -26.76
N LEU A 146 -17.89 2.02 -27.69
CA LEU A 146 -16.88 2.36 -28.69
C LEU A 146 -15.52 2.75 -28.09
N HIS A 147 -15.50 3.56 -27.04
CA HIS A 147 -14.25 4.11 -26.49
C HIS A 147 -13.82 3.42 -25.21
N GLU A 148 -14.42 2.31 -24.86
CA GLU A 148 -14.20 1.69 -23.55
C GLU A 148 -12.97 0.77 -23.60
N GLY A 149 -11.81 1.36 -23.90
CA GLY A 149 -10.59 0.59 -23.93
C GLY A 149 -9.92 0.53 -25.28
N PRO A 150 -8.68 0.04 -25.31
CA PRO A 150 -7.90 0.11 -26.54
C PRO A 150 -8.41 -0.88 -27.58
N PRO A 151 -8.27 -0.55 -28.88
CA PRO A 151 -8.58 -1.54 -29.95
C PRO A 151 -7.54 -2.61 -30.08
N HIS A 152 -7.74 -3.59 -30.97
CA HIS A 152 -6.70 -4.59 -31.21
C HIS A 152 -5.48 -3.95 -31.86
N PHE A 153 -4.31 -4.47 -31.52
CA PHE A 153 -3.07 -3.85 -31.93
C PHE A 153 -2.89 -3.89 -33.45
N SER A 154 -3.46 -4.89 -34.12
CA SER A 154 -3.14 -5.12 -35.53
C SER A 154 -3.52 -3.92 -36.40
N ASN A 155 -4.66 -3.28 -36.16
CA ASN A 155 -5.13 -2.15 -36.97
C ASN A 155 -5.40 -0.91 -36.12
N ASN A 156 -4.61 -0.71 -35.08
CA ASN A 156 -4.97 0.31 -34.11
C ASN A 156 -4.73 1.74 -34.61
N ALA A 157 -3.88 1.95 -35.61
CA ALA A 157 -3.77 3.29 -36.17
C ALA A 157 -5.05 3.67 -36.90
N TYR A 158 -5.50 2.78 -37.80
CA TYR A 158 -6.78 2.97 -38.46
C TYR A 158 -7.92 3.05 -37.43
N ALA A 159 -7.86 2.20 -36.40
CA ALA A 159 -8.91 2.19 -35.39
C ALA A 159 -9.00 3.52 -34.68
N TYR A 160 -7.86 4.06 -34.23
CA TYR A 160 -7.89 5.30 -33.48
C TYR A 160 -8.30 6.48 -34.35
N ALA A 161 -7.85 6.52 -35.61
CA ALA A 161 -8.36 7.59 -36.48
C ALA A 161 -9.87 7.56 -36.56
N LYS A 162 -10.47 6.36 -36.65
CA LYS A 162 -11.94 6.28 -36.66
C LYS A 162 -12.54 6.78 -35.36
N ARG A 163 -11.93 6.39 -34.24
CA ARG A 163 -12.38 6.86 -32.93
C ARG A 163 -12.33 8.37 -32.82
N MET A 164 -11.25 8.99 -33.35
CA MET A 164 -11.12 10.45 -33.32
C MET A 164 -11.97 11.14 -34.37
N LEU A 165 -12.37 10.42 -35.42
CA LEU A 165 -13.39 10.95 -36.32
C LEU A 165 -14.72 11.13 -35.57
N ASP A 166 -15.07 10.12 -34.75
CA ASP A 166 -16.27 10.19 -33.91
C ASP A 166 -16.20 11.37 -32.95
N MET A 167 -15.08 11.48 -32.21
CA MET A 167 -14.93 12.54 -31.21
C MET A 167 -14.97 13.92 -31.85
N LEU A 168 -14.33 14.08 -33.01
CA LEU A 168 -14.32 15.37 -33.69
C LEU A 168 -15.74 15.81 -34.05
N GLY A 169 -16.61 14.85 -34.43
CA GLY A 169 -18.00 15.19 -34.71
C GLY A 169 -18.71 15.72 -33.48
N ARG A 170 -18.50 15.08 -32.34
CA ARG A 170 -19.08 15.57 -31.10
C ARG A 170 -18.55 16.96 -30.79
N TRP A 171 -17.25 17.19 -30.99
CA TRP A 171 -16.71 18.51 -30.68
C TRP A 171 -17.29 19.56 -31.60
N TYR A 172 -17.48 19.22 -32.88
CA TYR A 172 -18.12 20.14 -33.80
C TYR A 172 -19.62 20.31 -33.46
N ASN A 173 -20.30 19.27 -32.95
CA ASN A 173 -21.66 19.50 -32.46
C ASN A 173 -21.65 20.49 -31.30
N GLU A 174 -20.68 20.34 -30.40
CA GLU A 174 -20.54 21.27 -29.31
C GLU A 174 -20.33 22.68 -29.83
N LYS A 175 -19.47 22.84 -30.85
CA LYS A 175 -19.23 24.18 -31.36
C LYS A 175 -20.47 24.77 -32.03
N ALA A 176 -21.20 23.96 -32.82
CA ALA A 176 -22.37 24.45 -33.54
C ALA A 176 -23.40 25.04 -32.59
N VAL A 177 -23.62 24.39 -31.45
CA VAL A 177 -24.51 24.92 -30.42
C VAL A 177 -24.01 26.28 -29.92
N ASN A 178 -22.75 26.34 -29.48
CA ASN A 178 -22.25 27.59 -28.91
C ASN A 178 -22.33 28.73 -29.89
N GLU A 179 -22.22 28.45 -31.18
CA GLU A 179 -22.28 29.50 -32.19
C GLU A 179 -23.66 29.64 -32.81
N GLY A 180 -24.64 28.88 -32.34
CA GLY A 180 -25.97 28.96 -32.90
C GLY A 180 -26.11 28.53 -34.35
N LYS A 181 -25.24 27.62 -34.81
CA LYS A 181 -25.30 27.10 -36.17
C LYS A 181 -26.08 25.78 -36.24
N SER A 182 -26.75 25.58 -37.37
CA SER A 182 -27.51 24.36 -37.65
C SER A 182 -26.58 23.39 -38.38
N CYS A 183 -25.74 22.72 -37.61
CA CYS A 183 -24.80 21.73 -38.12
C CYS A 183 -24.85 20.53 -37.20
N LEU A 184 -25.19 19.39 -37.74
CA LEU A 184 -25.25 18.17 -36.97
C LEU A 184 -24.25 17.17 -37.57
N PHE A 185 -23.55 16.46 -36.71
CA PHE A 185 -22.59 15.41 -37.07
C PHE A 185 -22.96 14.12 -36.38
N THR A 186 -23.00 13.02 -37.13
CA THR A 186 -23.27 11.71 -36.54
C THR A 186 -22.52 10.66 -37.37
N SER A 187 -22.79 9.39 -37.12
CA SER A 187 -22.07 8.34 -37.81
C SER A 187 -22.85 7.04 -37.78
N VAL A 188 -22.51 6.16 -38.75
CA VAL A 188 -23.05 4.81 -38.86
C VAL A 188 -21.89 3.81 -38.77
N ILE A 189 -22.20 2.60 -38.33
CA ILE A 189 -21.26 1.48 -38.26
C ILE A 189 -21.82 0.31 -39.07
N PRO A 190 -21.48 0.21 -40.36
CA PRO A 190 -21.95 -0.93 -41.14
C PRO A 190 -21.14 -2.18 -40.82
N THR A 191 -21.82 -3.32 -40.79
CA THR A 191 -21.22 -4.59 -40.38
C THR A 191 -21.28 -5.57 -41.54
N ASN A 192 -20.11 -5.99 -42.01
CA ASN A 192 -19.92 -7.02 -43.04
C ASN A 192 -20.79 -6.74 -44.28
N LEU A 193 -20.44 -5.67 -44.98
CA LEU A 193 -21.13 -5.38 -46.21
C LEU A 193 -20.66 -6.30 -47.32
N PHE A 194 -21.58 -6.62 -48.24
CA PHE A 194 -21.26 -7.35 -49.46
C PHE A 194 -22.21 -6.86 -50.54
N GLY A 195 -21.79 -7.05 -51.79
CA GLY A 195 -22.65 -6.72 -52.89
C GLY A 195 -21.87 -6.27 -54.09
N PRO A 196 -22.58 -5.72 -55.08
CA PRO A 196 -21.91 -5.24 -56.29
C PRO A 196 -20.84 -4.22 -55.93
N HIS A 197 -19.78 -4.21 -56.73
CA HIS A 197 -18.66 -3.29 -56.58
C HIS A 197 -17.82 -3.54 -55.34
N ASP A 198 -17.93 -4.73 -54.73
CA ASP A 198 -17.03 -5.14 -53.67
C ASP A 198 -15.63 -5.37 -54.26
N ASN A 199 -14.67 -5.69 -53.39
CA ASN A 199 -13.34 -6.10 -53.79
C ASN A 199 -13.27 -7.63 -53.81
N PHE A 200 -13.05 -8.19 -54.99
CA PHE A 200 -13.11 -9.63 -55.18
C PHE A 200 -11.74 -10.29 -55.25
N ASN A 201 -10.69 -9.60 -54.81
CA ASN A 201 -9.38 -10.23 -54.76
C ASN A 201 -9.42 -11.35 -53.72
N VAL A 202 -9.05 -12.55 -54.14
CA VAL A 202 -9.19 -13.71 -53.25
C VAL A 202 -8.22 -13.60 -52.09
N GLU A 203 -7.05 -13.00 -52.32
CA GLU A 203 -6.07 -12.89 -51.26
C GLU A 203 -6.36 -11.70 -50.35
N ALA A 204 -6.78 -10.57 -50.92
CA ALA A 204 -6.94 -9.36 -50.14
C ALA A 204 -8.37 -8.98 -49.83
N GLY A 205 -9.35 -9.60 -50.45
CA GLY A 205 -10.72 -9.21 -50.24
C GLY A 205 -11.32 -9.86 -49.02
N HIS A 206 -12.51 -9.39 -48.65
CA HIS A 206 -13.22 -10.03 -47.56
C HIS A 206 -13.59 -11.45 -47.96
N VAL A 207 -13.91 -12.28 -46.96
CA VAL A 207 -14.07 -13.70 -47.22
C VAL A 207 -15.23 -13.95 -48.19
N LEU A 208 -16.35 -13.25 -47.98
CA LEU A 208 -17.53 -13.52 -48.82
C LEU A 208 -17.28 -13.16 -50.28
N PRO A 209 -16.82 -11.96 -50.64
CA PRO A 209 -16.55 -11.72 -52.07
C PRO A 209 -15.44 -12.61 -52.60
N GLY A 210 -14.46 -12.95 -51.75
CA GLY A 210 -13.41 -13.85 -52.19
C GLY A 210 -13.96 -15.21 -52.56
N LEU A 211 -14.89 -15.73 -51.77
CA LEU A 211 -15.47 -17.03 -52.09
C LEU A 211 -16.17 -17.00 -53.44
N MET A 212 -16.85 -15.90 -53.73
CA MET A 212 -17.47 -15.72 -55.04
C MET A 212 -16.44 -15.82 -56.14
N HIS A 213 -15.29 -15.17 -55.97
CA HIS A 213 -14.27 -15.26 -57.00
C HIS A 213 -13.67 -16.67 -57.10
N LYS A 214 -13.39 -17.30 -55.95
CA LYS A 214 -12.88 -18.68 -55.98
C LYS A 214 -13.90 -19.63 -56.60
N CYS A 215 -15.20 -19.40 -56.36
CA CYS A 215 -16.20 -20.26 -57.00
C CYS A 215 -16.22 -20.05 -58.50
N TYR A 216 -16.19 -18.79 -58.94
CA TYR A 216 -16.15 -18.49 -60.37
C TYR A 216 -14.93 -19.13 -61.04
N LYS A 217 -13.76 -19.00 -60.42
CA LYS A 217 -12.55 -19.56 -61.01
C LYS A 217 -12.67 -21.08 -61.12
N ALA A 218 -13.28 -21.74 -60.13
CA ALA A 218 -13.45 -23.19 -60.20
C ALA A 218 -14.39 -23.55 -61.35
N GLN A 219 -15.43 -22.75 -61.56
CA GLN A 219 -16.38 -23.02 -62.62
C GLN A 219 -15.74 -22.92 -64.01
N GLN A 220 -14.72 -22.08 -64.15
CA GLN A 220 -14.09 -21.88 -65.45
C GLN A 220 -13.03 -22.94 -65.73
N ASN A 221 -12.35 -23.40 -64.69
CA ASN A 221 -11.26 -24.36 -64.82
C ASN A 221 -11.68 -25.79 -64.60
N GLY A 222 -12.91 -26.04 -64.14
CA GLY A 222 -13.29 -27.39 -63.78
C GLY A 222 -12.65 -27.90 -62.51
N THR A 223 -12.18 -27.00 -61.65
CA THR A 223 -11.57 -27.32 -60.37
C THR A 223 -12.62 -27.38 -59.28
N ASP A 224 -12.27 -28.02 -58.18
CA ASP A 224 -13.15 -28.00 -57.02
C ASP A 224 -13.11 -26.62 -56.36
N PHE A 225 -14.20 -26.31 -55.65
CA PHE A 225 -14.43 -25.04 -54.96
C PHE A 225 -14.02 -25.23 -53.49
N VAL A 226 -12.94 -24.56 -53.08
CA VAL A 226 -12.32 -24.76 -51.76
C VAL A 226 -12.63 -23.57 -50.85
N VAL A 227 -13.17 -23.88 -49.66
CA VAL A 227 -13.43 -22.91 -48.60
C VAL A 227 -12.29 -23.04 -47.61
N PHE A 228 -11.59 -21.94 -47.35
CA PHE A 228 -10.35 -21.99 -46.57
C PHE A 228 -10.58 -22.37 -45.11
N GLY A 229 -11.70 -22.02 -44.52
CA GLY A 229 -11.97 -22.40 -43.14
C GLY A 229 -12.50 -23.83 -43.01
N SER A 230 -13.03 -24.11 -41.83
CA SER A 230 -13.81 -25.33 -41.65
C SER A 230 -15.27 -25.10 -42.05
N GLY A 231 -15.67 -23.83 -42.22
CA GLY A 231 -17.03 -23.43 -42.52
C GLY A 231 -17.92 -23.22 -41.32
N LYS A 232 -17.42 -23.39 -40.11
CA LYS A 232 -18.24 -23.31 -38.91
C LYS A 232 -18.52 -21.91 -38.38
N PRO A 233 -17.59 -20.95 -38.45
CA PRO A 233 -17.85 -19.63 -37.82
C PRO A 233 -19.08 -18.91 -38.39
N LEU A 234 -19.70 -18.09 -37.53
CA LEU A 234 -20.96 -17.41 -37.83
C LEU A 234 -20.75 -15.90 -37.90
N ARG A 235 -21.32 -15.26 -38.93
CA ARG A 235 -21.20 -13.83 -39.10
C ARG A 235 -22.52 -13.25 -39.58
N GLN A 236 -22.73 -11.98 -39.29
CA GLN A 236 -23.89 -11.24 -39.76
C GLN A 236 -23.48 -10.45 -40.99
N PHE A 237 -24.15 -10.70 -42.10
CA PHE A 237 -23.83 -10.05 -43.35
C PHE A 237 -24.95 -9.11 -43.74
N LEU A 238 -24.57 -7.93 -44.22
CA LEU A 238 -25.51 -6.89 -44.60
C LEU A 238 -25.32 -6.61 -46.08
N TYR A 239 -26.39 -6.78 -46.85
CA TYR A 239 -26.34 -6.43 -48.26
C TYR A 239 -26.09 -4.93 -48.41
N SER A 240 -25.20 -4.56 -49.33
CA SER A 240 -24.85 -3.15 -49.48
C SER A 240 -26.07 -2.30 -49.81
N HIS A 241 -27.01 -2.83 -50.60
CA HIS A 241 -28.21 -2.06 -50.91
C HIS A 241 -29.08 -1.84 -49.68
N ASP A 242 -29.16 -2.82 -48.77
CA ASP A 242 -29.84 -2.61 -47.50
C ASP A 242 -29.15 -1.53 -46.69
N ALA A 243 -27.83 -1.62 -46.58
CA ALA A 243 -27.09 -0.65 -45.80
C ALA A 243 -27.32 0.75 -46.36
N ALA A 244 -27.46 0.87 -47.68
CA ALA A 244 -27.67 2.17 -48.28
C ALA A 244 -29.02 2.75 -47.92
N ARG A 245 -30.06 1.90 -47.90
CA ARG A 245 -31.37 2.35 -47.46
C ARG A 245 -31.35 2.73 -45.98
N MET A 246 -30.65 1.95 -45.15
CA MET A 246 -30.54 2.31 -43.74
C MET A 246 -29.84 3.67 -43.59
N LEU A 247 -28.78 3.91 -44.37
CA LEU A 247 -28.04 5.18 -44.28
C LEU A 247 -28.91 6.36 -44.70
N LEU A 248 -29.71 6.20 -45.74
CA LEU A 248 -30.62 7.27 -46.15
C LEU A 248 -31.65 7.54 -45.07
N TRP A 249 -32.17 6.48 -44.44
CA TRP A 249 -33.07 6.66 -43.30
C TRP A 249 -32.37 7.44 -42.18
N THR A 250 -31.09 7.12 -41.92
CA THR A 250 -30.33 7.88 -40.93
C THR A 250 -30.21 9.35 -41.34
N MET A 251 -29.93 9.61 -42.61
CA MET A 251 -29.81 11.00 -43.07
C MET A 251 -31.15 11.72 -42.94
N PHE A 252 -32.26 11.05 -43.22
CA PHE A 252 -33.52 11.77 -43.18
C PHE A 252 -34.10 11.95 -41.78
N ASN A 253 -33.73 11.11 -40.78
CA ASN A 253 -34.42 11.04 -39.49
C ASN A 253 -33.54 11.14 -38.23
N TYR A 254 -32.32 10.63 -38.27
CA TYR A 254 -31.53 10.36 -37.08
C TYR A 254 -30.75 11.64 -36.68
N GLN A 255 -31.02 12.13 -35.46
CA GLN A 255 -30.46 13.38 -34.94
C GLN A 255 -29.38 13.19 -33.89
N SER A 256 -29.23 11.99 -33.36
CA SER A 256 -28.33 11.75 -32.25
C SER A 256 -26.88 11.77 -32.73
N GLU A 257 -25.99 12.29 -31.90
CA GLU A 257 -24.59 12.22 -32.26
C GLU A 257 -23.97 10.86 -31.98
N GLU A 258 -24.67 10.00 -31.24
CA GLU A 258 -24.17 8.66 -31.00
C GLU A 258 -24.18 7.89 -32.32
N PRO A 259 -23.17 7.08 -32.60
CA PRO A 259 -23.23 6.23 -33.79
C PRO A 259 -24.39 5.23 -33.72
N ILE A 260 -24.84 4.76 -34.88
CA ILE A 260 -25.88 3.74 -34.99
C ILE A 260 -25.33 2.54 -35.77
N MET A 261 -25.46 1.34 -35.21
CA MET A 261 -25.03 0.16 -35.93
C MET A 261 -25.97 -0.10 -37.10
N LEU A 262 -25.39 -0.46 -38.24
CA LEU A 262 -26.12 -0.95 -39.41
C LEU A 262 -25.71 -2.42 -39.58
N CYS A 263 -26.59 -3.34 -39.17
CA CYS A 263 -26.31 -4.76 -39.28
C CYS A 263 -27.62 -5.54 -39.24
N VAL A 264 -27.57 -6.79 -39.70
CA VAL A 264 -28.73 -7.67 -39.60
C VAL A 264 -28.72 -8.34 -38.23
N SER A 265 -29.86 -8.92 -37.86
CA SER A 265 -30.02 -9.48 -36.52
C SER A 265 -29.16 -10.71 -36.31
N GLU A 266 -28.94 -11.04 -35.04
CA GLU A 266 -28.23 -12.27 -34.73
C GLU A 266 -28.96 -13.48 -35.29
N GLU A 267 -30.29 -13.46 -35.28
CA GLU A 267 -31.04 -14.59 -35.84
C GLU A 267 -30.71 -14.80 -37.31
N ASP A 268 -30.21 -13.77 -38.01
CA ASP A 268 -29.87 -13.87 -39.43
C ASP A 268 -28.41 -14.16 -39.69
N GLU A 269 -27.64 -14.54 -38.67
CA GLU A 269 -26.24 -14.89 -38.90
C GLU A 269 -26.15 -16.15 -39.75
N LYS A 270 -25.10 -16.20 -40.58
CA LYS A 270 -24.84 -17.36 -41.43
C LYS A 270 -23.44 -17.89 -41.15
N SER A 271 -23.26 -19.19 -41.36
CA SER A 271 -21.94 -19.76 -41.31
C SER A 271 -21.23 -19.57 -42.64
N ILE A 272 -19.90 -19.67 -42.60
CA ILE A 272 -19.12 -19.62 -43.83
C ILE A 272 -19.55 -20.74 -44.76
N GLY A 273 -19.84 -21.92 -44.21
CA GLY A 273 -20.29 -23.03 -45.02
C GLY A 273 -21.64 -22.78 -45.69
N GLN A 274 -22.57 -22.20 -44.94
CA GLN A 274 -23.82 -21.76 -45.56
C GLN A 274 -23.56 -20.75 -46.67
N VAL A 275 -22.70 -19.77 -46.38
CA VAL A 275 -22.40 -18.72 -47.35
C VAL A 275 -21.81 -19.32 -48.60
N ALA A 276 -20.82 -20.19 -48.44
CA ALA A 276 -20.16 -20.78 -49.59
C ALA A 276 -21.12 -21.66 -50.37
N GLN A 277 -21.99 -22.39 -49.68
CA GLN A 277 -22.98 -23.19 -50.36
C GLN A 277 -23.96 -22.31 -51.12
N THR A 278 -24.41 -21.21 -50.51
CA THR A 278 -25.27 -20.26 -51.20
C THR A 278 -24.60 -19.72 -52.46
N ILE A 279 -23.30 -19.41 -52.38
CA ILE A 279 -22.58 -18.93 -53.55
C ILE A 279 -22.60 -19.98 -54.65
N LYS A 280 -22.32 -21.24 -54.28
CA LYS A 280 -22.30 -22.33 -55.25
C LYS A 280 -23.61 -22.44 -56.00
N ASP A 281 -24.73 -22.45 -55.26
CA ASP A 281 -26.04 -22.53 -55.90
C ASP A 281 -26.33 -21.30 -56.75
N ALA A 282 -25.96 -20.11 -56.27
CA ALA A 282 -26.14 -18.93 -57.11
C ALA A 282 -25.34 -19.06 -58.40
N PHE A 283 -24.15 -19.64 -58.35
CA PHE A 283 -23.39 -19.87 -59.57
C PHE A 283 -23.90 -21.06 -60.37
N ASN A 284 -24.80 -21.86 -59.79
CA ASN A 284 -25.15 -23.18 -60.31
C ASN A 284 -23.90 -23.99 -60.62
N PHE A 285 -22.91 -23.88 -59.75
CA PHE A 285 -21.69 -24.66 -59.84
C PHE A 285 -21.97 -26.12 -59.44
N THR A 286 -21.61 -27.06 -60.30
CA THR A 286 -21.93 -28.47 -60.04
C THR A 286 -20.77 -29.28 -59.46
N GLY A 287 -19.55 -28.78 -59.50
CA GLY A 287 -18.43 -29.55 -59.00
C GLY A 287 -18.41 -29.66 -57.48
N ASN A 288 -17.27 -30.02 -56.91
CA ASN A 288 -17.18 -30.27 -55.49
C ASN A 288 -16.78 -29.03 -54.72
N MET A 289 -17.35 -28.88 -53.52
CA MET A 289 -16.98 -27.83 -52.56
C MET A 289 -16.39 -28.50 -51.33
N VAL A 290 -15.16 -28.13 -50.99
CA VAL A 290 -14.41 -28.84 -49.96
C VAL A 290 -13.84 -27.81 -49.00
N PHE A 291 -13.64 -28.24 -47.76
CA PHE A 291 -13.16 -27.35 -46.69
C PHE A 291 -11.74 -27.70 -46.30
N ASP A 292 -10.87 -26.70 -46.31
CA ASP A 292 -9.45 -26.91 -46.02
C ASP A 292 -9.27 -26.64 -44.53
N THR A 293 -9.23 -27.70 -43.74
CA THR A 293 -9.11 -27.56 -42.30
C THR A 293 -7.67 -27.30 -41.86
N SER A 294 -6.69 -27.49 -42.74
CA SER A 294 -5.33 -27.07 -42.41
C SER A 294 -5.31 -25.61 -41.99
N LYS A 295 -6.10 -24.78 -42.66
CA LYS A 295 -6.27 -23.40 -42.22
C LYS A 295 -7.11 -23.37 -40.96
N ALA A 296 -6.64 -22.62 -39.96
CA ALA A 296 -7.34 -22.53 -38.68
C ALA A 296 -8.54 -21.61 -38.79
N ASP A 297 -9.61 -22.00 -38.11
CA ASP A 297 -10.85 -21.23 -38.13
C ASP A 297 -10.67 -19.89 -37.45
N GLY A 298 -11.35 -18.88 -37.97
CA GLY A 298 -11.45 -17.61 -37.28
C GLY A 298 -12.20 -17.78 -35.97
N GLN A 299 -12.56 -16.63 -35.40
CA GLN A 299 -13.31 -16.60 -34.16
C GLN A 299 -14.76 -17.02 -34.42
N TYR A 300 -15.31 -17.83 -33.51
CA TYR A 300 -16.61 -18.45 -33.69
C TYR A 300 -17.74 -17.45 -33.91
N LYS A 301 -18.12 -16.69 -32.87
CA LYS A 301 -19.14 -15.66 -32.97
C LYS A 301 -18.57 -14.29 -32.61
N LYS A 302 -19.00 -13.27 -33.34
CA LYS A 302 -18.57 -11.90 -33.10
C LYS A 302 -19.78 -10.99 -33.32
N THR A 303 -20.79 -11.14 -32.47
CA THR A 303 -22.09 -10.55 -32.74
C THR A 303 -22.11 -9.07 -32.44
N SER A 304 -22.63 -8.27 -33.36
CA SER A 304 -22.95 -6.87 -33.12
C SER A 304 -24.46 -6.70 -33.01
N SER A 305 -24.88 -5.63 -32.36
CA SER A 305 -26.27 -5.43 -31.96
C SER A 305 -26.98 -4.42 -32.85
N ASN A 306 -28.13 -4.81 -33.38
CA ASN A 306 -28.97 -3.93 -34.15
C ASN A 306 -30.12 -3.36 -33.33
N ALA A 307 -30.04 -3.43 -32.00
CA ALA A 307 -31.16 -3.04 -31.16
C ALA A 307 -31.62 -1.60 -31.41
N LYS A 308 -30.69 -0.67 -31.58
CA LYS A 308 -31.07 0.74 -31.70
C LYS A 308 -31.83 0.99 -33.00
N PHE A 309 -31.29 0.54 -34.12
CA PHE A 309 -31.97 0.70 -35.40
C PHE A 309 -33.31 -0.03 -35.41
N LEU A 310 -33.34 -1.25 -34.85
CA LEU A 310 -34.58 -2.01 -34.79
C LEU A 310 -35.62 -1.29 -33.94
N ARG A 311 -35.18 -0.63 -32.86
CA ARG A 311 -36.08 0.13 -32.00
C ARG A 311 -36.60 1.40 -32.69
N LEU A 312 -35.73 2.08 -33.44
CA LEU A 312 -36.03 3.36 -34.06
C LEU A 312 -36.72 3.21 -35.40
N ASN A 313 -36.53 2.09 -36.08
CA ASN A 313 -37.11 1.83 -37.40
C ASN A 313 -37.61 0.40 -37.44
N PRO A 314 -38.66 0.08 -36.69
CA PRO A 314 -39.07 -1.33 -36.56
C PRO A 314 -39.64 -1.94 -37.80
N THR A 315 -40.14 -1.15 -38.75
CA THR A 315 -40.78 -1.72 -39.93
C THR A 315 -39.83 -1.98 -41.09
N PHE A 316 -38.53 -1.83 -40.87
CA PHE A 316 -37.58 -1.95 -41.97
C PHE A 316 -37.46 -3.38 -42.46
N GLN A 317 -37.48 -3.55 -43.78
CA GLN A 317 -37.44 -4.87 -44.42
C GLN A 317 -36.06 -5.12 -45.00
N TYR A 318 -35.45 -6.23 -44.62
CA TYR A 318 -34.17 -6.64 -45.15
C TYR A 318 -34.36 -7.53 -46.38
N THR A 319 -33.37 -7.51 -47.26
CA THR A 319 -33.34 -8.41 -48.42
C THR A 319 -32.90 -9.80 -47.98
N PRO A 320 -33.63 -10.85 -48.32
CA PRO A 320 -33.19 -12.20 -47.94
C PRO A 320 -31.78 -12.45 -48.43
N PHE A 321 -31.01 -13.17 -47.61
CA PHE A 321 -29.62 -13.45 -47.92
C PHE A 321 -29.46 -14.10 -49.29
N GLU A 322 -30.32 -15.08 -49.59
CA GLU A 322 -30.23 -15.82 -50.84
C GLU A 322 -30.45 -14.90 -52.05
N GLN A 323 -31.44 -14.02 -51.97
CA GLN A 323 -31.72 -13.08 -53.06
C GLN A 323 -30.57 -12.10 -53.23
N ALA A 324 -29.97 -11.67 -52.11
CA ALA A 324 -28.84 -10.76 -52.19
C ALA A 324 -27.63 -11.43 -52.83
N ILE A 325 -27.39 -12.71 -52.51
CA ILE A 325 -26.30 -13.43 -53.16
C ILE A 325 -26.58 -13.61 -54.65
N LYS A 326 -27.80 -14.03 -55.01
CA LYS A 326 -28.11 -14.22 -56.43
C LYS A 326 -27.95 -12.91 -57.20
N GLU A 327 -28.41 -11.79 -56.64
CA GLU A 327 -28.22 -10.51 -57.31
C GLU A 327 -26.73 -10.16 -57.40
N THR A 328 -26.00 -10.38 -56.31
CA THR A 328 -24.58 -10.05 -56.32
C THR A 328 -23.81 -10.90 -57.30
N VAL A 329 -24.14 -12.21 -57.36
CA VAL A 329 -23.46 -13.11 -58.28
C VAL A 329 -23.76 -12.72 -59.72
N GLN A 330 -25.02 -12.36 -60.01
CA GLN A 330 -25.38 -11.97 -61.37
C GLN A 330 -24.61 -10.72 -61.81
N TRP A 331 -24.43 -9.75 -60.91
CA TRP A 331 -23.63 -8.57 -61.25
C TRP A 331 -22.19 -8.96 -61.52
N PHE A 332 -21.64 -9.86 -60.69
CA PHE A 332 -20.26 -10.32 -60.88
C PHE A 332 -20.09 -11.03 -62.23
N LEU A 333 -21.05 -11.88 -62.59
CA LEU A 333 -20.98 -12.57 -63.87
C LEU A 333 -21.09 -11.60 -65.02
N GLU A 334 -22.01 -10.65 -64.93
CA GLU A 334 -22.20 -9.67 -66.00
C GLU A 334 -21.06 -8.67 -66.08
N ASN A 335 -20.34 -8.41 -64.98
CA ASN A 335 -19.32 -7.36 -64.96
C ASN A 335 -17.93 -7.84 -64.57
N TYR A 336 -17.60 -9.10 -64.81
CA TYR A 336 -16.31 -9.62 -64.36
C TYR A 336 -15.14 -8.78 -64.86
N GLU A 337 -15.20 -8.28 -66.09
CA GLU A 337 -14.05 -7.57 -66.66
C GLU A 337 -13.66 -6.35 -65.82
N THR A 338 -14.64 -5.60 -65.32
CA THR A 338 -14.41 -4.35 -64.61
C THR A 338 -14.50 -4.47 -63.10
N ALA A 339 -14.76 -5.67 -62.57
CA ALA A 339 -14.84 -5.79 -61.13
C ALA A 339 -13.43 -5.66 -60.53
N ARG A 340 -13.37 -5.21 -59.28
CA ARG A 340 -12.10 -5.02 -58.63
C ARG A 340 -11.54 -6.36 -58.17
N LYS A 341 -10.30 -6.62 -58.55
CA LYS A 341 -9.60 -7.89 -58.35
C LYS A 341 -8.14 -7.67 -57.96
N ARG B 12 16.36 -4.32 -22.22
CA ARG B 12 15.98 -3.74 -20.93
C ARG B 12 15.49 -2.28 -21.08
N GLU B 13 14.95 -1.74 -19.99
CA GLU B 13 14.40 -0.38 -19.99
C GLU B 13 15.50 0.69 -19.97
N VAL B 14 16.64 0.40 -19.36
CA VAL B 14 17.75 1.33 -19.29
C VAL B 14 18.88 0.79 -20.15
N SER B 15 19.59 1.67 -20.83
CA SER B 15 20.71 1.24 -21.64
C SER B 15 21.89 0.84 -20.76
N ASP B 16 22.71 -0.08 -21.26
CA ASP B 16 23.91 -0.50 -20.53
C ASP B 16 24.77 0.71 -20.16
N GLN B 17 25.11 1.55 -21.14
CA GLN B 17 25.83 2.76 -20.79
C GLN B 17 24.95 3.99 -21.04
N PRO B 18 25.13 5.06 -20.25
CA PRO B 18 24.38 6.29 -20.50
C PRO B 18 24.86 7.01 -21.75
N ILE B 19 23.94 7.73 -22.39
CA ILE B 19 24.32 8.59 -23.50
C ILE B 19 25.17 9.74 -22.99
N THR B 20 26.27 10.03 -23.67
CA THR B 20 27.09 11.20 -23.35
C THR B 20 26.94 12.22 -24.47
N LEU B 21 26.45 13.38 -24.13
CA LEU B 21 26.33 14.45 -25.12
C LEU B 21 27.70 15.07 -25.34
N THR B 22 27.99 15.40 -26.58
CA THR B 22 29.21 16.11 -26.93
C THR B 22 28.86 17.51 -27.42
N GLN B 23 29.91 18.27 -27.71
CA GLN B 23 29.70 19.60 -28.27
C GLN B 23 29.10 19.54 -29.66
N ASP B 24 29.10 18.37 -30.32
CA ASP B 24 28.47 18.25 -31.62
C ASP B 24 26.97 17.99 -31.52
N ASP B 25 26.45 17.73 -30.33
CA ASP B 25 25.05 17.43 -30.20
C ASP B 25 24.28 18.74 -30.21
N VAL B 26 23.07 18.68 -30.76
CA VAL B 26 22.17 19.81 -30.77
C VAL B 26 20.84 19.29 -30.27
N ILE B 27 20.35 19.88 -29.19
CA ILE B 27 19.14 19.46 -28.52
C ILE B 27 18.12 20.58 -28.72
N LEU B 28 17.04 20.24 -29.42
CA LEU B 28 15.94 21.17 -29.66
C LEU B 28 14.86 20.92 -28.61
N VAL B 29 14.37 21.99 -27.98
CA VAL B 29 13.33 21.90 -26.95
C VAL B 29 12.12 22.75 -27.38
N THR B 30 11.00 22.09 -27.66
CA THR B 30 9.78 22.85 -27.92
C THR B 30 9.12 23.21 -26.59
N GLY B 31 8.36 24.31 -26.60
CA GLY B 31 7.81 24.79 -25.33
C GLY B 31 8.84 25.00 -24.26
N GLY B 32 10.03 25.44 -24.64
CA GLY B 32 11.14 25.45 -23.71
C GLY B 32 11.24 26.61 -22.78
N THR B 33 10.34 27.59 -22.84
CA THR B 33 10.53 28.82 -22.08
C THR B 33 9.61 28.95 -20.89
N GLY B 34 8.85 27.92 -20.57
CA GLY B 34 8.06 27.89 -19.37
C GLY B 34 8.80 27.28 -18.19
N LEU B 35 8.01 26.93 -17.18
CA LEU B 35 8.52 26.43 -15.90
C LEU B 35 9.47 25.25 -16.08
N PHE B 36 9.01 24.24 -16.85
CA PHE B 36 9.77 23.00 -17.06
C PHE B 36 11.04 23.22 -17.87
N GLY B 37 10.91 23.92 -19.01
CA GLY B 37 12.07 24.22 -19.84
C GLY B 37 13.08 25.08 -19.11
N LYS B 38 12.61 26.04 -18.32
CA LYS B 38 13.52 26.87 -17.54
C LYS B 38 14.31 26.05 -16.54
N ALA B 39 13.68 25.02 -15.95
CA ALA B 39 14.40 24.15 -15.03
C ALA B 39 15.42 23.30 -15.77
N VAL B 40 15.07 22.82 -16.98
CA VAL B 40 16.01 22.05 -17.77
C VAL B 40 17.22 22.92 -18.09
N GLU B 41 16.97 24.14 -18.56
CA GLU B 41 18.05 25.07 -18.87
C GLU B 41 18.94 25.32 -17.65
N HIS B 42 18.34 25.42 -16.46
CA HIS B 42 19.09 25.61 -15.23
C HIS B 42 19.95 24.40 -14.89
N ILE B 43 19.39 23.19 -14.95
CA ILE B 43 20.21 22.04 -14.58
C ILE B 43 21.33 21.86 -15.60
N VAL B 44 20.99 22.04 -16.88
CA VAL B 44 21.99 21.94 -17.93
C VAL B 44 23.16 22.89 -17.67
N LYS B 45 22.88 24.13 -17.27
CA LYS B 45 23.97 25.05 -16.99
C LYS B 45 24.69 24.65 -15.73
N LYS B 46 23.94 24.30 -14.68
CA LYS B 46 24.57 24.00 -13.41
C LYS B 46 25.46 22.77 -13.49
N GLU B 47 25.06 21.75 -14.23
CA GLU B 47 25.81 20.50 -14.30
C GLU B 47 26.74 20.44 -15.50
N GLN B 48 26.85 21.54 -16.24
CA GLN B 48 27.73 21.63 -17.38
C GLN B 48 27.46 20.50 -18.37
N ILE B 49 26.17 20.28 -18.65
CA ILE B 49 25.80 19.33 -19.68
C ILE B 49 26.23 19.93 -21.01
N LYS B 50 26.81 19.09 -21.87
CA LYS B 50 27.33 19.52 -23.15
C LYS B 50 26.21 19.63 -24.20
N GLY B 51 26.57 20.23 -25.33
CA GLY B 51 25.71 20.34 -26.49
C GLY B 51 25.14 21.74 -26.64
N LYS B 52 24.64 22.04 -27.84
CA LYS B 52 23.97 23.28 -28.09
C LYS B 52 22.50 23.05 -27.82
N TRP B 53 21.96 23.74 -26.80
CA TRP B 53 20.56 23.59 -26.42
C TRP B 53 19.77 24.74 -27.01
N VAL B 54 18.76 24.43 -27.80
CA VAL B 54 17.94 25.44 -28.45
C VAL B 54 16.54 25.36 -27.86
N PHE B 55 16.15 26.41 -27.17
CA PHE B 55 14.85 26.50 -26.51
C PHE B 55 13.93 27.28 -27.40
N LEU B 56 13.09 26.56 -28.14
CA LEU B 56 12.15 27.22 -29.03
C LEU B 56 11.04 27.90 -28.23
N GLY B 57 10.59 29.02 -28.77
CA GLY B 57 9.43 29.71 -28.26
C GLY B 57 8.57 30.14 -29.44
N SER B 58 7.56 30.98 -29.19
CA SER B 58 6.60 31.33 -30.24
C SER B 58 7.29 31.98 -31.42
N LYS B 59 8.38 32.71 -31.17
CA LYS B 59 9.03 33.47 -32.23
C LYS B 59 9.69 32.59 -33.29
N ASP B 60 9.83 31.30 -33.06
CA ASP B 60 10.57 30.44 -33.98
C ASP B 60 9.70 29.81 -35.06
N GLY B 61 8.38 29.90 -34.96
CA GLY B 61 7.51 29.36 -35.98
C GLY B 61 6.30 28.69 -35.40
N ASP B 62 5.19 28.70 -36.16
CA ASP B 62 3.95 28.04 -35.77
C ASP B 62 4.12 26.55 -36.02
N LEU B 63 4.41 25.79 -34.95
CA LEU B 63 4.65 24.35 -35.10
C LEU B 63 3.41 23.59 -35.59
N ARG B 64 2.23 24.21 -35.52
CA ARG B 64 1.03 23.60 -36.09
C ARG B 64 1.10 23.53 -37.62
N ASP B 65 1.87 24.41 -38.27
CA ASP B 65 2.02 24.38 -39.72
C ASP B 65 3.16 23.43 -40.10
N ALA B 66 2.88 22.48 -41.00
CA ALA B 66 3.87 21.45 -41.30
C ALA B 66 5.14 22.04 -41.91
N ASP B 67 5.01 23.03 -42.80
CA ASP B 67 6.20 23.66 -43.37
C ASP B 67 6.95 24.48 -42.34
N ALA B 68 6.24 25.31 -41.56
CA ALA B 68 6.89 26.13 -40.55
C ALA B 68 7.60 25.26 -39.52
N CYS B 69 6.99 24.13 -39.18
CA CYS B 69 7.58 23.21 -38.23
C CYS B 69 8.89 22.64 -38.77
N LYS B 70 9.03 22.50 -40.08
CA LYS B 70 10.25 21.98 -40.65
C LYS B 70 11.44 22.93 -40.49
N GLN B 71 11.21 24.23 -40.32
CA GLN B 71 12.32 25.19 -40.32
C GLN B 71 13.33 24.97 -39.22
N PRO B 72 12.97 24.85 -37.94
CA PRO B 72 14.02 24.64 -36.92
C PRO B 72 14.75 23.32 -37.08
N PHE B 73 14.12 22.32 -37.72
CA PHE B 73 14.87 21.10 -38.01
C PHE B 73 15.92 21.34 -39.10
N GLU B 74 15.54 22.03 -40.18
CA GLU B 74 16.50 22.34 -41.25
C GLU B 74 17.59 23.30 -40.77
N LYS B 75 17.27 24.20 -39.83
CA LYS B 75 18.21 25.21 -39.37
C LYS B 75 19.19 24.67 -38.33
N TYR B 76 18.74 23.89 -37.35
CA TYR B 76 19.60 23.51 -36.24
C TYR B 76 20.11 22.09 -36.34
N ARG B 77 19.47 21.26 -37.16
CA ARG B 77 19.87 19.87 -37.35
C ARG B 77 20.06 19.16 -36.00
N PRO B 78 19.00 19.00 -35.22
CA PRO B 78 19.13 18.41 -33.89
C PRO B 78 19.44 16.93 -33.95
N THR B 79 20.16 16.48 -32.92
CA THR B 79 20.39 15.08 -32.64
C THR B 79 19.44 14.56 -31.57
N TYR B 80 18.86 15.45 -30.78
CA TYR B 80 17.92 15.09 -29.72
C TYR B 80 16.87 16.17 -29.61
N VAL B 81 15.66 15.75 -29.27
CA VAL B 81 14.53 16.67 -29.17
C VAL B 81 13.78 16.39 -27.87
N ILE B 82 13.46 17.47 -27.15
CA ILE B 82 12.56 17.44 -26.01
C ILE B 82 11.32 18.28 -26.37
N HIS B 83 10.19 17.58 -26.48
CA HIS B 83 8.94 18.15 -26.98
C HIS B 83 8.04 18.46 -25.79
N LEU B 84 8.01 19.73 -25.35
CA LEU B 84 7.21 20.15 -24.20
C LEU B 84 6.00 20.99 -24.60
N ALA B 85 5.94 21.48 -25.84
CA ALA B 85 4.89 22.39 -26.26
C ALA B 85 3.53 21.71 -26.25
N ALA B 86 2.51 22.45 -25.83
CA ALA B 86 1.12 22.03 -25.95
C ALA B 86 0.22 23.26 -25.87
N PHE B 87 -0.97 23.16 -26.44
CA PHE B 87 -1.98 24.22 -26.33
C PHE B 87 -3.00 23.80 -25.29
N VAL B 88 -3.11 24.56 -24.20
CA VAL B 88 -4.02 24.13 -23.14
C VAL B 88 -5.02 25.20 -22.70
N PHE B 97 -12.66 26.77 -27.84
CA PHE B 97 -13.43 25.61 -28.31
C PHE B 97 -12.62 24.32 -28.25
N LYS B 98 -13.27 23.21 -27.92
CA LYS B 98 -12.59 21.91 -27.86
C LYS B 98 -12.02 21.55 -29.23
N VAL B 99 -12.73 21.94 -30.29
CA VAL B 99 -12.24 21.78 -31.65
C VAL B 99 -10.81 22.29 -31.78
N SER B 100 -10.54 23.50 -31.29
CA SER B 100 -9.19 24.07 -31.45
C SER B 100 -8.16 23.24 -30.69
N PHE B 101 -8.48 22.81 -29.47
CA PHE B 101 -7.50 22.03 -28.72
C PHE B 101 -7.22 20.70 -29.37
N TRP B 102 -8.22 20.08 -30.01
CA TRP B 102 -7.95 18.84 -30.73
C TRP B 102 -7.03 19.13 -31.92
N LEU B 103 -7.41 20.10 -32.75
CA LEU B 103 -6.69 20.38 -34.00
C LEU B 103 -5.30 20.96 -33.74
N ASP B 104 -5.18 21.95 -32.86
CA ASP B 104 -3.88 22.59 -32.67
C ASP B 104 -2.86 21.62 -32.11
N ASN B 105 -3.25 20.79 -31.14
CA ASN B 105 -2.31 19.86 -30.54
C ASN B 105 -1.99 18.70 -31.50
N VAL B 106 -3.02 18.15 -32.17
CA VAL B 106 -2.80 16.96 -32.99
C VAL B 106 -1.95 17.30 -34.20
N ASN B 107 -2.13 18.50 -34.78
CA ASN B 107 -1.29 18.93 -35.91
C ASN B 107 0.16 19.15 -35.46
N MET B 108 0.35 19.89 -34.35
CA MET B 108 1.71 20.14 -33.87
C MET B 108 2.43 18.84 -33.57
N ASN B 109 1.76 17.92 -32.89
CA ASN B 109 2.39 16.66 -32.52
C ASN B 109 2.73 15.84 -33.75
N ASN B 110 1.79 15.76 -34.69
CA ASN B 110 2.02 15.06 -35.93
C ASN B 110 3.23 15.62 -36.63
N ASN B 111 3.31 16.95 -36.74
CA ASN B 111 4.42 17.58 -37.44
C ASN B 111 5.75 17.29 -36.75
N ILE B 112 5.81 17.50 -35.43
CA ILE B 112 7.07 17.38 -34.69
C ILE B 112 7.64 15.96 -34.78
N LEU B 113 6.81 14.96 -34.49
CA LEU B 113 7.31 13.59 -34.52
C LEU B 113 7.69 13.16 -35.93
N THR B 114 6.94 13.62 -36.94
CA THR B 114 7.33 13.35 -38.31
C THR B 114 8.68 13.99 -38.62
N CYS B 115 8.90 15.22 -38.15
CA CYS B 115 10.20 15.86 -38.38
C CYS B 115 11.32 15.11 -37.68
N CYS B 116 11.10 14.71 -36.43
CA CYS B 116 12.09 13.93 -35.69
C CYS B 116 12.47 12.67 -36.47
N TYR B 117 11.48 11.98 -37.04
CA TYR B 117 11.81 10.78 -37.81
C TYR B 117 12.54 11.16 -39.12
N ASP B 118 11.95 12.07 -39.91
CA ASP B 118 12.53 12.39 -41.20
C ASP B 118 13.94 12.94 -41.09
N PHE B 119 14.23 13.67 -40.01
CA PHE B 119 15.54 14.28 -39.84
C PHE B 119 16.49 13.46 -38.96
N GLY B 120 16.13 12.21 -38.66
CA GLY B 120 17.03 11.32 -37.96
C GLY B 120 17.43 11.72 -36.55
N VAL B 121 16.52 12.35 -35.81
CA VAL B 121 16.75 12.63 -34.40
C VAL B 121 16.95 11.30 -33.68
N LYS B 122 17.97 11.24 -32.82
CA LYS B 122 18.30 9.97 -32.17
C LYS B 122 17.27 9.59 -31.11
N LYS B 123 16.92 10.54 -30.25
CA LYS B 123 15.93 10.26 -29.22
C LYS B 123 15.03 11.48 -29.03
N THR B 124 13.74 11.23 -28.97
CA THR B 124 12.73 12.27 -28.78
C THR B 124 11.92 11.92 -27.54
N ILE B 125 11.84 12.86 -26.61
CA ILE B 125 11.05 12.69 -25.41
C ILE B 125 9.92 13.68 -25.45
N SER B 126 8.70 13.19 -25.42
CA SER B 126 7.51 14.03 -25.37
C SER B 126 6.96 14.03 -23.95
N CYS B 127 5.96 14.88 -23.74
CA CYS B 127 5.44 15.15 -22.41
C CYS B 127 3.94 14.88 -22.42
N LEU B 128 3.45 14.05 -21.50
CA LEU B 128 2.01 13.85 -21.25
C LEU B 128 1.63 14.52 -19.92
N SER B 129 0.36 14.37 -19.51
CA SER B 129 -0.13 15.00 -18.30
CA SER B 129 -0.13 14.99 -18.29
C SER B 129 -0.94 14.00 -17.48
N THR B 130 -1.13 14.34 -16.20
CA THR B 130 -1.96 13.51 -15.34
C THR B 130 -3.43 13.55 -15.76
N CYS B 131 -3.88 14.65 -16.38
CA CYS B 131 -5.30 14.77 -16.67
C CYS B 131 -5.73 13.98 -17.91
N VAL B 132 -4.84 13.21 -18.53
CA VAL B 132 -5.19 12.47 -19.73
C VAL B 132 -5.50 11.00 -19.46
N PHE B 133 -5.36 10.53 -18.24
CA PHE B 133 -5.64 9.16 -17.90
C PHE B 133 -7.16 8.94 -17.84
N PRO B 134 -7.61 7.68 -17.81
CA PRO B 134 -9.06 7.43 -17.83
C PRO B 134 -9.76 7.96 -16.60
N ASP B 135 -10.96 8.50 -16.80
CA ASP B 135 -11.76 9.02 -15.70
C ASP B 135 -12.05 7.94 -14.66
N LYS B 136 -12.48 6.76 -15.10
CA LYS B 136 -12.68 5.60 -14.23
C LYS B 136 -11.35 4.84 -14.15
N ILE B 137 -10.69 4.92 -12.99
CA ILE B 137 -9.35 4.38 -12.85
C ILE B 137 -9.13 3.97 -11.39
N GLU B 138 -8.33 2.94 -11.18
CA GLU B 138 -7.96 2.55 -9.84
C GLU B 138 -6.63 3.21 -9.48
N TYR B 139 -6.60 3.85 -8.36
CA TYR B 139 -5.41 4.54 -7.91
C TYR B 139 -4.51 3.57 -7.13
N PRO B 140 -3.19 3.81 -7.14
CA PRO B 140 -2.50 4.92 -7.82
C PRO B 140 -2.44 4.80 -9.32
N ILE B 141 -2.36 5.95 -9.99
CA ILE B 141 -2.23 5.96 -11.43
C ILE B 141 -0.87 5.40 -11.80
N THR B 142 -0.88 4.43 -12.70
CA THR B 142 0.34 3.83 -13.22
C THR B 142 0.33 3.98 -14.72
N GLU B 143 1.52 3.98 -15.30
CA GLU B 143 1.68 4.35 -16.71
C GLU B 143 0.87 3.45 -17.64
N GLU B 144 0.73 2.15 -17.33
CA GLU B 144 0.03 1.22 -18.20
C GLU B 144 -1.45 1.53 -18.38
N LYS B 145 -2.07 2.30 -17.50
CA LYS B 145 -3.50 2.52 -17.56
C LYS B 145 -3.87 3.65 -18.52
N LEU B 146 -2.89 4.22 -19.22
CA LEU B 146 -3.08 5.41 -20.02
C LEU B 146 -4.23 5.29 -21.01
N HIS B 147 -4.33 4.16 -21.70
CA HIS B 147 -5.34 3.99 -22.74
C HIS B 147 -6.51 3.11 -22.30
N GLU B 148 -6.66 2.85 -21.00
CA GLU B 148 -7.68 1.93 -20.52
C GLU B 148 -8.99 2.67 -20.23
N GLY B 149 -9.56 3.26 -21.29
CA GLY B 149 -10.82 3.92 -21.13
C GLY B 149 -10.78 5.41 -21.43
N PRO B 150 -11.97 6.02 -21.52
CA PRO B 150 -12.05 7.41 -21.95
C PRO B 150 -11.59 8.35 -20.85
N PRO B 151 -11.05 9.52 -21.20
CA PRO B 151 -10.74 10.54 -20.19
C PRO B 151 -11.99 11.24 -19.70
N HIS B 152 -11.81 12.10 -18.70
CA HIS B 152 -12.90 12.92 -18.20
C HIS B 152 -13.37 13.85 -19.32
N PHE B 153 -14.66 14.18 -19.32
CA PHE B 153 -15.21 14.94 -20.44
C PHE B 153 -14.64 16.34 -20.53
N SER B 154 -14.32 16.95 -19.39
CA SER B 154 -14.04 18.37 -19.35
C SER B 154 -12.89 18.76 -20.28
N ASN B 155 -11.85 17.94 -20.36
CA ASN B 155 -10.71 18.31 -21.19
C ASN B 155 -10.38 17.19 -22.19
N ASN B 156 -11.41 16.53 -22.74
CA ASN B 156 -11.11 15.31 -23.46
C ASN B 156 -10.47 15.54 -24.83
N ALA B 157 -10.60 16.74 -25.41
CA ALA B 157 -9.85 17.05 -26.64
C ALA B 157 -8.35 17.12 -26.36
N TYR B 158 -7.95 17.88 -25.34
CA TYR B 158 -6.54 17.90 -24.95
C TYR B 158 -6.07 16.50 -24.56
N ALA B 159 -6.90 15.74 -23.84
CA ALA B 159 -6.51 14.41 -23.41
C ALA B 159 -6.25 13.51 -24.62
N TYR B 160 -7.18 13.48 -25.57
CA TYR B 160 -7.00 12.57 -26.69
C TYR B 160 -5.81 12.96 -27.55
N ALA B 161 -5.55 14.26 -27.72
CA ALA B 161 -4.32 14.68 -28.42
C ALA B 161 -3.06 14.12 -27.75
N LYS B 162 -2.98 14.16 -26.41
CA LYS B 162 -1.84 13.57 -25.69
C LYS B 162 -1.77 12.04 -25.88
N ARG B 163 -2.90 11.35 -25.77
CA ARG B 163 -2.94 9.89 -26.00
C ARG B 163 -2.46 9.52 -27.41
N MET B 164 -2.83 10.33 -28.41
CA MET B 164 -2.38 10.09 -29.77
C MET B 164 -0.95 10.55 -30.03
N LEU B 165 -0.43 11.45 -29.19
CA LEU B 165 1.00 11.75 -29.22
C LEU B 165 1.81 10.54 -28.75
N ASP B 166 1.37 9.89 -27.66
CA ASP B 166 1.99 8.65 -27.21
C ASP B 166 1.96 7.57 -28.30
N MET B 167 0.78 7.33 -28.89
CA MET B 167 0.64 6.29 -29.92
C MET B 167 1.50 6.60 -31.15
N LEU B 168 1.53 7.87 -31.59
CA LEU B 168 2.32 8.21 -32.76
C LEU B 168 3.80 7.90 -32.55
N GLY B 169 4.30 8.10 -31.34
CA GLY B 169 5.68 7.74 -31.04
C GLY B 169 5.93 6.23 -31.11
N ARG B 170 5.00 5.44 -30.56
CA ARG B 170 5.12 3.99 -30.72
C ARG B 170 5.10 3.59 -32.20
N TRP B 171 4.21 4.22 -32.99
CA TRP B 171 4.12 3.86 -34.41
C TRP B 171 5.38 4.28 -35.17
N TYR B 172 5.98 5.43 -34.82
CA TYR B 172 7.24 5.79 -35.44
C TYR B 172 8.38 4.89 -34.99
N ASN B 173 8.33 4.39 -33.75
CA ASN B 173 9.30 3.36 -33.33
C ASN B 173 9.21 2.11 -34.21
N GLU B 174 7.98 1.68 -34.56
CA GLU B 174 7.82 0.54 -35.45
C GLU B 174 8.43 0.79 -36.81
N LYS B 175 8.23 1.99 -37.35
CA LYS B 175 8.81 2.29 -38.65
C LYS B 175 10.33 2.25 -38.57
N ALA B 176 10.90 2.82 -37.50
CA ALA B 176 12.35 2.86 -37.36
C ALA B 176 12.94 1.46 -37.36
N VAL B 177 12.33 0.55 -36.60
CA VAL B 177 12.77 -0.84 -36.58
C VAL B 177 12.69 -1.44 -37.97
N ASN B 178 11.53 -1.35 -38.61
CA ASN B 178 11.34 -1.95 -39.92
C ASN B 178 12.30 -1.38 -40.97
N GLU B 179 12.71 -0.13 -40.80
CA GLU B 179 13.63 0.50 -41.74
C GLU B 179 15.07 0.50 -41.26
N GLY B 180 15.37 -0.13 -40.12
CA GLY B 180 16.72 -0.13 -39.59
C GLY B 180 17.24 1.24 -39.22
N LYS B 181 16.36 2.15 -38.84
CA LYS B 181 16.74 3.51 -38.48
C LYS B 181 16.90 3.64 -36.97
N SER B 182 17.82 4.52 -36.55
CA SER B 182 18.10 4.78 -35.13
C SER B 182 17.33 6.00 -34.64
N CYS B 183 16.04 5.82 -34.41
CA CYS B 183 15.14 6.85 -33.90
C CYS B 183 14.31 6.22 -32.80
N LEU B 184 14.40 6.75 -31.59
CA LEU B 184 13.64 6.27 -30.46
C LEU B 184 12.71 7.39 -29.97
N PHE B 185 11.48 7.02 -29.63
CA PHE B 185 10.46 7.92 -29.11
C PHE B 185 9.96 7.42 -27.77
N THR B 186 9.91 8.30 -26.77
CA THR B 186 9.33 7.94 -25.47
C THR B 186 8.70 9.19 -24.87
N SER B 187 8.27 9.10 -23.61
CA SER B 187 7.59 10.23 -23.00
C SER B 187 7.66 10.14 -21.49
N VAL B 188 7.44 11.31 -20.84
CA VAL B 188 7.41 11.48 -19.39
C VAL B 188 6.06 12.07 -18.97
N ILE B 189 5.69 11.79 -17.74
CA ILE B 189 4.46 12.35 -17.19
C ILE B 189 4.78 13.13 -15.92
N PRO B 190 5.03 14.43 -16.03
CA PRO B 190 5.30 15.23 -14.83
C PRO B 190 4.01 15.53 -14.11
N THR B 191 4.07 15.51 -12.79
CA THR B 191 2.89 15.62 -11.94
C THR B 191 3.04 16.84 -11.04
N ASN B 192 2.16 17.82 -11.21
CA ASN B 192 2.12 19.00 -10.35
C ASN B 192 3.49 19.64 -10.18
N LEU B 193 4.01 20.18 -11.28
CA LEU B 193 5.27 20.91 -11.19
C LEU B 193 5.06 22.25 -10.50
N PHE B 194 6.09 22.69 -9.79
CA PHE B 194 6.10 24.04 -9.25
C PHE B 194 7.55 24.50 -9.20
N GLY B 195 7.73 25.82 -9.16
CA GLY B 195 9.06 26.39 -9.07
C GLY B 195 9.21 27.73 -9.77
N PRO B 196 10.45 28.17 -9.93
CA PRO B 196 10.73 29.44 -10.62
C PRO B 196 10.15 29.50 -12.02
N HIS B 197 9.78 30.71 -12.45
CA HIS B 197 9.27 30.97 -13.79
C HIS B 197 7.91 30.35 -14.01
N ASP B 198 7.21 30.02 -12.95
CA ASP B 198 5.85 29.53 -13.03
C ASP B 198 4.92 30.67 -13.47
N ASN B 199 3.64 30.37 -13.61
CA ASN B 199 2.59 31.36 -13.79
C ASN B 199 1.95 31.61 -12.44
N PHE B 200 2.09 32.82 -11.91
CA PHE B 200 1.65 33.19 -10.56
C PHE B 200 0.34 33.97 -10.55
N ASN B 201 -0.43 33.92 -11.64
CA ASN B 201 -1.70 34.61 -11.68
C ASN B 201 -2.65 33.97 -10.65
N VAL B 202 -3.23 34.81 -9.78
CA VAL B 202 -3.99 34.23 -8.68
C VAL B 202 -5.26 33.55 -9.20
N GLU B 203 -5.86 34.10 -10.25
CA GLU B 203 -7.08 33.49 -10.77
C GLU B 203 -6.75 32.35 -11.75
N ALA B 204 -5.71 32.51 -12.56
CA ALA B 204 -5.44 31.57 -13.65
C ALA B 204 -4.30 30.61 -13.38
N GLY B 205 -3.53 30.79 -12.32
CA GLY B 205 -2.41 29.90 -12.08
C GLY B 205 -2.81 28.65 -11.31
N HIS B 206 -1.89 27.67 -11.28
CA HIS B 206 -2.13 26.49 -10.49
C HIS B 206 -2.20 26.87 -9.01
N VAL B 207 -2.68 25.92 -8.20
CA VAL B 207 -2.99 26.24 -6.80
C VAL B 207 -1.74 26.75 -6.08
N LEU B 208 -0.61 26.06 -6.27
CA LEU B 208 0.57 26.43 -5.48
C LEU B 208 1.14 27.78 -5.92
N PRO B 209 1.41 28.03 -7.21
CA PRO B 209 1.82 29.39 -7.61
C PRO B 209 0.77 30.46 -7.36
N GLY B 210 -0.52 30.17 -7.46
CA GLY B 210 -1.50 31.18 -7.12
C GLY B 210 -1.43 31.58 -5.66
N LEU B 211 -1.24 30.58 -4.78
CA LEU B 211 -1.22 30.84 -3.35
C LEU B 211 -0.05 31.73 -2.96
N MET B 212 1.10 31.53 -3.58
CA MET B 212 2.25 32.40 -3.30
C MET B 212 1.93 33.85 -3.58
N HIS B 213 1.34 34.12 -4.74
CA HIS B 213 0.99 35.50 -5.08
C HIS B 213 -0.07 36.03 -4.12
N LYS B 214 -1.07 35.20 -3.77
CA LYS B 214 -2.06 35.64 -2.79
C LYS B 214 -1.42 35.96 -1.44
N CYS B 215 -0.47 35.13 -0.99
CA CYS B 215 0.20 35.41 0.27
C CYS B 215 1.05 36.67 0.18
N TYR B 216 1.77 36.83 -0.94
CA TYR B 216 2.54 38.05 -1.14
C TYR B 216 1.65 39.28 -1.12
N LYS B 217 0.55 39.23 -1.89
CA LYS B 217 -0.36 40.37 -1.99
C LYS B 217 -1.02 40.66 -0.64
N ALA B 218 -1.34 39.61 0.14
CA ALA B 218 -1.91 39.85 1.46
C ALA B 218 -0.90 40.52 2.38
N GLN B 219 0.36 40.10 2.33
CA GLN B 219 1.40 40.74 3.14
C GLN B 219 1.67 42.15 2.68
N GLN B 220 1.48 42.42 1.38
CA GLN B 220 1.79 43.71 0.80
C GLN B 220 0.63 44.69 0.96
N ASN B 221 -0.59 44.19 1.12
CA ASN B 221 -1.73 45.02 1.43
C ASN B 221 -2.13 44.96 2.90
N GLY B 222 -1.49 44.10 3.70
CA GLY B 222 -1.86 43.91 5.09
C GLY B 222 -3.08 43.02 5.32
N THR B 223 -3.77 42.60 4.27
CA THR B 223 -5.03 41.88 4.39
C THR B 223 -4.79 40.47 4.95
N ASP B 224 -5.84 39.66 4.99
CA ASP B 224 -5.78 38.28 5.42
C ASP B 224 -5.48 37.36 4.25
N PHE B 225 -4.78 36.27 4.54
CA PHE B 225 -4.38 35.27 3.55
C PHE B 225 -5.53 34.28 3.42
N VAL B 226 -6.30 34.38 2.33
CA VAL B 226 -7.51 33.57 2.15
C VAL B 226 -7.24 32.44 1.17
N VAL B 227 -7.40 31.20 1.65
CA VAL B 227 -7.22 29.97 0.89
C VAL B 227 -8.59 29.38 0.56
N PHE B 228 -8.88 29.18 -0.73
CA PHE B 228 -10.18 28.63 -1.13
C PHE B 228 -10.31 27.16 -0.71
N GLY B 229 -11.42 26.81 -0.10
CA GLY B 229 -11.68 25.43 0.31
C GLY B 229 -11.31 25.19 1.76
N SER B 230 -11.32 23.91 2.15
CA SER B 230 -11.01 23.55 3.51
C SER B 230 -9.53 23.33 3.77
N GLY B 231 -8.73 23.17 2.74
CA GLY B 231 -7.32 22.87 2.93
C GLY B 231 -7.02 21.40 3.12
N LYS B 232 -8.01 20.54 3.05
CA LYS B 232 -7.80 19.12 3.32
C LYS B 232 -7.27 18.29 2.15
N PRO B 233 -7.62 18.56 0.89
CA PRO B 233 -7.18 17.69 -0.21
C PRO B 233 -5.66 17.60 -0.30
N LEU B 234 -5.19 16.44 -0.76
CA LEU B 234 -3.78 16.09 -0.76
C LEU B 234 -3.27 15.89 -2.18
N ARG B 235 -2.11 16.45 -2.48
CA ARG B 235 -1.52 16.32 -3.79
C ARG B 235 -0.02 16.07 -3.64
N GLN B 236 0.53 15.46 -4.67
CA GLN B 236 1.96 15.24 -4.80
C GLN B 236 2.50 16.40 -5.63
N PHE B 237 3.40 17.19 -5.06
CA PHE B 237 3.99 18.36 -5.73
C PHE B 237 5.46 18.07 -6.02
N LEU B 238 5.88 18.38 -7.24
CA LEU B 238 7.24 18.09 -7.69
C LEU B 238 7.95 19.37 -8.06
N TYR B 239 9.07 19.62 -7.38
CA TYR B 239 9.89 20.78 -7.70
C TYR B 239 10.38 20.64 -9.15
N SER B 240 10.32 21.76 -9.90
CA SER B 240 10.69 21.73 -11.31
C SER B 240 12.14 21.30 -11.51
N HIS B 241 13.05 21.72 -10.61
CA HIS B 241 14.46 21.33 -10.75
C HIS B 241 14.63 19.82 -10.54
N ASP B 242 13.82 19.21 -9.67
CA ASP B 242 13.86 17.76 -9.55
C ASP B 242 13.38 17.14 -10.85
N ALA B 243 12.25 17.62 -11.37
CA ALA B 243 11.72 17.06 -12.60
C ALA B 243 12.71 17.23 -13.75
N ALA B 244 13.45 18.35 -13.75
CA ALA B 244 14.43 18.56 -14.81
C ALA B 244 15.57 17.54 -14.70
N ARG B 245 16.01 17.24 -13.47
CA ARG B 245 17.00 16.18 -13.27
C ARG B 245 16.44 14.83 -13.69
N MET B 246 15.19 14.55 -13.35
CA MET B 246 14.60 13.27 -13.75
C MET B 246 14.49 13.15 -15.28
N LEU B 247 14.11 14.25 -15.95
CA LEU B 247 13.98 14.23 -17.41
C LEU B 247 15.31 14.02 -18.09
N LEU B 248 16.35 14.70 -17.61
CA LEU B 248 17.69 14.50 -18.15
C LEU B 248 18.18 13.08 -17.91
N TRP B 249 17.89 12.52 -16.72
CA TRP B 249 18.20 11.12 -16.47
C TRP B 249 17.53 10.22 -17.51
N THR B 250 16.27 10.53 -17.85
CA THR B 250 15.52 9.75 -18.84
C THR B 250 16.15 9.84 -20.20
N MET B 251 16.61 11.04 -20.58
CA MET B 251 17.27 11.19 -21.86
C MET B 251 18.53 10.34 -21.96
N PHE B 252 19.31 10.27 -20.86
CA PHE B 252 20.59 9.58 -20.93
C PHE B 252 20.44 8.08 -20.79
N ASN B 253 19.38 7.60 -20.13
CA ASN B 253 19.37 6.20 -19.71
C ASN B 253 18.16 5.41 -20.17
N TYR B 254 17.02 6.06 -20.36
CA TYR B 254 15.74 5.36 -20.52
C TYR B 254 15.48 5.05 -21.98
N GLN B 255 15.33 3.77 -22.28
CA GLN B 255 15.15 3.21 -23.61
C GLN B 255 13.74 2.74 -23.92
N SER B 256 12.87 2.64 -22.92
CA SER B 256 11.53 2.12 -23.17
C SER B 256 10.65 3.17 -23.84
N GLU B 257 9.80 2.69 -24.74
CA GLU B 257 8.80 3.55 -25.34
C GLU B 257 7.63 3.78 -24.38
N GLU B 258 7.57 3.01 -23.31
CA GLU B 258 6.54 3.23 -22.31
C GLU B 258 6.80 4.54 -21.60
N PRO B 259 5.76 5.35 -21.38
CA PRO B 259 5.94 6.61 -20.62
C PRO B 259 6.39 6.35 -19.19
N ILE B 260 7.09 7.30 -18.61
CA ILE B 260 7.56 7.18 -17.23
C ILE B 260 6.98 8.33 -16.40
N MET B 261 6.35 7.97 -15.29
CA MET B 261 5.76 8.96 -14.40
C MET B 261 6.86 9.71 -13.66
N LEU B 262 6.74 11.05 -13.59
CA LEU B 262 7.62 11.88 -12.78
C LEU B 262 6.79 12.53 -11.69
N CYS B 263 6.92 12.04 -10.46
CA CYS B 263 6.17 12.56 -9.34
C CYS B 263 6.93 12.19 -8.07
N VAL B 264 6.61 12.86 -6.96
CA VAL B 264 7.17 12.46 -5.66
C VAL B 264 6.35 11.30 -5.16
N SER B 265 6.82 10.61 -4.13
CA SER B 265 6.09 9.46 -3.65
C SER B 265 4.79 9.87 -2.94
N GLU B 266 3.90 8.90 -2.77
CA GLU B 266 2.67 9.18 -2.06
C GLU B 266 2.94 9.63 -0.64
N GLU B 267 3.98 9.08 0.01
CA GLU B 267 4.29 9.49 1.37
C GLU B 267 4.60 10.98 1.47
N ASP B 268 5.03 11.60 0.36
CA ASP B 268 5.40 13.01 0.35
C ASP B 268 4.26 13.93 -0.13
N GLU B 269 3.04 13.43 -0.23
CA GLU B 269 1.94 14.32 -0.58
C GLU B 269 1.77 15.35 0.52
N LYS B 270 1.32 16.53 0.14
CA LYS B 270 1.00 17.59 1.09
C LYS B 270 -0.47 17.97 0.93
N SER B 271 -1.09 18.39 2.03
CA SER B 271 -2.43 18.95 1.87
C SER B 271 -2.34 20.42 1.49
N ILE B 272 -3.43 20.93 0.91
CA ILE B 272 -3.49 22.34 0.53
C ILE B 272 -3.21 23.22 1.72
N GLY B 273 -3.72 22.83 2.90
CA GLY B 273 -3.42 23.60 4.11
C GLY B 273 -1.95 23.57 4.45
N GLN B 274 -1.30 22.41 4.33
CA GLN B 274 0.15 22.32 4.47
C GLN B 274 0.87 23.20 3.44
N VAL B 275 0.40 23.21 2.19
CA VAL B 275 1.01 24.05 1.16
C VAL B 275 0.89 25.52 1.56
N ALA B 276 -0.29 25.92 2.00
CA ALA B 276 -0.53 27.32 2.33
C ALA B 276 0.29 27.75 3.54
N GLN B 277 0.38 26.87 4.55
CA GLN B 277 1.15 27.22 5.74
C GLN B 277 2.63 27.38 5.42
N THR B 278 3.18 26.44 4.63
CA THR B 278 4.58 26.55 4.23
C THR B 278 4.83 27.84 3.48
N ILE B 279 3.90 28.23 2.61
CA ILE B 279 4.04 29.50 1.90
C ILE B 279 4.02 30.66 2.89
N LYS B 280 3.07 30.63 3.84
CA LYS B 280 2.97 31.70 4.82
C LYS B 280 4.28 31.84 5.60
N ASP B 281 4.80 30.72 6.11
CA ASP B 281 6.06 30.79 6.84
C ASP B 281 7.21 31.17 5.93
N ALA B 282 7.13 30.83 4.65
CA ALA B 282 8.20 31.20 3.73
C ALA B 282 8.24 32.70 3.51
N PHE B 283 7.07 33.34 3.44
CA PHE B 283 6.98 34.79 3.31
C PHE B 283 7.14 35.51 4.65
N ASN B 284 7.24 34.79 5.76
CA ASN B 284 7.19 35.39 7.10
C ASN B 284 5.94 36.24 7.26
N PHE B 285 4.84 35.76 6.70
CA PHE B 285 3.56 36.42 6.84
C PHE B 285 3.04 36.19 8.26
N THR B 286 2.84 37.28 9.00
CA THR B 286 2.43 37.18 10.39
C THR B 286 0.93 37.35 10.58
N GLY B 287 0.21 37.83 9.57
CA GLY B 287 -1.23 37.98 9.65
C GLY B 287 -1.99 36.66 9.64
N ASN B 288 -3.26 36.73 9.26
CA ASN B 288 -4.22 35.64 9.47
C ASN B 288 -4.41 34.83 8.18
N MET B 289 -4.41 33.50 8.33
CA MET B 289 -4.69 32.57 7.24
C MET B 289 -6.05 31.92 7.47
N VAL B 290 -7.04 32.31 6.68
CA VAL B 290 -8.40 31.81 6.82
C VAL B 290 -8.71 30.89 5.63
N PHE B 291 -9.62 29.94 5.85
CA PHE B 291 -10.02 28.98 4.83
C PHE B 291 -11.46 29.25 4.40
N ASP B 292 -11.67 29.42 3.10
CA ASP B 292 -12.99 29.73 2.56
C ASP B 292 -13.63 28.41 2.13
N THR B 293 -14.44 27.84 3.01
CA THR B 293 -15.10 26.59 2.75
C THR B 293 -16.40 26.77 1.96
N SER B 294 -16.70 27.99 1.53
CA SER B 294 -17.84 28.20 0.64
C SER B 294 -17.50 27.76 -0.78
N LYS B 295 -16.25 27.95 -1.19
CA LYS B 295 -15.74 27.28 -2.36
C LYS B 295 -15.58 25.80 -2.01
N ALA B 296 -15.88 24.92 -2.96
CA ALA B 296 -15.91 23.51 -2.68
C ALA B 296 -14.52 22.89 -2.85
N ASP B 297 -14.29 21.79 -2.13
CA ASP B 297 -13.03 21.05 -2.24
C ASP B 297 -13.02 20.18 -3.49
N GLY B 298 -11.89 20.15 -4.19
CA GLY B 298 -11.70 19.16 -5.23
C GLY B 298 -11.65 17.74 -4.65
N GLN B 299 -11.28 16.81 -5.52
CA GLN B 299 -11.14 15.43 -5.08
C GLN B 299 -10.09 15.34 -3.98
N TYR B 300 -10.34 14.44 -3.01
CA TYR B 300 -9.50 14.26 -1.84
C TYR B 300 -8.07 13.88 -2.19
N LYS B 301 -7.85 12.67 -2.72
CA LYS B 301 -6.55 12.24 -3.22
C LYS B 301 -6.70 11.80 -4.68
N LYS B 302 -5.67 12.08 -5.47
CA LYS B 302 -5.58 11.70 -6.89
C LYS B 302 -4.13 11.22 -7.09
N THR B 303 -3.80 10.13 -6.40
CA THR B 303 -2.42 9.74 -6.17
C THR B 303 -1.79 9.09 -7.40
N SER B 304 -0.59 9.55 -7.74
CA SER B 304 0.18 8.98 -8.83
C SER B 304 1.29 8.09 -8.29
N SER B 305 1.70 7.13 -9.09
CA SER B 305 2.67 6.14 -8.69
C SER B 305 4.01 6.39 -9.37
N ASN B 306 5.08 6.47 -8.55
CA ASN B 306 6.45 6.56 -9.04
C ASN B 306 7.22 5.23 -8.95
N ALA B 307 6.52 4.09 -8.82
CA ALA B 307 7.22 2.83 -8.61
C ALA B 307 8.27 2.58 -9.70
N LYS B 308 7.96 2.95 -10.94
CA LYS B 308 8.85 2.63 -12.05
C LYS B 308 10.14 3.41 -11.98
N PHE B 309 10.03 4.73 -11.76
CA PHE B 309 11.22 5.55 -11.62
C PHE B 309 12.03 5.11 -10.39
N LEU B 310 11.32 4.79 -9.31
CA LEU B 310 11.99 4.35 -8.10
C LEU B 310 12.76 3.05 -8.33
N ARG B 311 12.19 2.14 -9.11
CA ARG B 311 12.85 0.88 -9.40
C ARG B 311 14.08 1.06 -10.30
N LEU B 312 14.01 2.00 -11.25
CA LEU B 312 15.08 2.20 -12.23
C LEU B 312 16.13 3.18 -11.78
N ASN B 313 15.82 4.09 -10.86
CA ASN B 313 16.78 5.09 -10.38
C ASN B 313 16.59 5.19 -8.88
N PRO B 314 16.93 4.12 -8.15
CA PRO B 314 16.53 4.05 -6.72
C PRO B 314 17.26 5.02 -5.83
N THR B 315 18.41 5.55 -6.25
CA THR B 315 19.16 6.48 -5.41
C THR B 315 18.79 7.93 -5.64
N PHE B 316 17.73 8.20 -6.39
CA PHE B 316 17.41 9.58 -6.70
C PHE B 316 17.00 10.31 -5.43
N GLN B 317 17.58 11.48 -5.20
CA GLN B 317 17.30 12.29 -4.02
C GLN B 317 16.51 13.52 -4.46
N TYR B 318 15.35 13.71 -3.85
CA TYR B 318 14.42 14.81 -4.09
C TYR B 318 14.79 16.03 -3.26
N THR B 319 14.34 17.19 -3.72
CA THR B 319 14.42 18.37 -2.88
C THR B 319 13.25 18.35 -1.89
N PRO B 320 13.51 18.41 -0.59
CA PRO B 320 12.41 18.47 0.39
C PRO B 320 11.46 19.63 0.10
N PHE B 321 10.17 19.41 0.39
CA PHE B 321 9.14 20.39 0.05
C PHE B 321 9.44 21.78 0.60
N GLU B 322 9.84 21.85 1.87
CA GLU B 322 10.09 23.14 2.50
C GLU B 322 11.21 23.87 1.80
N GLN B 323 12.27 23.15 1.46
CA GLN B 323 13.39 23.75 0.76
C GLN B 323 12.96 24.27 -0.61
N ALA B 324 12.12 23.50 -1.31
CA ALA B 324 11.66 23.91 -2.64
C ALA B 324 10.72 25.10 -2.58
N ILE B 325 9.83 25.15 -1.58
CA ILE B 325 8.97 26.32 -1.44
C ILE B 325 9.81 27.55 -1.13
N LYS B 326 10.79 27.41 -0.24
CA LYS B 326 11.63 28.57 0.10
C LYS B 326 12.40 29.08 -1.11
N GLU B 327 12.95 28.16 -1.93
CA GLU B 327 13.65 28.59 -3.14
C GLU B 327 12.70 29.29 -4.09
N THR B 328 11.51 28.72 -4.28
CA THR B 328 10.55 29.36 -5.17
C THR B 328 10.11 30.70 -4.63
N VAL B 329 9.92 30.81 -3.30
CA VAL B 329 9.50 32.08 -2.72
C VAL B 329 10.58 33.15 -2.95
N GLN B 330 11.85 32.80 -2.75
CA GLN B 330 12.90 33.81 -2.95
C GLN B 330 12.97 34.26 -4.40
N TRP B 331 12.85 33.32 -5.35
CA TRP B 331 12.88 33.69 -6.76
C TRP B 331 11.74 34.64 -7.08
N PHE B 332 10.55 34.34 -6.55
CA PHE B 332 9.39 35.18 -6.77
C PHE B 332 9.61 36.59 -6.27
N LEU B 333 10.19 36.73 -5.08
CA LEU B 333 10.42 38.06 -4.51
C LEU B 333 11.46 38.83 -5.31
N GLU B 334 12.58 38.19 -5.65
CA GLU B 334 13.66 38.87 -6.35
C GLU B 334 13.28 39.24 -7.77
N ASN B 335 12.33 38.54 -8.37
CA ASN B 335 11.95 38.76 -9.76
C ASN B 335 10.46 39.09 -9.91
N TYR B 336 9.86 39.72 -8.90
CA TYR B 336 8.43 40.00 -8.95
C TYR B 336 8.03 40.82 -10.18
N GLU B 337 8.85 41.81 -10.54
CA GLU B 337 8.49 42.71 -11.65
C GLU B 337 8.37 41.98 -12.97
N THR B 338 9.19 40.96 -13.20
CA THR B 338 9.23 40.25 -14.47
C THR B 338 8.48 38.92 -14.45
N ALA B 339 8.00 38.50 -13.28
CA ALA B 339 7.29 37.24 -13.19
C ALA B 339 5.90 37.36 -13.80
N ARG B 340 5.38 36.22 -14.26
CA ARG B 340 4.05 36.16 -14.82
C ARG B 340 3.06 36.20 -13.66
N LYS B 341 2.09 37.09 -13.75
CA LYS B 341 1.22 37.37 -12.63
C LYS B 341 -0.21 37.53 -13.15
N GLN C 11 -31.06 -37.20 6.77
CA GLN C 11 -32.44 -37.37 7.17
C GLN C 11 -33.16 -36.02 7.29
N ARG C 12 -33.07 -35.40 8.46
CA ARG C 12 -33.67 -34.11 8.73
C ARG C 12 -32.56 -33.12 9.11
N GLU C 13 -32.71 -31.86 8.67
CA GLU C 13 -31.63 -30.89 8.89
C GLU C 13 -31.34 -30.69 10.37
N VAL C 14 -32.34 -30.82 11.21
CA VAL C 14 -32.18 -30.65 12.64
C VAL C 14 -32.40 -32.01 13.29
N SER C 15 -31.74 -32.24 14.42
CA SER C 15 -32.06 -33.43 15.17
C SER C 15 -33.35 -33.20 15.95
N ASP C 16 -34.02 -34.29 16.33
CA ASP C 16 -35.29 -34.14 17.02
C ASP C 16 -35.09 -33.48 18.38
N GLN C 17 -34.27 -34.03 19.18
CA GLN C 17 -33.93 -33.28 20.37
C GLN C 17 -32.53 -32.70 20.23
N PRO C 18 -32.25 -31.60 20.92
CA PRO C 18 -30.89 -31.04 20.89
C PRO C 18 -29.89 -31.95 21.60
N ILE C 19 -28.62 -31.84 21.17
CA ILE C 19 -27.53 -32.55 21.83
C ILE C 19 -27.33 -31.97 23.21
N THR C 20 -27.21 -32.84 24.21
CA THR C 20 -26.92 -32.40 25.57
C THR C 20 -25.51 -32.80 25.95
N LEU C 21 -24.69 -31.80 26.29
CA LEU C 21 -23.31 -32.05 26.69
C LEU C 21 -23.23 -32.52 28.13
N THR C 22 -22.32 -33.47 28.40
CA THR C 22 -22.07 -33.94 29.75
C THR C 22 -20.69 -33.49 30.19
N GLN C 23 -20.39 -33.74 31.46
CA GLN C 23 -19.06 -33.40 31.94
C GLN C 23 -17.99 -34.27 31.31
N ASP C 24 -18.37 -35.40 30.70
CA ASP C 24 -17.44 -36.27 30.02
C ASP C 24 -17.07 -35.79 28.63
N ASP C 25 -17.76 -34.80 28.10
CA ASP C 25 -17.47 -34.36 26.76
C ASP C 25 -16.28 -33.42 26.77
N VAL C 26 -15.51 -33.48 25.69
CA VAL C 26 -14.34 -32.64 25.48
C VAL C 26 -14.51 -32.00 24.11
N ILE C 27 -14.54 -30.67 24.07
CA ILE C 27 -14.74 -29.95 22.84
C ILE C 27 -13.42 -29.28 22.51
N LEU C 28 -12.86 -29.64 21.37
CA LEU C 28 -11.65 -29.02 20.89
C LEU C 28 -12.01 -27.89 19.93
N VAL C 29 -11.42 -26.73 20.16
CA VAL C 29 -11.65 -25.54 19.34
C VAL C 29 -10.29 -25.13 18.79
N THR C 30 -10.11 -25.28 17.49
CA THR C 30 -8.94 -24.75 16.85
C THR C 30 -9.18 -23.28 16.54
N GLY C 31 -8.10 -22.52 16.45
CA GLY C 31 -8.22 -21.09 16.27
C GLY C 31 -9.04 -20.43 17.35
N GLY C 32 -9.01 -20.98 18.56
CA GLY C 32 -9.93 -20.56 19.57
C GLY C 32 -9.60 -19.27 20.28
N THR C 33 -8.46 -18.64 19.99
CA THR C 33 -8.09 -17.41 20.67
C THR C 33 -8.31 -16.18 19.83
N GLY C 34 -8.88 -16.32 18.64
CA GLY C 34 -9.24 -15.18 17.82
C GLY C 34 -10.59 -14.59 18.19
N LEU C 35 -11.08 -13.71 17.30
CA LEU C 35 -12.33 -13.00 17.52
C LEU C 35 -13.48 -13.98 17.74
N PHE C 36 -13.58 -14.96 16.86
CA PHE C 36 -14.67 -15.93 16.92
C PHE C 36 -14.52 -16.85 18.12
N GLY C 37 -13.33 -17.44 18.29
CA GLY C 37 -13.11 -18.36 19.41
C GLY C 37 -13.34 -17.70 20.76
N LYS C 38 -12.90 -16.45 20.90
CA LYS C 38 -13.12 -15.77 22.16
C LYS C 38 -14.61 -15.56 22.43
N ALA C 39 -15.41 -15.30 21.38
CA ALA C 39 -16.84 -15.14 21.59
C ALA C 39 -17.50 -16.46 22.02
N VAL C 40 -17.01 -17.59 21.50
CA VAL C 40 -17.53 -18.89 21.92
C VAL C 40 -17.22 -19.12 23.39
N GLU C 41 -15.98 -18.86 23.79
CA GLU C 41 -15.59 -18.99 25.18
C GLU C 41 -16.47 -18.12 26.07
N HIS C 42 -16.84 -16.92 25.61
CA HIS C 42 -17.70 -16.05 26.40
C HIS C 42 -19.08 -16.67 26.56
N ILE C 43 -19.68 -17.13 25.46
CA ILE C 43 -21.03 -17.68 25.56
C ILE C 43 -21.03 -18.98 26.36
N VAL C 44 -20.01 -19.83 26.15
CA VAL C 44 -19.89 -21.06 26.92
C VAL C 44 -19.84 -20.77 28.42
N LYS C 45 -19.03 -19.79 28.82
CA LYS C 45 -18.93 -19.43 30.24
C LYS C 45 -20.19 -18.73 30.72
N LYS C 46 -20.75 -17.83 29.90
CA LYS C 46 -21.92 -17.05 30.29
C LYS C 46 -23.16 -17.94 30.48
N GLU C 47 -23.33 -18.96 29.64
CA GLU C 47 -24.48 -19.84 29.69
C GLU C 47 -24.21 -21.13 30.48
N GLN C 48 -23.07 -21.23 31.14
CA GLN C 48 -22.72 -22.39 31.97
C GLN C 48 -22.83 -23.70 31.18
N ILE C 49 -22.24 -23.71 29.99
CA ILE C 49 -22.24 -24.93 29.17
C ILE C 49 -21.24 -25.96 29.74
N LYS C 50 -21.69 -27.22 29.80
CA LYS C 50 -20.88 -28.29 30.39
C LYS C 50 -19.81 -28.76 29.40
N GLY C 51 -18.91 -29.59 29.89
CA GLY C 51 -17.88 -30.18 29.08
C GLY C 51 -16.56 -29.47 29.29
N LYS C 52 -15.48 -30.16 28.90
CA LYS C 52 -14.14 -29.59 28.99
C LYS C 52 -13.84 -28.92 27.66
N TRP C 53 -13.78 -27.60 27.66
CA TRP C 53 -13.57 -26.82 26.45
C TRP C 53 -12.10 -26.44 26.38
N VAL C 54 -11.46 -26.83 25.29
CA VAL C 54 -10.06 -26.55 25.07
C VAL C 54 -9.96 -25.64 23.86
N PHE C 55 -9.50 -24.42 24.10
CA PHE C 55 -9.33 -23.40 23.07
C PHE C 55 -7.87 -23.42 22.65
N LEU C 56 -7.60 -24.08 21.54
CA LEU C 56 -6.22 -24.21 21.08
C LEU C 56 -5.68 -22.88 20.60
N GLY C 57 -4.38 -22.71 20.77
CA GLY C 57 -3.70 -21.56 20.22
C GLY C 57 -2.41 -22.00 19.57
N SER C 58 -1.57 -21.03 19.21
CA SER C 58 -0.33 -21.35 18.51
C SER C 58 0.57 -22.20 19.39
N LYS C 59 0.48 -22.00 20.70
CA LYS C 59 1.35 -22.69 21.64
C LYS C 59 1.07 -24.19 21.75
N ASP C 60 -0.03 -24.67 21.18
CA ASP C 60 -0.40 -26.07 21.34
C ASP C 60 0.10 -26.96 20.21
N GLY C 61 0.60 -26.38 19.13
CA GLY C 61 1.17 -27.14 18.02
C GLY C 61 0.86 -26.59 16.64
N ASP C 62 1.76 -26.82 15.71
CA ASP C 62 1.60 -26.41 14.32
C ASP C 62 0.69 -27.42 13.63
N LEU C 63 -0.58 -27.06 13.49
CA LEU C 63 -1.56 -27.97 12.92
C LEU C 63 -1.26 -28.33 11.47
N ARG C 64 -0.38 -27.57 10.81
CA ARG C 64 0.00 -27.93 9.45
C ARG C 64 0.80 -29.23 9.42
N ASP C 65 1.51 -29.54 10.51
CA ASP C 65 2.29 -30.77 10.60
C ASP C 65 1.36 -31.88 11.06
N ALA C 66 1.31 -32.97 10.29
CA ALA C 66 0.36 -34.02 10.60
C ALA C 66 0.64 -34.66 11.96
N ASP C 67 1.93 -34.86 12.28
CA ASP C 67 2.30 -35.45 13.57
C ASP C 67 1.94 -34.52 14.73
N ALA C 68 2.31 -33.23 14.63
CA ALA C 68 1.97 -32.28 15.69
C ALA C 68 0.46 -32.12 15.82
N CYS C 69 -0.25 -32.15 14.69
CA CYS C 69 -1.68 -31.98 14.72
C CYS C 69 -2.35 -33.05 15.57
N LYS C 70 -1.77 -34.26 15.60
CA LYS C 70 -2.31 -35.34 16.39
C LYS C 70 -2.13 -35.12 17.89
N GLN C 71 -1.14 -34.33 18.31
CA GLN C 71 -0.82 -34.23 19.74
C GLN C 71 -1.96 -33.70 20.60
N PRO C 72 -2.70 -32.66 20.22
CA PRO C 72 -3.86 -32.31 21.05
C PRO C 72 -4.97 -33.35 20.98
N PHE C 73 -5.09 -34.10 19.89
CA PHE C 73 -6.13 -35.14 19.84
C PHE C 73 -5.85 -36.28 20.78
N GLU C 74 -4.60 -36.75 20.83
CA GLU C 74 -4.25 -37.81 21.76
C GLU C 74 -4.37 -37.36 23.20
N LYS C 75 -4.13 -36.08 23.47
CA LYS C 75 -4.10 -35.59 24.83
C LYS C 75 -5.50 -35.41 25.40
N TYR C 76 -6.45 -34.92 24.60
CA TYR C 76 -7.77 -34.55 25.08
C TYR C 76 -8.86 -35.53 24.70
N ARG C 77 -8.66 -36.31 23.64
CA ARG C 77 -9.65 -37.26 23.15
C ARG C 77 -11.00 -36.56 22.98
N PRO C 78 -11.11 -35.59 22.08
CA PRO C 78 -12.34 -34.79 22.00
C PRO C 78 -13.51 -35.60 21.46
N THR C 79 -14.69 -35.21 21.90
CA THR C 79 -15.93 -35.74 21.38
C THR C 79 -16.57 -34.80 20.37
N TYR C 80 -16.18 -33.53 20.36
CA TYR C 80 -16.66 -32.53 19.44
C TYR C 80 -15.52 -31.61 19.08
N VAL C 81 -15.54 -31.10 17.86
CA VAL C 81 -14.51 -30.20 17.39
C VAL C 81 -15.17 -29.01 16.70
N ILE C 82 -14.72 -27.83 17.03
CA ILE C 82 -15.06 -26.64 16.26
C ILE C 82 -13.77 -26.18 15.61
N HIS C 83 -13.69 -26.29 14.30
CA HIS C 83 -12.46 -26.00 13.56
C HIS C 83 -12.60 -24.59 13.01
N LEU C 84 -11.96 -23.64 13.69
CA LEU C 84 -11.97 -22.25 13.28
C LEU C 84 -10.64 -21.77 12.72
N ALA C 85 -9.56 -22.52 12.91
CA ALA C 85 -8.24 -22.03 12.51
C ALA C 85 -8.15 -21.85 11.00
N ALA C 86 -7.43 -20.82 10.58
CA ALA C 86 -7.11 -20.60 9.17
C ALA C 86 -5.88 -19.70 9.07
N PHE C 87 -5.17 -19.80 7.94
CA PHE C 87 -4.04 -18.91 7.64
C PHE C 87 -4.50 -17.84 6.66
N VAL C 88 -4.53 -16.57 7.09
CA VAL C 88 -5.09 -15.51 6.26
C VAL C 88 -4.12 -14.34 6.12
N GLY C 89 -4.48 -13.43 5.22
CA GLY C 89 -3.68 -12.26 4.91
C GLY C 89 -3.93 -11.09 5.84
N MET C 95 5.69 -16.12 3.60
CA MET C 95 4.33 -16.62 3.45
C MET C 95 3.32 -15.52 3.14
N ASN C 96 3.74 -14.50 2.39
CA ASN C 96 2.81 -13.60 1.72
C ASN C 96 2.39 -14.16 0.37
N PHE C 97 2.95 -15.31 0.00
CA PHE C 97 2.75 -15.94 -1.29
C PHE C 97 1.42 -16.69 -1.34
N LYS C 98 0.77 -16.70 -2.51
CA LYS C 98 -0.43 -17.49 -2.69
C LYS C 98 -0.13 -18.97 -2.49
N VAL C 99 1.05 -19.41 -2.94
CA VAL C 99 1.51 -20.77 -2.71
C VAL C 99 1.36 -21.12 -1.23
N SER C 100 1.81 -20.21 -0.36
CA SER C 100 1.78 -20.45 1.07
C SER C 100 0.37 -20.58 1.59
N PHE C 101 -0.54 -19.73 1.14
CA PHE C 101 -1.91 -19.81 1.64
C PHE C 101 -2.58 -21.12 1.23
N TRP C 102 -2.28 -21.62 0.03
CA TRP C 102 -2.84 -22.92 -0.36
C TRP C 102 -2.26 -24.05 0.47
N LEU C 103 -0.93 -24.16 0.55
CA LEU C 103 -0.34 -25.32 1.22
C LEU C 103 -0.68 -25.32 2.71
N ASP C 104 -0.53 -24.18 3.38
CA ASP C 104 -0.76 -24.16 4.83
C ASP C 104 -2.21 -24.51 5.18
N ASN C 105 -3.17 -24.00 4.43
CA ASN C 105 -4.55 -24.29 4.77
C ASN C 105 -4.93 -25.73 4.41
N VAL C 106 -4.55 -26.19 3.21
CA VAL C 106 -4.98 -27.52 2.78
C VAL C 106 -4.37 -28.60 3.67
N ASN C 107 -3.13 -28.40 4.12
CA ASN C 107 -2.48 -29.37 4.99
C ASN C 107 -3.16 -29.39 6.35
N MET C 108 -3.33 -28.22 6.96
CA MET C 108 -4.00 -28.17 8.25
C MET C 108 -5.41 -28.77 8.18
N ASN C 109 -6.18 -28.41 7.16
CA ASN C 109 -7.55 -28.92 7.05
C ASN C 109 -7.56 -30.44 6.88
N ASN C 110 -6.73 -30.95 5.97
CA ASN C 110 -6.67 -32.38 5.79
C ASN C 110 -6.33 -33.08 7.10
N ASN C 111 -5.34 -32.55 7.82
CA ASN C 111 -4.91 -33.15 9.09
C ASN C 111 -6.02 -33.14 10.11
N ILE C 112 -6.70 -32.00 10.28
CA ILE C 112 -7.70 -31.88 11.35
C ILE C 112 -8.83 -32.86 11.10
N LEU C 113 -9.40 -32.83 9.90
CA LEU C 113 -10.53 -33.68 9.60
C LEU C 113 -10.13 -35.15 9.66
N THR C 114 -8.92 -35.49 9.19
CA THR C 114 -8.46 -36.87 9.35
C THR C 114 -8.37 -37.24 10.83
N CYS C 115 -7.87 -36.31 11.66
CA CYS C 115 -7.81 -36.59 13.08
C CYS C 115 -9.21 -36.75 13.67
N CYS C 116 -10.14 -35.87 13.29
CA CYS C 116 -11.51 -35.98 13.76
C CYS C 116 -12.11 -37.35 13.44
N TYR C 117 -11.92 -37.81 12.20
CA TYR C 117 -12.48 -39.12 11.82
C TYR C 117 -11.80 -40.25 12.58
N ASP C 118 -10.46 -40.26 12.60
CA ASP C 118 -9.73 -41.34 13.25
C ASP C 118 -10.02 -41.43 14.74
N PHE C 119 -10.23 -40.30 15.40
CA PHE C 119 -10.46 -40.30 16.84
C PHE C 119 -11.95 -40.34 17.20
N GLY C 120 -12.82 -40.62 16.24
CA GLY C 120 -14.22 -40.82 16.53
C GLY C 120 -14.93 -39.60 17.09
N VAL C 121 -14.53 -38.40 16.66
CA VAL C 121 -15.24 -37.20 17.06
C VAL C 121 -16.70 -37.34 16.65
N LYS C 122 -17.61 -37.02 17.57
CA LYS C 122 -19.03 -37.22 17.27
C LYS C 122 -19.51 -36.25 16.20
N LYS C 123 -19.17 -34.96 16.33
CA LYS C 123 -19.55 -33.92 15.37
C LYS C 123 -18.41 -32.91 15.20
N THR C 124 -18.18 -32.48 13.97
CA THR C 124 -17.13 -31.51 13.68
C THR C 124 -17.71 -30.37 12.86
N ILE C 125 -17.52 -29.13 13.34
CA ILE C 125 -17.99 -27.95 12.60
C ILE C 125 -16.79 -27.15 12.17
N SER C 126 -16.67 -26.95 10.87
CA SER C 126 -15.61 -26.14 10.29
C SER C 126 -16.21 -24.80 9.88
N CYS C 127 -15.33 -23.89 9.49
CA CYS C 127 -15.71 -22.51 9.22
C CYS C 127 -15.27 -22.19 7.79
N LEU C 128 -16.20 -21.74 6.96
CA LEU C 128 -15.90 -21.21 5.63
C LEU C 128 -16.08 -19.68 5.68
N SER C 129 -15.98 -19.03 4.52
CA SER C 129 -16.07 -17.57 4.51
C SER C 129 -16.82 -17.10 3.28
N THR C 130 -17.49 -15.95 3.42
CA THR C 130 -18.23 -15.39 2.30
C THR C 130 -17.35 -15.18 1.08
N CYS C 131 -16.07 -14.94 1.27
CA CYS C 131 -15.20 -14.61 0.14
C CYS C 131 -14.76 -15.84 -0.65
N VAL C 132 -15.27 -17.02 -0.31
CA VAL C 132 -14.95 -18.24 -1.05
C VAL C 132 -16.01 -18.58 -2.08
N PHE C 133 -17.05 -17.79 -2.20
CA PHE C 133 -18.10 -18.04 -3.16
C PHE C 133 -17.68 -17.61 -4.57
N PRO C 134 -18.39 -18.11 -5.59
CA PRO C 134 -18.01 -17.82 -6.97
C PRO C 134 -18.08 -16.33 -7.25
N ASP C 135 -17.14 -15.88 -8.08
CA ASP C 135 -17.12 -14.49 -8.47
C ASP C 135 -18.39 -14.10 -9.22
N LYS C 136 -18.76 -14.89 -10.24
CA LYS C 136 -20.02 -14.69 -10.99
C LYS C 136 -21.14 -15.46 -10.29
N ILE C 137 -22.07 -14.72 -9.68
CA ILE C 137 -23.10 -15.30 -8.85
C ILE C 137 -24.30 -14.37 -8.84
N GLU C 138 -25.48 -14.96 -8.68
CA GLU C 138 -26.69 -14.18 -8.52
C GLU C 138 -26.87 -13.96 -7.03
N TYR C 139 -27.08 -12.70 -6.65
CA TYR C 139 -27.32 -12.33 -5.27
C TYR C 139 -28.81 -12.42 -4.95
N PRO C 140 -29.20 -12.67 -3.70
CA PRO C 140 -28.33 -12.95 -2.54
C PRO C 140 -27.70 -14.33 -2.59
N ILE C 141 -26.52 -14.45 -1.97
CA ILE C 141 -25.78 -15.70 -1.93
C ILE C 141 -26.48 -16.71 -1.04
N THR C 142 -26.66 -17.93 -1.55
CA THR C 142 -27.20 -19.05 -0.80
C THR C 142 -26.22 -20.21 -0.82
N GLU C 143 -26.31 -21.05 0.21
CA GLU C 143 -25.28 -22.07 0.46
C GLU C 143 -25.05 -23.00 -0.73
N GLU C 144 -26.10 -23.33 -1.50
CA GLU C 144 -25.94 -24.28 -2.61
C GLU C 144 -25.03 -23.75 -3.72
N LYS C 145 -24.76 -22.44 -3.76
CA LYS C 145 -23.96 -21.86 -4.83
C LYS C 145 -22.47 -21.93 -4.57
N LEU C 146 -22.05 -22.60 -3.49
CA LEU C 146 -20.67 -22.57 -3.03
C LEU C 146 -19.67 -22.97 -4.10
N HIS C 147 -19.97 -23.99 -4.90
CA HIS C 147 -19.01 -24.49 -5.89
C HIS C 147 -19.38 -24.14 -7.32
N GLU C 148 -20.33 -23.24 -7.54
CA GLU C 148 -20.84 -23.01 -8.90
C GLU C 148 -20.03 -21.94 -9.62
N GLY C 149 -18.76 -22.26 -9.84
CA GLY C 149 -17.85 -21.38 -10.55
C GLY C 149 -16.69 -20.95 -9.70
N PRO C 150 -15.67 -20.35 -10.33
CA PRO C 150 -14.40 -20.04 -9.62
C PRO C 150 -14.54 -18.86 -8.68
N PRO C 151 -13.76 -18.84 -7.60
CA PRO C 151 -13.76 -17.67 -6.72
C PRO C 151 -13.00 -16.53 -7.37
N HIS C 152 -13.06 -15.36 -6.73
CA HIS C 152 -12.32 -14.22 -7.24
C HIS C 152 -10.82 -14.45 -7.13
N PHE C 153 -10.07 -13.85 -8.07
CA PHE C 153 -8.65 -14.15 -8.20
C PHE C 153 -7.84 -13.72 -6.99
N SER C 154 -8.23 -12.63 -6.32
CA SER C 154 -7.33 -12.02 -5.33
C SER C 154 -6.96 -12.96 -4.19
N ASN C 155 -7.91 -13.74 -3.67
CA ASN C 155 -7.63 -14.63 -2.57
C ASN C 155 -8.01 -16.07 -2.89
N ASN C 156 -7.81 -16.49 -4.14
CA ASN C 156 -8.39 -17.77 -4.55
C ASN C 156 -7.65 -18.96 -3.94
N ALA C 157 -6.41 -18.80 -3.48
CA ALA C 157 -5.73 -19.90 -2.80
C ALA C 157 -6.43 -20.22 -1.49
N TYR C 158 -6.69 -19.18 -0.68
CA TYR C 158 -7.49 -19.37 0.53
C TYR C 158 -8.89 -19.86 0.19
N ALA C 159 -9.50 -19.31 -0.87
CA ALA C 159 -10.87 -19.68 -1.24
C ALA C 159 -10.96 -21.17 -1.60
N TYR C 160 -10.06 -21.64 -2.45
CA TYR C 160 -10.12 -23.05 -2.85
C TYR C 160 -9.78 -23.97 -1.66
N ALA C 161 -8.84 -23.56 -0.80
CA ALA C 161 -8.59 -24.35 0.42
C ALA C 161 -9.87 -24.49 1.24
N LYS C 162 -10.61 -23.40 1.42
CA LYS C 162 -11.88 -23.46 2.12
C LYS C 162 -12.90 -24.33 1.38
N ARG C 163 -12.96 -24.25 0.04
CA ARG C 163 -13.85 -25.12 -0.72
C ARG C 163 -13.48 -26.59 -0.55
N MET C 164 -12.19 -26.90 -0.54
CA MET C 164 -11.79 -28.29 -0.37
C MET C 164 -11.93 -28.77 1.06
N LEU C 165 -11.97 -27.86 2.03
CA LEU C 165 -12.33 -28.24 3.39
C LEU C 165 -13.77 -28.72 3.47
N ASP C 166 -14.68 -28.01 2.80
CA ASP C 166 -16.05 -28.48 2.70
C ASP C 166 -16.13 -29.85 2.04
N MET C 167 -15.49 -30.01 0.87
CA MET C 167 -15.58 -31.27 0.14
C MET C 167 -15.02 -32.42 0.97
N LEU C 168 -13.90 -32.19 1.66
CA LEU C 168 -13.31 -33.25 2.47
C LEU C 168 -14.29 -33.70 3.55
N GLY C 169 -15.06 -32.74 4.10
CA GLY C 169 -16.06 -33.08 5.11
C GLY C 169 -17.18 -33.98 4.58
N ARG C 170 -17.70 -33.66 3.41
CA ARG C 170 -18.69 -34.54 2.79
C ARG C 170 -18.08 -35.90 2.53
N TRP C 171 -16.81 -35.93 2.09
CA TRP C 171 -16.18 -37.22 1.82
C TRP C 171 -15.99 -38.03 3.09
N TYR C 172 -15.62 -37.36 4.19
CA TYR C 172 -15.50 -38.08 5.45
C TYR C 172 -16.86 -38.50 6.01
N ASN C 173 -17.91 -37.73 5.77
CA ASN C 173 -19.25 -38.21 6.08
C ASN C 173 -19.57 -39.49 5.32
N GLU C 174 -19.20 -39.52 4.03
CA GLU C 174 -19.39 -40.69 3.17
C GLU C 174 -18.64 -41.92 3.71
N LYS C 175 -17.42 -41.72 4.19
CA LYS C 175 -16.64 -42.82 4.74
C LYS C 175 -17.26 -43.34 6.03
N ALA C 176 -17.69 -42.43 6.92
CA ALA C 176 -18.30 -42.83 8.19
C ALA C 176 -19.54 -43.67 7.96
N VAL C 177 -20.35 -43.32 6.97
CA VAL C 177 -21.52 -44.13 6.63
C VAL C 177 -21.10 -45.54 6.26
N ASN C 178 -20.19 -45.66 5.29
CA ASN C 178 -19.76 -46.98 4.82
C ASN C 178 -19.08 -47.78 5.91
N GLU C 179 -18.44 -47.12 6.88
CA GLU C 179 -17.74 -47.83 7.93
C GLU C 179 -18.55 -47.91 9.22
N GLY C 180 -19.80 -47.47 9.19
CA GLY C 180 -20.62 -47.52 10.39
C GLY C 180 -20.11 -46.70 11.54
N LYS C 181 -19.40 -45.61 11.28
CA LYS C 181 -18.96 -44.76 12.36
C LYS C 181 -19.92 -43.59 12.51
N SER C 182 -20.12 -43.15 13.75
CA SER C 182 -20.98 -42.01 14.03
C SER C 182 -20.07 -40.79 14.11
N CYS C 183 -19.74 -40.27 12.93
CA CYS C 183 -18.95 -39.07 12.73
C CYS C 183 -19.69 -38.20 11.73
N LEU C 184 -20.00 -36.98 12.14
CA LEU C 184 -20.69 -36.03 11.29
C LEU C 184 -19.82 -34.79 11.06
N PHE C 185 -19.76 -34.32 9.81
CA PHE C 185 -19.00 -33.14 9.43
C PHE C 185 -19.92 -32.13 8.77
N THR C 186 -19.87 -30.89 9.26
CA THR C 186 -20.64 -29.80 8.66
C THR C 186 -19.85 -28.49 8.83
N SER C 187 -20.46 -27.36 8.46
CA SER C 187 -19.70 -26.11 8.54
C SER C 187 -20.65 -24.94 8.58
N VAL C 188 -20.13 -23.81 9.06
CA VAL C 188 -20.87 -22.56 9.11
C VAL C 188 -20.17 -21.55 8.21
N ILE C 189 -20.94 -20.59 7.69
CA ILE C 189 -20.36 -19.53 6.85
C ILE C 189 -20.69 -18.18 7.47
N PRO C 190 -19.81 -17.64 8.32
CA PRO C 190 -20.04 -16.33 8.94
C PRO C 190 -19.75 -15.18 7.98
N THR C 191 -20.46 -14.08 8.18
CA THR C 191 -20.38 -12.91 7.30
C THR C 191 -19.95 -11.70 8.10
N ASN C 192 -18.74 -11.22 7.84
CA ASN C 192 -18.19 -9.98 8.43
C ASN C 192 -18.44 -9.91 9.94
N LEU C 193 -17.68 -10.70 10.66
CA LEU C 193 -17.73 -10.64 12.11
C LEU C 193 -17.05 -9.38 12.61
N PHE C 194 -17.51 -8.90 13.77
CA PHE C 194 -16.81 -7.87 14.52
C PHE C 194 -17.11 -8.08 16.01
N GLY C 195 -16.26 -7.51 16.85
CA GLY C 195 -16.50 -7.55 18.27
C GLY C 195 -15.23 -7.53 19.10
N PRO C 196 -15.37 -7.70 20.41
CA PRO C 196 -14.19 -7.71 21.29
C PRO C 196 -13.17 -8.75 20.84
N HIS C 197 -11.89 -8.48 21.14
CA HIS C 197 -10.76 -9.34 20.84
C HIS C 197 -10.49 -9.47 19.34
N ASP C 198 -11.02 -8.55 18.53
CA ASP C 198 -10.71 -8.52 17.11
C ASP C 198 -9.25 -8.13 16.88
N ASN C 199 -8.84 -8.13 15.62
CA ASN C 199 -7.55 -7.56 15.24
C ASN C 199 -7.81 -6.15 14.73
N PHE C 200 -7.29 -5.15 15.44
CA PHE C 200 -7.57 -3.76 15.18
C PHE C 200 -6.46 -3.04 14.41
N ASN C 201 -5.57 -3.77 13.77
CA ASN C 201 -4.54 -3.12 12.95
C ASN C 201 -5.21 -2.40 11.79
N VAL C 202 -4.95 -1.08 11.67
CA VAL C 202 -5.68 -0.32 10.66
C VAL C 202 -5.26 -0.74 9.26
N GLU C 203 -4.06 -1.29 9.09
CA GLU C 203 -3.64 -1.73 7.77
C GLU C 203 -4.10 -3.14 7.44
N ALA C 204 -3.99 -4.08 8.36
CA ALA C 204 -4.26 -5.47 8.05
C ALA C 204 -5.57 -5.96 8.62
N GLY C 205 -6.20 -5.19 9.50
CA GLY C 205 -7.43 -5.66 10.08
C GLY C 205 -8.60 -5.38 9.17
N HIS C 206 -9.72 -6.03 9.48
CA HIS C 206 -10.93 -5.82 8.69
C HIS C 206 -11.41 -4.37 8.77
N VAL C 207 -12.29 -4.01 7.84
CA VAL C 207 -12.67 -2.61 7.66
C VAL C 207 -13.26 -2.05 8.95
N LEU C 208 -14.13 -2.81 9.61
CA LEU C 208 -14.81 -2.29 10.79
C LEU C 208 -13.89 -2.14 12.00
N PRO C 209 -13.12 -3.13 12.43
CA PRO C 209 -12.18 -2.87 13.53
C PRO C 209 -11.10 -1.88 13.11
N GLY C 210 -10.71 -1.88 11.84
CA GLY C 210 -9.75 -0.87 11.39
C GLY C 210 -10.31 0.54 11.54
N LEU C 211 -11.59 0.73 11.21
CA LEU C 211 -12.22 2.04 11.35
C LEU C 211 -12.29 2.47 12.81
N MET C 212 -12.56 1.53 13.71
CA MET C 212 -12.57 1.87 15.12
C MET C 212 -11.21 2.39 15.55
N HIS C 213 -10.14 1.69 15.17
CA HIS C 213 -8.81 2.14 15.56
C HIS C 213 -8.49 3.48 14.93
N LYS C 214 -8.86 3.65 13.65
CA LYS C 214 -8.63 4.92 12.96
C LYS C 214 -9.37 6.05 13.65
N CYS C 215 -10.58 5.79 14.10
CA CYS C 215 -11.33 6.82 14.79
C CYS C 215 -10.66 7.17 16.12
N TYR C 216 -10.22 6.15 16.86
CA TYR C 216 -9.52 6.41 18.13
C TYR C 216 -8.26 7.23 17.90
N LYS C 217 -7.46 6.84 16.90
CA LYS C 217 -6.23 7.58 16.61
C LYS C 217 -6.52 9.01 16.18
N ALA C 218 -7.57 9.22 15.37
CA ALA C 218 -7.91 10.59 14.95
C ALA C 218 -8.32 11.41 16.15
N GLN C 219 -9.02 10.80 17.10
CA GLN C 219 -9.41 11.50 18.31
C GLN C 219 -8.20 11.79 19.20
N GLN C 220 -7.19 10.92 19.20
CA GLN C 220 -6.06 11.10 20.10
C GLN C 220 -4.97 11.96 19.48
N ASN C 221 -4.98 12.14 18.17
CA ASN C 221 -4.02 12.98 17.50
C ASN C 221 -4.60 14.31 17.07
N GLY C 222 -5.91 14.48 17.22
CA GLY C 222 -6.55 15.68 16.71
C GLY C 222 -6.59 15.78 15.20
N THR C 223 -6.64 14.64 14.50
CA THR C 223 -6.69 14.62 13.05
C THR C 223 -8.09 14.27 12.51
N ASP C 224 -8.17 14.11 11.19
CA ASP C 224 -9.40 13.67 10.54
C ASP C 224 -9.58 12.16 10.67
N PHE C 225 -10.84 11.75 10.83
CA PHE C 225 -11.23 10.34 10.68
C PHE C 225 -11.39 10.07 9.18
N VAL C 226 -10.43 9.37 8.58
CA VAL C 226 -10.41 9.17 7.13
C VAL C 226 -10.94 7.78 6.83
N VAL C 227 -12.01 7.73 6.06
CA VAL C 227 -12.66 6.49 5.67
C VAL C 227 -12.34 6.19 4.21
N PHE C 228 -11.87 4.97 3.95
CA PHE C 228 -11.57 4.57 2.58
C PHE C 228 -12.85 4.46 1.76
N GLY C 229 -12.78 4.86 0.49
CA GLY C 229 -13.87 4.75 -0.44
C GLY C 229 -14.84 5.90 -0.31
N SER C 230 -15.96 5.75 -0.99
CA SER C 230 -17.01 6.77 -0.96
C SER C 230 -17.93 6.65 0.23
N GLY C 231 -17.92 5.53 0.94
CA GLY C 231 -18.86 5.30 2.02
C GLY C 231 -20.22 4.74 1.60
N LYS C 232 -20.45 4.54 0.29
CA LYS C 232 -21.74 4.12 -0.26
C LYS C 232 -22.00 2.61 -0.23
N PRO C 233 -20.99 1.72 -0.40
CA PRO C 233 -21.29 0.28 -0.46
C PRO C 233 -21.99 -0.27 0.78
N LEU C 234 -22.77 -1.33 0.54
CA LEU C 234 -23.63 -1.91 1.55
C LEU C 234 -23.10 -3.27 1.97
N ARG C 235 -23.03 -3.51 3.28
CA ARG C 235 -22.53 -4.79 3.79
C ARG C 235 -23.34 -5.25 5.01
N GLN C 236 -23.27 -6.56 5.23
CA GLN C 236 -23.86 -7.21 6.40
C GLN C 236 -22.76 -7.52 7.40
N PHE C 237 -22.91 -7.02 8.62
CA PHE C 237 -21.97 -7.21 9.72
C PHE C 237 -22.65 -7.99 10.84
N LEU C 238 -21.98 -9.00 11.37
CA LEU C 238 -22.54 -9.86 12.40
C LEU C 238 -21.70 -9.75 13.68
N TYR C 239 -22.34 -9.36 14.77
CA TYR C 239 -21.64 -9.27 16.05
C TYR C 239 -21.11 -10.65 16.45
N SER C 240 -19.86 -10.69 16.93
CA SER C 240 -19.21 -11.98 17.20
C SER C 240 -19.98 -12.80 18.22
N HIS C 241 -20.56 -12.15 19.22
CA HIS C 241 -21.33 -12.85 20.26
C HIS C 241 -22.59 -13.46 19.68
N ASP C 242 -23.25 -12.79 18.73
CA ASP C 242 -24.37 -13.42 18.05
C ASP C 242 -23.88 -14.63 17.27
N ALA C 243 -22.76 -14.45 16.56
CA ALA C 243 -22.22 -15.53 15.76
C ALA C 243 -21.91 -16.75 16.61
N ALA C 244 -21.42 -16.55 17.84
CA ALA C 244 -21.10 -17.68 18.72
C ALA C 244 -22.36 -18.42 19.14
N ARG C 245 -23.42 -17.67 19.44
CA ARG C 245 -24.70 -18.27 19.80
C ARG C 245 -25.29 -19.04 18.63
N MET C 246 -25.17 -18.50 17.42
CA MET C 246 -25.61 -19.24 16.24
C MET C 246 -24.77 -20.50 16.05
N LEU C 247 -23.47 -20.42 16.31
CA LEU C 247 -22.63 -21.60 16.14
C LEU C 247 -22.96 -22.66 17.17
N LEU C 248 -23.14 -22.27 18.42
CA LEU C 248 -23.48 -23.23 19.45
C LEU C 248 -24.83 -23.85 19.14
N TRP C 249 -25.77 -23.05 18.65
CA TRP C 249 -27.03 -23.61 18.20
C TRP C 249 -26.78 -24.65 17.12
N THR C 250 -25.86 -24.35 16.19
CA THR C 250 -25.53 -25.29 15.12
C THR C 250 -24.94 -26.57 15.69
N MET C 251 -24.07 -26.47 16.70
CA MET C 251 -23.50 -27.67 17.30
C MET C 251 -24.58 -28.55 17.93
N PHE C 252 -25.57 -27.92 18.58
CA PHE C 252 -26.58 -28.69 19.31
C PHE C 252 -27.67 -29.27 18.41
N ASN C 253 -27.94 -28.70 17.24
CA ASN C 253 -29.17 -29.05 16.51
C ASN C 253 -28.95 -29.44 15.06
N TYR C 254 -27.97 -28.85 14.39
CA TYR C 254 -27.87 -28.94 12.94
C TYR C 254 -27.11 -30.21 12.57
N GLN C 255 -27.79 -31.09 11.81
CA GLN C 255 -27.32 -32.41 11.39
C GLN C 255 -26.88 -32.46 9.95
N SER C 256 -27.26 -31.48 9.14
CA SER C 256 -27.01 -31.50 7.72
C SER C 256 -25.53 -31.28 7.42
N GLU C 257 -25.04 -31.94 6.38
CA GLU C 257 -23.68 -31.67 5.98
C GLU C 257 -23.58 -30.41 5.13
N GLU C 258 -24.69 -29.86 4.66
CA GLU C 258 -24.65 -28.61 3.93
C GLU C 258 -24.24 -27.47 4.86
N PRO C 259 -23.39 -26.57 4.39
CA PRO C 259 -23.03 -25.40 5.20
C PRO C 259 -24.25 -24.51 5.48
N ILE C 260 -24.17 -23.76 6.59
CA ILE C 260 -25.22 -22.83 6.95
C ILE C 260 -24.63 -21.42 7.10
N MET C 261 -25.27 -20.44 6.45
CA MET C 261 -24.84 -19.05 6.56
C MET C 261 -25.13 -18.49 7.94
N LEU C 262 -24.18 -17.75 8.50
CA LEU C 262 -24.43 -16.99 9.72
C LEU C 262 -24.29 -15.52 9.28
N CYS C 263 -25.42 -14.82 9.14
CA CYS C 263 -25.40 -13.42 8.74
C CYS C 263 -26.68 -12.74 9.21
N VAL C 264 -26.67 -11.42 9.17
CA VAL C 264 -27.87 -10.65 9.48
C VAL C 264 -28.74 -10.58 8.23
N SER C 265 -29.98 -10.14 8.39
CA SER C 265 -30.86 -10.08 7.23
C SER C 265 -30.41 -8.97 6.29
N GLU C 266 -30.89 -9.04 5.04
CA GLU C 266 -30.59 -7.98 4.08
C GLU C 266 -31.10 -6.63 4.56
N GLU C 267 -32.25 -6.59 5.24
CA GLU C 267 -32.71 -5.29 5.73
C GLU C 267 -31.72 -4.69 6.71
N ASP C 268 -30.87 -5.51 7.33
CA ASP C 268 -29.91 -4.98 8.29
C ASP C 268 -28.56 -4.64 7.68
N GLU C 269 -28.45 -4.60 6.35
CA GLU C 269 -27.19 -4.14 5.77
C GLU C 269 -26.97 -2.67 6.10
N LYS C 270 -25.71 -2.32 6.27
CA LYS C 270 -25.29 -0.97 6.56
C LYS C 270 -24.36 -0.51 5.44
N SER C 271 -24.36 0.79 5.16
CA SER C 271 -23.36 1.35 4.29
C SER C 271 -22.06 1.61 5.06
N ILE C 272 -20.92 1.63 4.34
CA ILE C 272 -19.64 1.85 5.01
C ILE C 272 -19.65 3.16 5.77
N GLY C 273 -20.20 4.20 5.15
CA GLY C 273 -20.27 5.49 5.81
C GLY C 273 -21.17 5.49 7.03
N GLN C 274 -22.32 4.79 6.94
CA GLN C 274 -23.19 4.61 8.09
C GLN C 274 -22.44 3.91 9.24
N VAL C 275 -21.67 2.88 8.92
CA VAL C 275 -20.85 2.21 9.93
C VAL C 275 -19.86 3.19 10.55
N ALA C 276 -19.20 4.02 9.71
CA ALA C 276 -18.20 4.97 10.21
C ALA C 276 -18.85 6.01 11.11
N GLN C 277 -20.03 6.48 10.72
CA GLN C 277 -20.76 7.44 11.54
C GLN C 277 -21.14 6.83 12.87
N THR C 278 -21.62 5.58 12.86
CA THR C 278 -21.95 4.90 14.12
C THR C 278 -20.72 4.77 15.01
N ILE C 279 -19.57 4.42 14.42
CA ILE C 279 -18.34 4.34 15.20
C ILE C 279 -17.97 5.72 15.73
N LYS C 280 -18.05 6.74 14.87
CA LYS C 280 -17.74 8.10 15.30
C LYS C 280 -18.60 8.52 16.48
N ASP C 281 -19.91 8.26 16.42
CA ASP C 281 -20.80 8.62 17.52
C ASP C 281 -20.43 7.84 18.79
N ALA C 282 -20.08 6.56 18.65
CA ALA C 282 -19.73 5.75 19.83
C ALA C 282 -18.51 6.30 20.55
N PHE C 283 -17.53 6.81 19.78
CA PHE C 283 -16.32 7.40 20.36
C PHE C 283 -16.53 8.82 20.87
N ASN C 284 -17.68 9.44 20.59
CA ASN C 284 -17.85 10.89 20.85
C ASN C 284 -16.72 11.68 20.19
N PHE C 285 -16.34 11.23 18.98
CA PHE C 285 -15.37 11.93 18.17
C PHE C 285 -16.05 13.07 17.45
N THR C 286 -15.50 14.28 17.61
CA THR C 286 -16.12 15.50 17.13
C THR C 286 -15.34 16.17 15.99
N GLY C 287 -14.29 15.54 15.50
CA GLY C 287 -13.55 16.07 14.37
C GLY C 287 -14.20 15.70 13.06
N ASN C 288 -13.52 16.05 11.95
CA ASN C 288 -14.10 15.80 10.64
C ASN C 288 -13.93 14.34 10.23
N MET C 289 -15.00 13.77 9.69
CA MET C 289 -14.97 12.47 9.03
C MET C 289 -14.92 12.72 7.52
N VAL C 290 -13.95 12.09 6.86
CA VAL C 290 -13.62 12.39 5.47
C VAL C 290 -13.58 11.10 4.68
N PHE C 291 -13.93 11.17 3.40
CA PHE C 291 -13.98 9.98 2.53
C PHE C 291 -12.88 10.04 1.47
N ASP C 292 -12.05 9.01 1.41
CA ASP C 292 -10.93 8.95 0.47
C ASP C 292 -11.43 8.16 -0.73
N THR C 293 -11.92 8.88 -1.73
CA THR C 293 -12.51 8.23 -2.89
C THR C 293 -11.46 7.77 -3.90
N SER C 294 -10.18 8.00 -3.65
CA SER C 294 -9.13 7.35 -4.42
C SER C 294 -9.06 5.86 -4.14
N LYS C 295 -9.56 5.44 -2.98
CA LYS C 295 -9.69 4.03 -2.66
C LYS C 295 -10.84 3.42 -3.44
N ALA C 296 -10.65 2.18 -3.87
CA ALA C 296 -11.67 1.49 -4.66
C ALA C 296 -12.69 0.89 -3.71
N ASP C 297 -13.89 1.44 -3.63
CA ASP C 297 -14.90 0.68 -2.92
C ASP C 297 -15.45 -0.32 -3.91
N GLY C 298 -15.66 -1.55 -3.45
CA GLY C 298 -15.84 -2.65 -4.39
C GLY C 298 -17.22 -2.70 -5.01
N GLN C 299 -17.83 -3.87 -5.12
CA GLN C 299 -19.18 -3.85 -5.65
C GLN C 299 -20.13 -3.25 -4.63
N TYR C 300 -21.22 -2.67 -5.15
CA TYR C 300 -22.14 -1.92 -4.31
C TYR C 300 -22.83 -2.82 -3.28
N LYS C 301 -23.33 -3.98 -3.71
CA LYS C 301 -23.96 -4.95 -2.82
C LYS C 301 -23.36 -6.34 -2.98
N LYS C 302 -23.24 -7.06 -1.88
CA LYS C 302 -22.79 -8.46 -1.86
C LYS C 302 -23.64 -9.24 -0.85
N THR C 303 -24.95 -9.33 -1.10
CA THR C 303 -25.87 -9.79 -0.06
C THR C 303 -25.74 -11.29 0.10
N SER C 304 -25.57 -11.74 1.33
CA SER C 304 -25.72 -13.15 1.61
C SER C 304 -27.04 -13.36 2.35
N SER C 305 -27.61 -14.56 2.21
CA SER C 305 -28.96 -14.87 2.67
C SER C 305 -28.92 -15.69 3.94
N ASN C 306 -29.71 -15.26 4.94
CA ASN C 306 -29.85 -15.98 6.20
C ASN C 306 -31.12 -16.84 6.22
N ALA C 307 -31.66 -17.17 5.05
CA ALA C 307 -32.96 -17.82 4.96
C ALA C 307 -32.99 -19.14 5.71
N LYS C 308 -31.92 -19.94 5.61
CA LYS C 308 -31.96 -21.27 6.21
C LYS C 308 -31.91 -21.17 7.73
N PHE C 309 -30.98 -20.39 8.27
CA PHE C 309 -30.88 -20.25 9.72
C PHE C 309 -32.17 -19.64 10.28
N LEU C 310 -32.72 -18.65 9.57
CA LEU C 310 -33.96 -18.02 9.98
C LEU C 310 -35.12 -19.01 9.96
N ARG C 311 -35.13 -19.90 8.96
CA ARG C 311 -36.19 -20.88 8.84
C ARG C 311 -36.10 -21.89 9.96
N LEU C 312 -34.89 -22.26 10.36
CA LEU C 312 -34.68 -23.31 11.35
C LEU C 312 -34.69 -22.81 12.78
N ASN C 313 -34.34 -21.54 13.00
CA ASN C 313 -34.27 -20.97 14.34
C ASN C 313 -34.92 -19.61 14.26
N PRO C 314 -36.22 -19.58 14.04
CA PRO C 314 -36.90 -18.32 13.70
C PRO C 314 -36.99 -17.35 14.85
N THR C 315 -36.90 -17.81 16.09
CA THR C 315 -37.00 -16.93 17.24
C THR C 315 -35.65 -16.35 17.67
N PHE C 316 -34.63 -16.48 16.84
CA PHE C 316 -33.33 -15.98 17.23
C PHE C 316 -33.36 -14.46 17.27
N GLN C 317 -32.91 -13.90 18.38
CA GLN C 317 -32.90 -12.46 18.60
C GLN C 317 -31.46 -11.97 18.48
N TYR C 318 -31.25 -11.02 17.57
CA TYR C 318 -29.95 -10.44 17.29
C TYR C 318 -29.66 -9.28 18.21
N THR C 319 -28.36 -9.00 18.36
CA THR C 319 -27.94 -7.77 19.00
C THR C 319 -28.06 -6.62 17.98
N PRO C 320 -28.84 -5.59 18.25
CA PRO C 320 -28.89 -4.45 17.33
C PRO C 320 -27.51 -3.87 17.06
N PHE C 321 -27.30 -3.39 15.82
CA PHE C 321 -25.98 -2.93 15.38
C PHE C 321 -25.40 -1.84 16.29
N GLU C 322 -26.20 -0.83 16.64
CA GLU C 322 -25.69 0.27 17.48
C GLU C 322 -25.23 -0.23 18.84
N GLN C 323 -25.99 -1.15 19.45
CA GLN C 323 -25.59 -1.71 20.74
C GLN C 323 -24.30 -2.54 20.62
N ALA C 324 -24.18 -3.32 19.55
CA ALA C 324 -22.98 -4.11 19.36
C ALA C 324 -21.77 -3.20 19.17
N ILE C 325 -21.94 -2.09 18.42
CA ILE C 325 -20.83 -1.15 18.21
C ILE C 325 -20.46 -0.50 19.53
N LYS C 326 -21.46 -0.15 20.32
CA LYS C 326 -21.20 0.43 21.61
C LYS C 326 -20.41 -0.53 22.50
N GLU C 327 -20.80 -1.81 22.52
CA GLU C 327 -20.09 -2.77 23.35
C GLU C 327 -18.66 -2.94 22.87
N THR C 328 -18.46 -3.08 21.55
CA THR C 328 -17.12 -3.29 21.04
C THR C 328 -16.25 -2.08 21.31
N VAL C 329 -16.80 -0.87 21.11
CA VAL C 329 -16.02 0.34 21.33
C VAL C 329 -15.65 0.46 22.80
N GLN C 330 -16.59 0.16 23.71
CA GLN C 330 -16.29 0.25 25.12
C GLN C 330 -15.19 -0.73 25.51
N TRP C 331 -15.23 -1.92 24.92
CA TRP C 331 -14.18 -2.89 25.19
C TRP C 331 -12.83 -2.40 24.65
N PHE C 332 -12.82 -1.85 23.44
CA PHE C 332 -11.58 -1.37 22.84
C PHE C 332 -10.94 -0.29 23.69
N LEU C 333 -11.74 0.63 24.21
CA LEU C 333 -11.20 1.68 25.06
C LEU C 333 -10.74 1.11 26.40
N GLU C 334 -11.51 0.20 26.99
CA GLU C 334 -11.13 -0.32 28.30
C GLU C 334 -9.93 -1.25 28.26
N ASN C 335 -9.67 -1.90 27.13
CA ASN C 335 -8.57 -2.85 27.00
C ASN C 335 -7.60 -2.47 25.90
N TYR C 336 -7.49 -1.16 25.61
CA TYR C 336 -6.66 -0.71 24.49
C TYR C 336 -5.24 -1.24 24.58
N GLU C 337 -4.66 -1.27 25.77
CA GLU C 337 -3.28 -1.70 25.94
C GLU C 337 -3.07 -3.14 25.50
N THR C 338 -4.04 -4.01 25.76
CA THR C 338 -3.88 -5.43 25.48
C THR C 338 -4.53 -5.86 24.17
N ALA C 339 -5.19 -4.95 23.46
CA ALA C 339 -5.80 -5.30 22.18
C ALA C 339 -4.74 -5.48 21.09
N ARG C 340 -5.08 -6.29 20.09
CA ARG C 340 -4.21 -6.46 18.95
C ARG C 340 -4.41 -5.31 17.98
N LYS C 341 -3.33 -4.64 17.62
CA LYS C 341 -3.48 -3.46 16.80
C LYS C 341 -2.31 -3.31 15.86
N GLU D 13 2.45 -17.66 -26.66
CA GLU D 13 2.19 -19.05 -26.34
C GLU D 13 3.40 -19.94 -26.63
N VAL D 14 4.02 -19.73 -27.79
CA VAL D 14 5.15 -20.53 -28.24
C VAL D 14 6.43 -19.74 -28.12
N SER D 15 7.53 -20.44 -27.86
CA SER D 15 8.83 -19.81 -27.73
C SER D 15 9.43 -19.53 -29.10
N ASP D 16 10.11 -18.40 -29.23
CA ASP D 16 10.65 -17.99 -30.53
C ASP D 16 11.49 -19.11 -31.15
N GLN D 17 12.24 -19.82 -30.32
CA GLN D 17 13.03 -20.96 -30.78
C GLN D 17 12.60 -22.20 -30.01
N PRO D 18 12.80 -23.39 -30.57
CA PRO D 18 12.55 -24.61 -29.81
C PRO D 18 13.65 -24.86 -28.79
N ILE D 19 13.28 -25.52 -27.69
CA ILE D 19 14.29 -25.96 -26.73
C ILE D 19 15.13 -27.05 -27.37
N THR D 20 16.44 -26.95 -27.23
CA THR D 20 17.36 -27.98 -27.70
C THR D 20 17.94 -28.68 -26.47
N LEU D 21 17.66 -29.98 -26.35
CA LEU D 21 18.11 -30.74 -25.18
C LEU D 21 19.57 -31.16 -25.34
N THR D 22 20.31 -31.10 -24.24
CA THR D 22 21.69 -31.55 -24.20
C THR D 22 21.85 -32.78 -23.31
N GLN D 23 23.07 -33.33 -23.33
CA GLN D 23 23.44 -34.43 -22.45
C GLN D 23 23.59 -33.98 -21.00
N ASP D 24 23.68 -32.67 -20.75
CA ASP D 24 23.72 -32.10 -19.41
C ASP D 24 22.33 -31.97 -18.78
N ASP D 25 21.27 -32.17 -19.56
CA ASP D 25 19.91 -32.10 -19.05
C ASP D 25 19.51 -33.43 -18.44
N VAL D 26 18.66 -33.35 -17.43
CA VAL D 26 18.11 -34.50 -16.71
C VAL D 26 16.60 -34.36 -16.71
N ILE D 27 15.89 -35.36 -17.22
CA ILE D 27 14.44 -35.32 -17.35
C ILE D 27 13.85 -36.35 -16.42
N LEU D 28 13.11 -35.89 -15.40
CA LEU D 28 12.43 -36.75 -14.45
C LEU D 28 10.97 -36.86 -14.86
N VAL D 29 10.47 -38.10 -14.99
CA VAL D 29 9.07 -38.31 -15.35
C VAL D 29 8.42 -39.26 -14.34
N THR D 30 7.42 -38.77 -13.64
CA THR D 30 6.60 -39.56 -12.76
C THR D 30 5.55 -40.32 -13.56
N GLY D 31 5.04 -41.39 -12.96
CA GLY D 31 4.06 -42.22 -13.66
C GLY D 31 4.57 -42.74 -14.99
N GLY D 32 5.87 -43.00 -15.06
CA GLY D 32 6.50 -43.33 -16.32
C GLY D 32 6.30 -44.75 -16.72
N THR D 33 5.64 -45.52 -15.88
CA THR D 33 5.42 -46.92 -16.13
C THR D 33 4.02 -47.18 -16.65
N GLY D 34 3.20 -46.14 -16.80
CA GLY D 34 1.87 -46.28 -17.32
C GLY D 34 1.80 -46.16 -18.82
N LEU D 35 0.57 -46.08 -19.32
CA LEU D 35 0.33 -46.02 -20.75
C LEU D 35 1.01 -44.81 -21.37
N PHE D 36 0.81 -43.63 -20.78
CA PHE D 36 1.38 -42.41 -21.33
C PHE D 36 2.89 -42.43 -21.20
N GLY D 37 3.38 -42.75 -19.99
CA GLY D 37 4.81 -42.77 -19.76
C GLY D 37 5.54 -43.72 -20.68
N LYS D 38 4.98 -44.91 -20.91
CA LYS D 38 5.63 -45.86 -21.80
C LYS D 38 5.70 -45.34 -23.21
N ALA D 39 4.67 -44.59 -23.65
CA ALA D 39 4.72 -44.00 -24.98
C ALA D 39 5.83 -42.95 -25.06
N VAL D 40 6.01 -42.19 -23.99
CA VAL D 40 7.10 -41.23 -23.93
C VAL D 40 8.44 -41.95 -23.97
N GLU D 41 8.59 -43.00 -23.15
CA GLU D 41 9.83 -43.77 -23.18
C GLU D 41 10.10 -44.32 -24.56
N HIS D 42 9.04 -44.77 -25.23
CA HIS D 42 9.21 -45.32 -26.57
C HIS D 42 9.70 -44.26 -27.54
N ILE D 43 9.05 -43.08 -27.55
CA ILE D 43 9.43 -42.05 -28.51
C ILE D 43 10.84 -41.54 -28.23
N VAL D 44 11.19 -41.36 -26.95
CA VAL D 44 12.54 -40.92 -26.62
C VAL D 44 13.57 -41.85 -27.25
N LYS D 45 13.33 -43.16 -27.16
CA LYS D 45 14.28 -44.13 -27.70
C LYS D 45 14.26 -44.18 -29.23
N LYS D 46 13.07 -44.20 -29.85
CA LYS D 46 13.00 -44.38 -31.30
C LYS D 46 13.59 -43.18 -32.02
N GLU D 47 13.36 -41.96 -31.51
CA GLU D 47 13.84 -40.74 -32.13
C GLU D 47 15.13 -40.24 -31.51
N GLN D 48 15.73 -41.01 -30.60
CA GLN D 48 17.03 -40.71 -30.02
C GLN D 48 17.09 -39.30 -29.43
N ILE D 49 16.07 -38.98 -28.63
CA ILE D 49 16.05 -37.68 -27.94
C ILE D 49 17.15 -37.66 -26.89
N LYS D 50 17.85 -36.53 -26.81
CA LYS D 50 19.02 -36.42 -25.96
C LYS D 50 18.62 -36.30 -24.49
N GLY D 51 19.62 -36.39 -23.62
CA GLY D 51 19.45 -36.18 -22.19
C GLY D 51 19.39 -37.48 -21.40
N LYS D 52 19.55 -37.34 -20.09
CA LYS D 52 19.37 -38.45 -19.16
C LYS D 52 17.90 -38.46 -18.75
N TRP D 53 17.19 -39.52 -19.14
CA TRP D 53 15.78 -39.69 -18.85
C TRP D 53 15.59 -40.68 -17.72
N VAL D 54 14.85 -40.27 -16.68
CA VAL D 54 14.56 -41.12 -15.52
C VAL D 54 13.04 -41.32 -15.47
N PHE D 55 12.61 -42.56 -15.67
CA PHE D 55 11.18 -42.91 -15.66
C PHE D 55 10.86 -43.56 -14.33
N LEU D 56 10.28 -42.77 -13.42
CA LEU D 56 9.91 -43.31 -12.12
C LEU D 56 8.73 -44.25 -12.26
N GLY D 57 8.72 -45.26 -11.41
CA GLY D 57 7.65 -46.23 -11.37
C GLY D 57 7.22 -46.52 -9.95
N SER D 58 6.50 -47.62 -9.76
CA SER D 58 5.95 -47.96 -8.46
C SER D 58 7.05 -48.26 -7.43
N LYS D 59 8.13 -48.91 -7.86
CA LYS D 59 9.19 -49.32 -6.93
C LYS D 59 10.07 -48.18 -6.47
N ASP D 60 9.93 -46.98 -7.00
CA ASP D 60 10.93 -45.93 -6.78
C ASP D 60 10.67 -45.03 -5.58
N GLY D 61 9.52 -45.11 -4.92
CA GLY D 61 9.27 -44.31 -3.73
C GLY D 61 7.86 -43.77 -3.66
N ASP D 62 7.38 -43.58 -2.43
CA ASP D 62 6.03 -43.06 -2.20
C ASP D 62 6.04 -41.55 -2.41
N LEU D 63 5.63 -41.09 -3.59
CA LEU D 63 5.66 -39.66 -3.85
C LEU D 63 4.69 -38.90 -2.96
N ARG D 64 3.79 -39.60 -2.28
CA ARG D 64 2.91 -38.94 -1.31
C ARG D 64 3.66 -38.41 -0.09
N ASP D 65 4.81 -38.98 0.23
CA ASP D 65 5.61 -38.52 1.36
C ASP D 65 6.55 -37.40 0.95
N ALA D 66 6.52 -36.29 1.69
CA ALA D 66 7.32 -35.13 1.32
C ALA D 66 8.80 -35.46 1.35
N ASP D 67 9.25 -36.20 2.37
CA ASP D 67 10.65 -36.57 2.45
C ASP D 67 11.03 -37.54 1.34
N ALA D 68 10.20 -38.57 1.12
CA ALA D 68 10.50 -39.54 0.07
C ALA D 68 10.52 -38.88 -1.30
N CYS D 69 9.58 -37.96 -1.56
CA CYS D 69 9.52 -37.29 -2.85
C CYS D 69 10.78 -36.47 -3.14
N LYS D 70 11.42 -35.91 -2.11
CA LYS D 70 12.59 -35.07 -2.34
C LYS D 70 13.82 -35.85 -2.79
N GLN D 71 13.94 -37.13 -2.42
CA GLN D 71 15.19 -37.84 -2.67
C GLN D 71 15.55 -38.01 -4.14
N PRO D 72 14.64 -38.36 -5.06
CA PRO D 72 15.06 -38.40 -6.47
C PRO D 72 15.45 -37.03 -7.00
N PHE D 73 14.88 -35.95 -6.44
CA PHE D 73 15.29 -34.60 -6.83
C PHE D 73 16.70 -34.28 -6.33
N GLU D 74 16.98 -34.62 -5.08
CA GLU D 74 18.34 -34.44 -4.57
C GLU D 74 19.31 -35.34 -5.31
N LYS D 75 18.85 -36.53 -5.72
CA LYS D 75 19.73 -37.52 -6.34
C LYS D 75 19.99 -37.20 -7.81
N TYR D 76 18.97 -36.77 -8.55
CA TYR D 76 19.12 -36.58 -9.97
C TYR D 76 19.19 -35.13 -10.40
N ARG D 77 18.68 -34.22 -9.58
CA ARG D 77 18.68 -32.79 -9.87
C ARG D 77 18.20 -32.52 -11.30
N PRO D 78 16.94 -32.84 -11.60
CA PRO D 78 16.46 -32.70 -12.98
C PRO D 78 16.34 -31.25 -13.40
N THR D 79 16.55 -31.03 -14.70
CA THR D 79 16.32 -29.73 -15.32
C THR D 79 14.93 -29.62 -15.91
N TYR D 80 14.26 -30.75 -16.12
CA TYR D 80 12.91 -30.79 -16.63
C TYR D 80 12.17 -31.95 -15.97
N VAL D 81 10.86 -31.79 -15.79
CA VAL D 81 10.02 -32.79 -15.14
C VAL D 81 8.75 -32.97 -15.96
N ILE D 82 8.37 -34.23 -16.21
CA ILE D 82 7.08 -34.57 -16.79
C ILE D 82 6.31 -35.33 -15.73
N HIS D 83 5.29 -34.69 -15.18
CA HIS D 83 4.53 -35.24 -14.04
C HIS D 83 3.25 -35.90 -14.56
N LEU D 84 3.30 -37.22 -14.71
CA LEU D 84 2.17 -37.98 -15.22
C LEU D 84 1.46 -38.83 -14.19
N ALA D 85 2.05 -39.07 -13.02
CA ALA D 85 1.49 -39.97 -12.03
C ALA D 85 0.19 -39.41 -11.43
N ALA D 86 -0.74 -40.32 -11.12
CA ALA D 86 -1.94 -40.00 -10.37
C ALA D 86 -2.41 -41.27 -9.70
N PHE D 87 -3.17 -41.13 -8.60
CA PHE D 87 -3.74 -42.29 -7.94
C PHE D 87 -5.21 -42.43 -8.30
N VAL D 88 -5.57 -43.56 -8.90
CA VAL D 88 -6.94 -43.78 -9.40
C VAL D 88 -7.60 -45.10 -8.95
N ASN D 96 -10.69 -48.03 -1.82
CA ASN D 96 -11.04 -47.05 -2.85
C ASN D 96 -12.00 -45.95 -2.35
N PHE D 97 -11.73 -45.39 -1.17
CA PHE D 97 -12.53 -44.29 -0.65
C PHE D 97 -12.14 -42.97 -1.30
N LYS D 98 -13.12 -42.08 -1.44
CA LYS D 98 -12.84 -40.76 -2.00
C LYS D 98 -11.85 -39.97 -1.16
N VAL D 99 -11.94 -40.10 0.17
CA VAL D 99 -10.97 -39.48 1.07
C VAL D 99 -9.54 -39.83 0.65
N SER D 100 -9.27 -41.11 0.42
CA SER D 100 -7.92 -41.50 0.02
C SER D 100 -7.57 -40.93 -1.36
N PHE D 101 -8.52 -40.94 -2.29
CA PHE D 101 -8.24 -40.38 -3.61
C PHE D 101 -7.96 -38.88 -3.54
N TRP D 102 -8.63 -38.16 -2.64
CA TRP D 102 -8.30 -36.76 -2.46
C TRP D 102 -6.92 -36.60 -1.84
N LEU D 103 -6.68 -37.28 -0.71
CA LEU D 103 -5.43 -37.06 0.02
C LEU D 103 -4.22 -37.50 -0.79
N ASP D 104 -4.28 -38.71 -1.36
CA ASP D 104 -3.10 -39.26 -2.04
C ASP D 104 -2.72 -38.38 -3.23
N ASN D 105 -3.71 -37.93 -4.01
CA ASN D 105 -3.41 -37.08 -5.15
C ASN D 105 -2.99 -35.68 -4.70
N VAL D 106 -3.71 -35.10 -3.75
CA VAL D 106 -3.37 -33.74 -3.37
C VAL D 106 -2.00 -33.74 -2.71
N ASN D 107 -1.66 -34.78 -1.96
CA ASN D 107 -0.34 -34.84 -1.34
C ASN D 107 0.76 -34.98 -2.36
N MET D 108 0.63 -35.93 -3.29
CA MET D 108 1.64 -36.13 -4.33
C MET D 108 1.81 -34.87 -5.19
N ASN D 109 0.71 -34.28 -5.63
CA ASN D 109 0.82 -33.12 -6.51
C ASN D 109 1.49 -31.97 -5.77
N ASN D 110 1.09 -31.70 -4.53
CA ASN D 110 1.73 -30.65 -3.74
C ASN D 110 3.22 -30.90 -3.63
N ASN D 111 3.61 -32.15 -3.35
CA ASN D 111 5.03 -32.48 -3.18
C ASN D 111 5.83 -32.30 -4.48
N ILE D 112 5.35 -32.87 -5.58
CA ILE D 112 6.14 -32.85 -6.80
C ILE D 112 6.35 -31.43 -7.30
N LEU D 113 5.28 -30.63 -7.34
CA LEU D 113 5.45 -29.27 -7.82
C LEU D 113 6.36 -28.47 -6.89
N THR D 114 6.23 -28.69 -5.58
CA THR D 114 7.12 -28.00 -4.66
C THR D 114 8.57 -28.42 -4.88
N CYS D 115 8.80 -29.72 -5.11
CA CYS D 115 10.17 -30.13 -5.42
C CYS D 115 10.66 -29.47 -6.69
N CYS D 116 9.80 -29.36 -7.70
CA CYS D 116 10.18 -28.66 -8.92
C CYS D 116 10.64 -27.23 -8.63
N TYR D 117 9.84 -26.48 -7.87
CA TYR D 117 10.18 -25.09 -7.61
C TYR D 117 11.44 -24.96 -6.78
N ASP D 118 11.51 -25.69 -5.67
CA ASP D 118 12.66 -25.54 -4.77
C ASP D 118 13.96 -25.98 -5.45
N PHE D 119 13.89 -26.96 -6.35
CA PHE D 119 15.07 -27.45 -7.06
C PHE D 119 15.25 -26.75 -8.40
N GLY D 120 14.49 -25.70 -8.67
CA GLY D 120 14.72 -24.88 -9.86
C GLY D 120 14.56 -25.57 -11.19
N VAL D 121 13.59 -26.50 -11.28
CA VAL D 121 13.29 -27.14 -12.55
C VAL D 121 12.90 -26.09 -13.58
N LYS D 122 13.48 -26.17 -14.77
CA LYS D 122 13.24 -25.12 -15.76
C LYS D 122 11.80 -25.15 -16.25
N LYS D 123 11.29 -26.33 -16.59
CA LYS D 123 9.90 -26.46 -17.04
C LYS D 123 9.29 -27.76 -16.53
N THR D 124 8.05 -27.66 -16.04
CA THR D 124 7.30 -28.79 -15.52
C THR D 124 5.97 -28.91 -16.23
N ILE D 125 5.69 -30.10 -16.77
CA ILE D 125 4.43 -30.40 -17.45
C ILE D 125 3.71 -31.46 -16.62
N SER D 126 2.51 -31.11 -16.15
CA SER D 126 1.63 -32.01 -15.43
C SER D 126 0.53 -32.50 -16.36
N CYS D 127 -0.22 -33.47 -15.90
CA CYS D 127 -1.21 -34.13 -16.76
C CYS D 127 -2.57 -34.00 -16.09
N LEU D 128 -3.52 -33.42 -16.80
CA LEU D 128 -4.91 -33.42 -16.38
C LEU D 128 -5.67 -34.39 -17.27
N SER D 129 -6.95 -34.59 -17.00
CA SER D 129 -7.72 -35.51 -17.83
C SER D 129 -9.10 -34.92 -18.13
N THR D 130 -9.69 -35.43 -19.20
CA THR D 130 -10.97 -34.95 -19.69
C THR D 130 -12.06 -35.03 -18.62
N CYS D 131 -11.96 -35.97 -17.68
CA CYS D 131 -13.03 -36.22 -16.72
C CYS D 131 -13.06 -35.23 -15.55
N VAL D 132 -12.22 -34.18 -15.54
CA VAL D 132 -12.24 -33.20 -14.47
C VAL D 132 -12.98 -31.91 -14.85
N PHE D 133 -13.49 -31.82 -16.07
CA PHE D 133 -14.22 -30.64 -16.49
C PHE D 133 -15.61 -30.64 -15.83
N PRO D 134 -16.32 -29.51 -15.87
CA PRO D 134 -17.62 -29.44 -15.20
C PRO D 134 -18.64 -30.42 -15.78
N ASP D 135 -19.44 -31.00 -14.89
CA ASP D 135 -20.47 -31.93 -15.32
C ASP D 135 -21.45 -31.26 -16.27
N LYS D 136 -21.96 -30.09 -15.89
CA LYS D 136 -22.80 -29.28 -16.75
C LYS D 136 -21.87 -28.39 -17.55
N ILE D 137 -21.77 -28.66 -18.86
CA ILE D 137 -20.80 -27.98 -19.71
C ILE D 137 -21.36 -27.94 -21.12
N GLU D 138 -21.02 -26.90 -21.85
CA GLU D 138 -21.37 -26.82 -23.25
C GLU D 138 -20.22 -27.37 -24.07
N TYR D 139 -20.52 -28.31 -24.95
CA TYR D 139 -19.57 -28.94 -25.84
C TYR D 139 -19.38 -28.08 -27.08
N PRO D 140 -18.20 -28.10 -27.71
CA PRO D 140 -17.00 -28.87 -27.37
C PRO D 140 -16.24 -28.36 -26.16
N ILE D 141 -15.54 -29.29 -25.50
CA ILE D 141 -14.75 -28.95 -24.33
C ILE D 141 -13.55 -28.11 -24.74
N THR D 142 -13.36 -26.98 -24.07
CA THR D 142 -12.22 -26.12 -24.29
C THR D 142 -11.51 -25.87 -22.96
N GLU D 143 -10.23 -25.53 -23.06
CA GLU D 143 -9.39 -25.42 -21.87
C GLU D 143 -9.93 -24.38 -20.89
N GLU D 144 -10.50 -23.28 -21.40
CA GLU D 144 -10.97 -22.21 -20.53
C GLU D 144 -12.08 -22.68 -19.59
N LYS D 145 -12.77 -23.78 -19.90
CA LYS D 145 -13.93 -24.23 -19.13
C LYS D 145 -13.54 -25.10 -17.92
N LEU D 146 -12.24 -25.27 -17.67
CA LEU D 146 -11.77 -26.23 -16.66
C LEU D 146 -12.39 -25.98 -15.29
N HIS D 147 -12.43 -24.73 -14.84
CA HIS D 147 -12.88 -24.42 -13.48
C HIS D 147 -14.29 -23.85 -13.41
N GLU D 148 -15.04 -23.90 -14.51
CA GLU D 148 -16.35 -23.26 -14.57
C GLU D 148 -17.45 -24.20 -14.07
N GLY D 149 -17.36 -24.57 -12.80
CA GLY D 149 -18.41 -25.37 -12.19
C GLY D 149 -17.95 -26.73 -11.71
N PRO D 150 -18.80 -27.40 -10.93
CA PRO D 150 -18.37 -28.63 -10.26
C PRO D 150 -18.20 -29.79 -11.24
N PRO D 151 -17.25 -30.67 -10.98
CA PRO D 151 -17.13 -31.89 -11.78
C PRO D 151 -18.23 -32.87 -11.43
N HIS D 152 -18.29 -33.96 -12.17
CA HIS D 152 -19.26 -35.00 -11.88
C HIS D 152 -18.95 -35.64 -10.53
N PHE D 153 -20.01 -36.04 -9.81
CA PHE D 153 -19.85 -36.54 -8.45
C PHE D 153 -19.05 -37.84 -8.40
N SER D 154 -19.11 -38.64 -9.47
CA SER D 154 -18.56 -40.00 -9.43
C SER D 154 -17.08 -40.00 -9.08
N ASN D 155 -16.32 -39.10 -9.68
CA ASN D 155 -14.88 -39.09 -9.45
C ASN D 155 -14.43 -37.73 -8.97
N ASN D 156 -15.25 -37.07 -8.14
CA ASN D 156 -14.97 -35.66 -7.89
C ASN D 156 -13.78 -35.43 -6.97
N ALA D 157 -13.39 -36.40 -6.14
CA ALA D 157 -12.14 -36.25 -5.40
C ALA D 157 -10.95 -36.26 -6.34
N TYR D 158 -10.92 -37.22 -7.28
CA TYR D 158 -9.86 -37.22 -8.28
C TYR D 158 -9.90 -35.95 -9.12
N ALA D 159 -11.10 -35.54 -9.55
CA ALA D 159 -11.18 -34.36 -10.40
C ALA D 159 -10.64 -33.12 -9.68
N TYR D 160 -11.05 -32.87 -8.44
CA TYR D 160 -10.65 -31.63 -7.78
C TYR D 160 -9.14 -31.60 -7.53
N ALA D 161 -8.56 -32.72 -7.13
CA ALA D 161 -7.10 -32.79 -7.01
C ALA D 161 -6.43 -32.36 -8.30
N LYS D 162 -6.96 -32.80 -9.45
CA LYS D 162 -6.42 -32.35 -10.73
C LYS D 162 -6.64 -30.84 -10.90
N ARG D 163 -7.82 -30.34 -10.54
CA ARG D 163 -8.08 -28.91 -10.64
C ARG D 163 -7.06 -28.12 -9.82
N MET D 164 -6.74 -28.62 -8.63
CA MET D 164 -5.80 -27.93 -7.77
C MET D 164 -4.37 -28.15 -8.22
N LEU D 165 -4.12 -29.19 -9.01
CA LEU D 165 -2.82 -29.35 -9.65
C LEU D 165 -2.60 -28.23 -10.67
N ASP D 166 -3.62 -27.91 -11.47
CA ASP D 166 -3.51 -26.76 -12.37
C ASP D 166 -3.27 -25.46 -11.60
N MET D 167 -4.10 -25.20 -10.57
CA MET D 167 -4.00 -23.95 -9.82
C MET D 167 -2.64 -23.80 -9.14
N LEU D 168 -2.16 -24.86 -8.49
CA LEU D 168 -0.86 -24.77 -7.82
C LEU D 168 0.24 -24.46 -8.82
N GLY D 169 0.13 -24.95 -10.07
CA GLY D 169 1.11 -24.61 -11.08
C GLY D 169 1.15 -23.12 -11.38
N ARG D 170 -0.03 -22.51 -11.54
CA ARG D 170 -0.08 -21.07 -11.75
C ARG D 170 0.52 -20.33 -10.56
N TRP D 171 0.22 -20.81 -9.36
CA TRP D 171 0.69 -20.14 -8.15
C TRP D 171 2.20 -20.20 -8.03
N TYR D 172 2.81 -21.33 -8.39
CA TYR D 172 4.26 -21.36 -8.40
C TYR D 172 4.81 -20.48 -9.51
N ASN D 173 4.11 -20.36 -10.64
CA ASN D 173 4.49 -19.37 -11.65
C ASN D 173 4.44 -17.96 -11.09
N GLU D 174 3.40 -17.64 -10.32
CA GLU D 174 3.37 -16.31 -9.69
C GLU D 174 4.55 -16.15 -8.76
N LYS D 175 4.84 -17.17 -7.97
CA LYS D 175 5.97 -17.09 -7.04
C LYS D 175 7.28 -16.98 -7.80
N ALA D 176 7.44 -17.78 -8.87
CA ALA D 176 8.67 -17.73 -9.65
C ALA D 176 8.90 -16.32 -10.20
N VAL D 177 7.83 -15.65 -10.62
CA VAL D 177 7.92 -14.25 -11.02
C VAL D 177 8.39 -13.38 -9.85
N ASN D 178 7.68 -13.45 -8.73
CA ASN D 178 8.00 -12.59 -7.59
C ASN D 178 9.41 -12.82 -7.08
N GLU D 179 9.92 -14.04 -7.21
CA GLU D 179 11.27 -14.35 -6.75
C GLU D 179 12.29 -14.32 -7.85
N GLY D 180 11.89 -13.97 -9.08
CA GLY D 180 12.83 -13.90 -10.19
C GLY D 180 13.45 -15.22 -10.56
N LYS D 181 12.74 -16.32 -10.34
CA LYS D 181 13.24 -17.64 -10.67
C LYS D 181 12.72 -18.06 -12.04
N SER D 182 13.55 -18.81 -12.77
CA SER D 182 13.18 -19.28 -14.10
C SER D 182 12.57 -20.67 -13.95
N CYS D 183 11.31 -20.69 -13.52
CA CYS D 183 10.53 -21.91 -13.35
C CYS D 183 9.18 -21.73 -13.99
N LEU D 184 8.87 -22.58 -14.94
CA LEU D 184 7.61 -22.58 -15.64
C LEU D 184 6.85 -23.85 -15.32
N PHE D 185 5.55 -23.71 -15.12
CA PHE D 185 4.65 -24.82 -14.86
C PHE D 185 3.54 -24.77 -15.88
N THR D 186 3.28 -25.91 -16.53
CA THR D 186 2.18 -25.99 -17.47
C THR D 186 1.65 -27.43 -17.46
N SER D 187 0.69 -27.71 -18.32
CA SER D 187 0.05 -29.01 -18.32
C SER D 187 -0.59 -29.31 -19.67
N VAL D 188 -0.82 -30.60 -19.90
CA VAL D 188 -1.52 -31.08 -21.08
C VAL D 188 -2.77 -31.80 -20.63
N ILE D 189 -3.74 -31.89 -21.55
CA ILE D 189 -4.99 -32.61 -21.33
C ILE D 189 -5.12 -33.66 -22.42
N PRO D 190 -4.71 -34.91 -22.17
CA PRO D 190 -4.88 -35.96 -23.17
C PRO D 190 -6.30 -36.48 -23.17
N THR D 191 -6.81 -36.80 -24.36
CA THR D 191 -8.20 -37.20 -24.55
C THR D 191 -8.24 -38.60 -25.13
N ASN D 192 -8.78 -39.54 -24.35
CA ASN D 192 -8.99 -40.92 -24.75
C ASN D 192 -7.74 -41.53 -25.39
N LEU D 193 -6.74 -41.71 -24.53
CA LEU D 193 -5.52 -42.39 -24.95
C LEU D 193 -5.78 -43.88 -25.06
N PHE D 194 -5.06 -44.51 -25.99
CA PHE D 194 -5.03 -45.96 -26.11
C PHE D 194 -3.66 -46.32 -26.68
N GLY D 195 -3.26 -47.57 -26.48
CA GLY D 195 -2.02 -48.06 -27.05
C GLY D 195 -1.37 -49.15 -26.23
N PRO D 196 -0.11 -49.46 -26.56
CA PRO D 196 0.63 -50.44 -25.77
C PRO D 196 0.72 -50.01 -24.31
N HIS D 197 0.75 -51.02 -23.43
CA HIS D 197 0.89 -50.85 -21.98
C HIS D 197 -0.33 -50.24 -21.33
N ASP D 198 -1.48 -50.28 -22.01
CA ASP D 198 -2.75 -49.88 -21.44
C ASP D 198 -3.22 -50.89 -20.38
N ASN D 199 -4.36 -50.58 -19.75
CA ASN D 199 -5.05 -51.51 -18.86
C ASN D 199 -6.16 -52.22 -19.64
N PHE D 200 -6.03 -53.53 -19.80
CA PHE D 200 -6.93 -54.31 -20.64
C PHE D 200 -7.96 -55.07 -19.83
N ASN D 201 -8.16 -54.70 -18.57
CA ASN D 201 -9.21 -55.32 -17.76
C ASN D 201 -10.56 -54.95 -18.35
N VAL D 202 -11.35 -55.95 -18.69
CA VAL D 202 -12.60 -55.70 -19.39
C VAL D 202 -13.62 -54.99 -18.50
N GLU D 203 -13.59 -55.23 -17.19
CA GLU D 203 -14.55 -54.58 -16.30
C GLU D 203 -14.11 -53.18 -15.90
N ALA D 204 -12.82 -52.98 -15.63
CA ALA D 204 -12.32 -51.70 -15.12
C ALA D 204 -11.56 -50.86 -16.14
N GLY D 205 -11.28 -51.37 -17.33
CA GLY D 205 -10.57 -50.62 -18.33
C GLY D 205 -11.50 -49.79 -19.22
N HIS D 206 -10.89 -48.90 -20.00
CA HIS D 206 -11.62 -48.10 -20.97
C HIS D 206 -12.20 -48.99 -22.07
N VAL D 207 -13.14 -48.42 -22.83
CA VAL D 207 -13.91 -49.20 -23.80
C VAL D 207 -12.99 -49.85 -24.84
N LEU D 208 -12.04 -49.07 -25.36
CA LEU D 208 -11.20 -49.59 -26.45
C LEU D 208 -10.27 -50.70 -25.99
N PRO D 209 -9.46 -50.53 -24.94
CA PRO D 209 -8.64 -51.66 -24.49
C PRO D 209 -9.48 -52.81 -23.98
N GLY D 210 -10.63 -52.52 -23.39
CA GLY D 210 -11.52 -53.59 -22.96
C GLY D 210 -12.03 -54.40 -24.13
N LEU D 211 -12.40 -53.72 -25.21
CA LEU D 211 -12.88 -54.45 -26.40
C LEU D 211 -11.79 -55.32 -26.98
N MET D 212 -10.53 -54.84 -26.99
CA MET D 212 -9.43 -55.68 -27.44
C MET D 212 -9.34 -56.95 -26.60
N HIS D 213 -9.43 -56.83 -25.28
CA HIS D 213 -9.37 -58.03 -24.43
C HIS D 213 -10.59 -58.92 -24.65
N LYS D 214 -11.78 -58.32 -24.80
CA LYS D 214 -12.97 -59.10 -25.07
C LYS D 214 -12.84 -59.87 -26.38
N CYS D 215 -12.21 -59.27 -27.39
CA CYS D 215 -12.03 -59.93 -28.67
C CYS D 215 -11.04 -61.09 -28.56
N TYR D 216 -9.91 -60.86 -27.88
CA TYR D 216 -8.93 -61.92 -27.67
C TYR D 216 -9.55 -63.11 -26.94
N LYS D 217 -10.34 -62.84 -25.89
CA LYS D 217 -10.95 -63.92 -25.12
C LYS D 217 -11.96 -64.70 -25.96
N ALA D 218 -12.76 -64.01 -26.78
CA ALA D 218 -13.72 -64.72 -27.64
C ALA D 218 -13.03 -65.56 -28.70
N GLN D 219 -11.92 -65.06 -29.26
CA GLN D 219 -11.18 -65.78 -30.29
C GLN D 219 -10.53 -67.04 -29.75
N GLN D 220 -10.12 -67.04 -28.48
CA GLN D 220 -9.34 -68.18 -27.99
C GLN D 220 -10.22 -69.34 -27.56
N ASN D 221 -11.42 -69.05 -27.05
CA ASN D 221 -12.33 -70.06 -26.54
C ASN D 221 -13.45 -70.40 -27.53
N GLY D 222 -13.56 -69.66 -28.64
CA GLY D 222 -14.58 -69.89 -29.65
C GLY D 222 -15.81 -69.00 -29.53
N THR D 223 -16.06 -68.42 -28.36
CA THR D 223 -17.28 -67.66 -28.12
C THR D 223 -17.40 -66.47 -29.07
N ASP D 224 -18.61 -65.92 -29.14
CA ASP D 224 -18.83 -64.69 -29.87
C ASP D 224 -18.31 -63.51 -29.06
N PHE D 225 -18.07 -62.38 -29.75
CA PHE D 225 -17.52 -61.18 -29.13
C PHE D 225 -18.64 -60.18 -28.90
N VAL D 226 -19.02 -59.99 -27.65
CA VAL D 226 -20.15 -59.17 -27.28
C VAL D 226 -19.61 -57.81 -26.85
N VAL D 227 -20.07 -56.75 -27.51
CA VAL D 227 -19.69 -55.40 -27.12
C VAL D 227 -20.85 -54.89 -26.30
N PHE D 228 -20.60 -54.61 -25.02
CA PHE D 228 -21.65 -54.15 -24.09
C PHE D 228 -22.04 -52.73 -24.47
N GLY D 229 -22.99 -52.59 -25.39
CA GLY D 229 -23.49 -51.27 -25.74
C GLY D 229 -24.30 -51.34 -27.03
N SER D 230 -24.62 -50.16 -27.57
CA SER D 230 -25.30 -50.08 -28.86
C SER D 230 -24.37 -49.91 -30.07
N GLY D 231 -23.16 -49.43 -29.86
CA GLY D 231 -22.28 -49.12 -30.97
C GLY D 231 -22.53 -47.77 -31.62
N LYS D 232 -23.51 -47.01 -31.13
CA LYS D 232 -23.85 -45.73 -31.75
C LYS D 232 -22.96 -44.57 -31.30
N PRO D 233 -22.55 -44.46 -30.03
CA PRO D 233 -21.79 -43.28 -29.60
C PRO D 233 -20.46 -43.08 -30.32
N LEU D 234 -20.05 -41.81 -30.44
CA LEU D 234 -18.84 -41.38 -31.14
C LEU D 234 -17.86 -40.71 -30.17
N ARG D 235 -16.58 -41.06 -30.28
CA ARG D 235 -15.54 -40.48 -29.42
C ARG D 235 -14.26 -40.27 -30.22
N GLN D 236 -13.42 -39.38 -29.70
CA GLN D 236 -12.12 -39.07 -30.27
C GLN D 236 -11.04 -39.86 -29.51
N PHE D 237 -10.29 -40.68 -30.23
CA PHE D 237 -9.27 -41.54 -29.63
C PHE D 237 -7.89 -41.11 -30.08
N LEU D 238 -6.95 -41.03 -29.14
CA LEU D 238 -5.61 -40.56 -29.45
C LEU D 238 -4.60 -41.66 -29.19
N TYR D 239 -3.87 -42.05 -30.23
CA TYR D 239 -2.82 -43.03 -30.07
C TYR D 239 -1.79 -42.50 -29.07
N SER D 240 -1.36 -43.35 -28.13
CA SER D 240 -0.46 -42.86 -27.11
C SER D 240 0.85 -42.35 -27.71
N HIS D 241 1.32 -42.99 -28.78
CA HIS D 241 2.57 -42.55 -29.37
C HIS D 241 2.41 -41.17 -30.02
N ASP D 242 1.25 -40.87 -30.60
CA ASP D 242 1.00 -39.51 -31.05
C ASP D 242 1.05 -38.55 -29.87
N ALA D 243 0.36 -38.92 -28.77
CA ALA D 243 0.31 -38.07 -27.59
C ALA D 243 1.71 -37.83 -27.02
N ALA D 244 2.59 -38.83 -27.07
CA ALA D 244 3.94 -38.62 -26.57
C ALA D 244 4.71 -37.63 -27.45
N ARG D 245 4.51 -37.71 -28.76
CA ARG D 245 5.14 -36.73 -29.65
C ARG D 245 4.60 -35.33 -29.40
N MET D 246 3.29 -35.19 -29.22
CA MET D 246 2.72 -33.88 -28.90
C MET D 246 3.25 -33.37 -27.55
N LEU D 247 3.36 -34.27 -26.57
CA LEU D 247 3.89 -33.87 -25.27
C LEU D 247 5.33 -33.38 -25.38
N LEU D 248 6.15 -34.07 -26.16
CA LEU D 248 7.53 -33.62 -26.36
C LEU D 248 7.58 -32.28 -27.09
N TRP D 249 6.72 -32.09 -28.10
CA TRP D 249 6.66 -30.77 -28.74
C TRP D 249 6.30 -29.68 -27.74
N THR D 250 5.32 -29.94 -26.87
CA THR D 250 4.94 -28.92 -25.90
C THR D 250 6.08 -28.58 -24.97
N MET D 251 6.83 -29.60 -24.55
CA MET D 251 7.95 -29.35 -23.65
C MET D 251 8.97 -28.43 -24.29
N PHE D 252 9.22 -28.59 -25.59
CA PHE D 252 10.23 -27.79 -26.27
C PHE D 252 9.76 -26.40 -26.66
N ASN D 253 8.44 -26.19 -26.79
CA ASN D 253 7.93 -24.99 -27.44
C ASN D 253 6.89 -24.22 -26.65
N TYR D 254 6.06 -24.89 -25.86
CA TYR D 254 4.87 -24.27 -25.27
C TYR D 254 5.24 -23.54 -23.98
N GLN D 255 4.98 -22.22 -23.93
CA GLN D 255 5.35 -21.40 -22.79
C GLN D 255 4.18 -21.02 -21.88
N SER D 256 2.95 -21.12 -22.36
CA SER D 256 1.82 -20.64 -21.58
C SER D 256 1.51 -21.58 -20.42
N GLU D 257 1.04 -20.98 -19.32
CA GLU D 257 0.58 -21.73 -18.15
C GLU D 257 -0.80 -22.34 -18.35
N GLU D 258 -1.53 -21.93 -19.38
CA GLU D 258 -2.81 -22.55 -19.68
C GLU D 258 -2.59 -23.98 -20.12
N PRO D 259 -3.43 -24.91 -19.69
CA PRO D 259 -3.33 -26.28 -20.21
C PRO D 259 -3.61 -26.27 -21.71
N ILE D 260 -3.02 -27.23 -22.41
CA ILE D 260 -3.24 -27.41 -23.85
C ILE D 260 -3.79 -28.80 -24.07
N MET D 261 -4.91 -28.89 -24.77
CA MET D 261 -5.52 -30.18 -25.02
C MET D 261 -4.70 -30.98 -26.03
N LEU D 262 -4.55 -32.25 -25.76
CA LEU D 262 -3.97 -33.19 -26.70
C LEU D 262 -5.11 -34.11 -27.12
N CYS D 263 -5.59 -33.93 -28.35
CA CYS D 263 -6.70 -34.76 -28.86
C CYS D 263 -6.67 -34.76 -30.38
N VAL D 264 -7.38 -35.72 -30.99
CA VAL D 264 -7.56 -35.76 -32.44
C VAL D 264 -8.72 -34.87 -32.86
N SER D 265 -8.81 -34.59 -34.16
CA SER D 265 -9.80 -33.66 -34.68
C SER D 265 -11.20 -34.25 -34.55
N GLU D 266 -12.20 -33.37 -34.62
CA GLU D 266 -13.57 -33.86 -34.64
C GLU D 266 -13.81 -34.72 -35.86
N GLU D 267 -13.21 -34.35 -36.99
CA GLU D 267 -13.36 -35.11 -38.23
C GLU D 267 -12.86 -36.54 -38.09
N ASP D 268 -11.96 -36.80 -37.14
CA ASP D 268 -11.36 -38.10 -36.93
C ASP D 268 -12.05 -38.92 -35.85
N GLU D 269 -13.28 -38.55 -35.48
CA GLU D 269 -14.03 -39.34 -34.51
C GLU D 269 -14.37 -40.72 -35.08
N LYS D 270 -14.42 -41.72 -34.19
CA LYS D 270 -14.82 -43.06 -34.55
C LYS D 270 -16.06 -43.42 -33.76
N SER D 271 -16.91 -44.27 -34.34
CA SER D 271 -18.05 -44.74 -33.58
C SER D 271 -17.61 -45.86 -32.64
N ILE D 272 -18.41 -46.07 -31.60
CA ILE D 272 -18.13 -47.19 -30.69
C ILE D 272 -18.08 -48.48 -31.49
N GLY D 273 -18.99 -48.63 -32.46
CA GLY D 273 -18.95 -49.79 -33.35
C GLY D 273 -17.77 -49.78 -34.30
N GLN D 274 -17.45 -48.62 -34.88
CA GLN D 274 -16.29 -48.52 -35.76
C GLN D 274 -15.01 -48.94 -35.06
N VAL D 275 -14.84 -48.53 -33.80
CA VAL D 275 -13.65 -48.98 -33.07
C VAL D 275 -13.67 -50.51 -32.94
N ALA D 276 -14.83 -51.07 -32.59
CA ALA D 276 -14.90 -52.51 -32.38
C ALA D 276 -14.68 -53.30 -33.66
N GLN D 277 -15.22 -52.81 -34.79
CA GLN D 277 -15.00 -53.54 -36.04
C GLN D 277 -13.53 -53.53 -36.42
N THR D 278 -12.87 -52.38 -36.26
CA THR D 278 -11.44 -52.31 -36.54
C THR D 278 -10.65 -53.27 -35.65
N ILE D 279 -11.01 -53.38 -34.37
CA ILE D 279 -10.30 -54.29 -33.46
C ILE D 279 -10.43 -55.73 -33.94
N LYS D 280 -11.63 -56.13 -34.34
CA LYS D 280 -11.86 -57.50 -34.82
C LYS D 280 -10.98 -57.84 -36.02
N ASP D 281 -10.96 -56.95 -37.02
CA ASP D 281 -10.13 -57.20 -38.21
C ASP D 281 -8.66 -57.25 -37.85
N ALA D 282 -8.23 -56.38 -36.94
CA ALA D 282 -6.84 -56.39 -36.51
C ALA D 282 -6.44 -57.74 -35.95
N PHE D 283 -7.36 -58.43 -35.28
CA PHE D 283 -7.08 -59.71 -34.64
C PHE D 283 -7.04 -60.89 -35.62
N ASN D 284 -7.53 -60.72 -36.85
CA ASN D 284 -7.86 -61.78 -37.81
C ASN D 284 -9.06 -62.59 -37.32
N PHE D 285 -9.74 -62.17 -36.26
CA PHE D 285 -10.95 -62.78 -35.74
C PHE D 285 -11.99 -62.95 -36.86
N THR D 286 -12.42 -64.20 -37.07
CA THR D 286 -13.40 -64.51 -38.12
C THR D 286 -14.77 -64.89 -37.57
N GLY D 287 -14.93 -64.95 -36.25
CA GLY D 287 -16.19 -65.35 -35.66
C GLY D 287 -17.28 -64.30 -35.83
N ASN D 288 -18.34 -64.48 -35.05
CA ASN D 288 -19.47 -63.56 -35.08
C ASN D 288 -19.31 -62.51 -33.98
N MET D 289 -19.65 -61.26 -34.32
CA MET D 289 -19.61 -60.15 -33.38
C MET D 289 -21.00 -59.58 -33.20
N VAL D 290 -21.33 -59.19 -31.97
CA VAL D 290 -22.69 -58.80 -31.62
C VAL D 290 -22.63 -57.75 -30.50
N PHE D 291 -23.67 -56.92 -30.45
CA PHE D 291 -23.79 -55.85 -29.46
C PHE D 291 -24.92 -56.19 -28.48
N ASP D 292 -24.61 -56.16 -27.18
CA ASP D 292 -25.55 -56.55 -26.13
C ASP D 292 -26.30 -55.32 -25.68
N THR D 293 -27.52 -55.17 -26.19
CA THR D 293 -28.30 -53.99 -25.89
C THR D 293 -28.99 -54.06 -24.54
N SER D 294 -28.82 -55.16 -23.79
CA SER D 294 -29.23 -55.21 -22.38
C SER D 294 -28.80 -53.93 -21.67
N LYS D 295 -27.53 -53.55 -21.85
CA LYS D 295 -27.04 -52.27 -21.37
C LYS D 295 -27.43 -51.16 -22.34
N ALA D 296 -27.99 -50.07 -21.81
CA ALA D 296 -28.34 -48.94 -22.63
C ALA D 296 -27.08 -48.21 -23.09
N ASP D 297 -27.21 -47.49 -24.21
CA ASP D 297 -26.06 -46.85 -24.83
C ASP D 297 -25.57 -45.68 -23.98
N GLY D 298 -24.41 -45.14 -24.35
CA GLY D 298 -23.84 -43.99 -23.68
C GLY D 298 -24.29 -42.69 -24.30
N GLN D 299 -23.64 -41.61 -23.88
CA GLN D 299 -23.88 -40.31 -24.50
C GLN D 299 -23.30 -40.29 -25.89
N TYR D 300 -24.03 -39.66 -26.83
CA TYR D 300 -23.67 -39.67 -28.24
C TYR D 300 -22.28 -39.10 -28.49
N LYS D 301 -22.14 -37.78 -28.41
CA LYS D 301 -20.86 -37.11 -28.57
C LYS D 301 -20.52 -36.32 -27.32
N LYS D 302 -19.22 -36.28 -26.97
CA LYS D 302 -18.68 -35.53 -25.81
C LYS D 302 -17.40 -34.87 -26.35
N THR D 303 -17.60 -33.91 -27.26
CA THR D 303 -16.53 -33.47 -28.15
C THR D 303 -15.49 -32.62 -27.42
N SER D 304 -14.23 -32.93 -27.66
CA SER D 304 -13.12 -32.10 -27.20
C SER D 304 -12.56 -31.31 -28.37
N SER D 305 -11.95 -30.17 -28.06
CA SER D 305 -11.49 -29.22 -29.07
C SER D 305 -9.97 -29.24 -29.16
N ASN D 306 -9.46 -29.45 -30.38
CA ASN D 306 -8.02 -29.41 -30.64
C ASN D 306 -7.60 -28.06 -31.22
N ALA D 307 -8.44 -27.04 -31.06
CA ALA D 307 -8.21 -25.78 -31.75
C ALA D 307 -6.84 -25.21 -31.43
N LYS D 308 -6.38 -25.35 -30.18
CA LYS D 308 -5.12 -24.73 -29.82
C LYS D 308 -3.94 -25.41 -30.48
N PHE D 309 -3.87 -26.74 -30.38
CA PHE D 309 -2.73 -27.46 -30.96
C PHE D 309 -2.71 -27.32 -32.49
N LEU D 310 -3.86 -27.45 -33.15
CA LEU D 310 -3.89 -27.28 -34.59
C LEU D 310 -3.46 -25.86 -34.95
N ARG D 311 -3.84 -24.90 -34.11
CA ARG D 311 -3.46 -23.52 -34.33
C ARG D 311 -1.97 -23.30 -34.08
N LEU D 312 -1.40 -23.96 -33.08
CA LEU D 312 -0.02 -23.73 -32.70
C LEU D 312 0.99 -24.62 -33.42
N ASN D 313 0.59 -25.82 -33.88
CA ASN D 313 1.51 -26.75 -34.56
C ASN D 313 0.79 -27.41 -35.73
N PRO D 314 0.54 -26.66 -36.80
CA PRO D 314 -0.34 -27.17 -37.87
C PRO D 314 0.23 -28.28 -38.73
N THR D 315 1.54 -28.45 -38.80
CA THR D 315 2.10 -29.50 -39.64
C THR D 315 2.26 -30.82 -38.90
N PHE D 316 1.70 -30.94 -37.70
CA PHE D 316 1.86 -32.17 -36.93
C PHE D 316 1.05 -33.28 -37.58
N GLN D 317 1.66 -34.46 -37.73
CA GLN D 317 1.03 -35.58 -38.41
C GLN D 317 0.60 -36.64 -37.41
N TYR D 318 -0.69 -37.02 -37.48
CA TYR D 318 -1.26 -38.03 -36.62
C TYR D 318 -1.15 -39.41 -37.25
N THR D 319 -1.12 -40.46 -36.40
CA THR D 319 -1.17 -41.85 -36.84
C THR D 319 -2.61 -42.24 -37.20
N PRO D 320 -2.86 -42.76 -38.40
CA PRO D 320 -4.22 -43.22 -38.74
C PRO D 320 -4.73 -44.25 -37.75
N PHE D 321 -6.04 -44.16 -37.47
CA PHE D 321 -6.66 -45.01 -36.45
C PHE D 321 -6.37 -46.48 -36.71
N GLU D 322 -6.49 -46.91 -37.97
CA GLU D 322 -6.24 -48.31 -38.30
C GLU D 322 -4.79 -48.70 -38.01
N GLN D 323 -3.85 -47.81 -38.33
CA GLN D 323 -2.45 -48.10 -38.07
C GLN D 323 -2.19 -48.24 -36.57
N ALA D 324 -2.84 -47.40 -35.75
CA ALA D 324 -2.65 -47.49 -34.30
C ALA D 324 -3.30 -48.76 -33.72
N ILE D 325 -4.50 -49.09 -34.18
CA ILE D 325 -5.18 -50.30 -33.70
C ILE D 325 -4.40 -51.54 -34.10
N LYS D 326 -3.92 -51.61 -35.34
CA LYS D 326 -3.14 -52.76 -35.77
C LYS D 326 -1.88 -52.89 -34.94
N GLU D 327 -1.20 -51.77 -34.67
CA GLU D 327 -0.01 -51.81 -33.83
C GLU D 327 -0.36 -52.23 -32.40
N THR D 328 -1.45 -51.70 -31.83
CA THR D 328 -1.79 -52.02 -30.44
C THR D 328 -2.16 -53.49 -30.25
N VAL D 329 -2.93 -54.06 -31.18
CA VAL D 329 -3.28 -55.46 -31.03
C VAL D 329 -2.05 -56.35 -31.19
N GLN D 330 -1.15 -56.01 -32.12
CA GLN D 330 0.05 -56.83 -32.29
C GLN D 330 0.90 -56.81 -31.02
N TRP D 331 0.99 -55.65 -30.37
CA TRP D 331 1.69 -55.59 -29.09
C TRP D 331 0.97 -56.45 -28.04
N PHE D 332 -0.37 -56.35 -28.01
CA PHE D 332 -1.15 -57.14 -27.06
C PHE D 332 -0.97 -58.63 -27.29
N LEU D 333 -0.96 -59.07 -28.55
CA LEU D 333 -0.74 -60.47 -28.85
C LEU D 333 0.66 -60.91 -28.45
N GLU D 334 1.65 -60.05 -28.72
CA GLU D 334 3.03 -60.40 -28.39
C GLU D 334 3.29 -60.38 -26.88
N ASN D 335 2.52 -59.60 -26.12
CA ASN D 335 2.82 -59.42 -24.70
C ASN D 335 1.67 -59.76 -23.75
N TYR D 336 0.79 -60.68 -24.14
CA TYR D 336 -0.39 -60.93 -23.33
C TYR D 336 -0.04 -61.28 -21.89
N GLU D 337 1.02 -62.07 -21.69
CA GLU D 337 1.35 -62.52 -20.34
C GLU D 337 1.64 -61.33 -19.43
N THR D 338 2.28 -60.30 -19.97
CA THR D 338 2.73 -59.16 -19.20
C THR D 338 1.81 -57.94 -19.27
N ALA D 339 0.74 -57.99 -20.06
CA ALA D 339 -0.18 -56.87 -20.17
C ALA D 339 -1.02 -56.75 -18.91
N ARG D 340 -1.47 -55.54 -18.62
CA ARG D 340 -2.36 -55.33 -17.49
C ARG D 340 -3.76 -55.75 -17.90
N LYS D 341 -4.36 -56.64 -17.12
CA LYS D 341 -5.65 -57.23 -17.47
C LYS D 341 -6.57 -57.44 -16.25
N MET E 9 31.01 10.70 57.63
CA MET E 9 31.80 9.51 57.95
C MET E 9 31.07 8.50 58.84
N ALA E 10 29.91 8.88 59.40
CA ALA E 10 29.36 8.14 60.53
C ALA E 10 28.72 6.83 60.12
N GLN E 11 28.02 6.78 58.99
CA GLN E 11 27.28 5.58 58.61
C GLN E 11 28.02 4.76 57.56
N ARG E 12 27.80 3.44 57.59
CA ARG E 12 28.27 2.53 56.57
C ARG E 12 27.22 2.41 55.47
N GLU E 13 27.65 1.95 54.29
CA GLU E 13 26.70 1.85 53.18
C GLU E 13 25.56 0.90 53.50
N VAL E 14 25.78 -0.08 54.39
CA VAL E 14 24.76 -1.04 54.78
C VAL E 14 24.61 -1.05 56.30
N SER E 15 23.45 -1.51 56.75
CA SER E 15 23.19 -1.74 58.16
C SER E 15 23.78 -3.06 58.66
N ASP E 16 24.13 -3.11 59.93
CA ASP E 16 24.77 -4.30 60.49
C ASP E 16 23.89 -5.54 60.31
N GLN E 17 22.60 -5.40 60.56
CA GLN E 17 21.65 -6.47 60.29
C GLN E 17 20.58 -5.97 59.32
N PRO E 18 20.01 -6.86 58.51
CA PRO E 18 18.91 -6.45 57.64
C PRO E 18 17.70 -6.03 58.45
N ILE E 19 16.95 -5.08 57.90
CA ILE E 19 15.66 -4.75 58.48
C ILE E 19 14.75 -5.95 58.33
N THR E 20 14.00 -6.25 59.38
CA THR E 20 13.00 -7.31 59.31
C THR E 20 11.61 -6.68 59.32
N LEU E 21 10.83 -6.94 58.28
CA LEU E 21 9.47 -6.40 58.23
C LEU E 21 8.57 -7.15 59.18
N THR E 22 7.65 -6.43 59.82
CA THR E 22 6.61 -6.99 60.67
C THR E 22 5.26 -6.74 60.00
N GLN E 23 4.20 -7.28 60.61
CA GLN E 23 2.88 -7.06 60.05
C GLN E 23 2.40 -5.64 60.22
N ASP E 24 3.01 -4.86 61.09
CA ASP E 24 2.63 -3.47 61.24
C ASP E 24 3.24 -2.57 60.16
N ASP E 25 4.06 -3.11 59.28
CA ASP E 25 4.64 -2.31 58.21
C ASP E 25 3.63 -2.10 57.08
N VAL E 26 3.77 -0.96 56.42
CA VAL E 26 2.98 -0.61 55.24
C VAL E 26 3.97 -0.18 54.18
N ILE E 27 3.98 -0.86 53.04
CA ILE E 27 4.89 -0.56 51.94
C ILE E 27 4.05 -0.08 50.77
N LEU E 28 4.24 1.17 50.41
CA LEU E 28 3.55 1.79 49.31
C LEU E 28 4.48 1.72 48.09
N VAL E 29 3.95 1.24 46.97
CA VAL E 29 4.72 1.12 45.73
C VAL E 29 4.01 1.94 44.66
N THR E 30 4.65 3.03 44.23
CA THR E 30 4.17 3.78 43.07
C THR E 30 4.67 3.09 41.80
N GLY E 31 3.91 3.28 40.72
CA GLY E 31 4.20 2.58 39.48
C GLY E 31 4.25 1.09 39.67
N GLY E 32 3.44 0.56 40.59
CA GLY E 32 3.60 -0.82 40.96
C GLY E 32 3.00 -1.85 40.02
N THR E 33 2.31 -1.47 38.96
CA THR E 33 1.65 -2.43 38.08
C THR E 33 2.39 -2.68 36.78
N GLY E 34 3.61 -2.14 36.62
CA GLY E 34 4.44 -2.41 35.48
C GLY E 34 5.34 -3.63 35.67
N LEU E 35 6.31 -3.76 34.77
CA LEU E 35 7.19 -4.91 34.77
C LEU E 35 7.91 -5.06 36.11
N PHE E 36 8.54 -3.99 36.59
CA PHE E 36 9.33 -4.03 37.84
C PHE E 36 8.42 -4.25 39.04
N GLY E 37 7.33 -3.48 39.14
CA GLY E 37 6.41 -3.62 40.25
C GLY E 37 5.76 -4.99 40.32
N LYS E 38 5.43 -5.57 39.17
CA LYS E 38 4.85 -6.90 39.16
C LYS E 38 5.86 -7.93 39.62
N ALA E 39 7.13 -7.70 39.32
CA ALA E 39 8.15 -8.62 39.80
C ALA E 39 8.25 -8.55 41.32
N VAL E 40 8.14 -7.33 41.87
CA VAL E 40 8.19 -7.20 43.32
C VAL E 40 7.00 -7.89 43.94
N GLU E 41 5.82 -7.66 43.37
CA GLU E 41 4.64 -8.35 43.87
C GLU E 41 4.82 -9.84 43.81
N HIS E 42 5.48 -10.34 42.75
CA HIS E 42 5.69 -11.78 42.65
C HIS E 42 6.60 -12.27 43.76
N ILE E 43 7.72 -11.57 43.99
CA ILE E 43 8.69 -12.02 44.99
C ILE E 43 8.12 -11.91 46.40
N VAL E 44 7.42 -10.81 46.68
CA VAL E 44 6.79 -10.65 47.99
C VAL E 44 5.89 -11.85 48.29
N LYS E 45 5.08 -12.26 47.32
CA LYS E 45 4.22 -13.40 47.54
C LYS E 45 5.01 -14.69 47.62
N LYS E 46 6.00 -14.86 46.73
CA LYS E 46 6.74 -16.11 46.66
C LYS E 46 7.54 -16.37 47.93
N GLU E 47 8.17 -15.34 48.49
CA GLU E 47 9.00 -15.49 49.67
C GLU E 47 8.27 -15.18 50.96
N GLN E 48 6.96 -14.93 50.89
CA GLN E 48 6.12 -14.62 52.04
C GLN E 48 6.69 -13.46 52.86
N ILE E 49 7.05 -12.38 52.17
CA ILE E 49 7.53 -11.18 52.83
C ILE E 49 6.39 -10.58 53.65
N LYS E 50 6.70 -10.19 54.88
CA LYS E 50 5.68 -9.71 55.79
C LYS E 50 5.29 -8.28 55.42
N GLY E 51 4.23 -7.79 56.05
CA GLY E 51 3.83 -6.41 55.87
C GLY E 51 2.67 -6.25 54.91
N LYS E 52 2.04 -5.09 54.96
CA LYS E 52 0.96 -4.73 54.03
C LYS E 52 1.55 -3.98 52.84
N TRP E 53 1.47 -4.60 51.67
CA TRP E 53 2.01 -4.03 50.44
C TRP E 53 0.89 -3.44 49.60
N VAL E 54 1.04 -2.18 49.21
CA VAL E 54 0.06 -1.46 48.42
C VAL E 54 0.70 -1.13 47.08
N PHE E 55 0.17 -1.70 46.01
CA PHE E 55 0.70 -1.46 44.67
C PHE E 55 -0.22 -0.49 43.94
N LEU E 56 0.15 0.76 43.89
CA LEU E 56 -0.62 1.77 43.17
C LEU E 56 -0.48 1.59 41.66
N GLY E 57 -1.52 2.00 40.95
CA GLY E 57 -1.52 2.00 39.50
C GLY E 57 -2.03 3.32 38.96
N SER E 58 -2.33 3.39 37.66
CA SER E 58 -2.75 4.66 37.08
C SER E 58 -4.10 5.11 37.62
N LYS E 59 -4.99 4.17 37.91
CA LYS E 59 -6.32 4.49 38.39
C LYS E 59 -6.35 4.96 39.83
N ASP E 60 -5.24 4.95 40.56
CA ASP E 60 -5.27 5.22 41.99
C ASP E 60 -5.16 6.70 42.34
N GLY E 61 -4.84 7.55 41.39
CA GLY E 61 -4.77 8.99 41.64
C GLY E 61 -3.61 9.65 40.93
N ASP E 62 -3.80 10.92 40.56
CA ASP E 62 -2.77 11.68 39.85
C ASP E 62 -1.72 12.16 40.84
N LEU E 63 -0.59 11.43 40.90
CA LEU E 63 0.48 11.80 41.82
C LEU E 63 1.13 13.13 41.46
N ARG E 64 0.89 13.65 40.25
CA ARG E 64 1.40 14.97 39.92
C ARG E 64 0.73 16.06 40.75
N ASP E 65 -0.48 15.80 41.22
CA ASP E 65 -1.22 16.77 42.01
C ASP E 65 -0.85 16.60 43.47
N ALA E 66 -0.45 17.71 44.12
CA ALA E 66 0.05 17.62 45.48
C ALA E 66 -1.01 17.09 46.43
N ASP E 67 -2.24 17.51 46.25
CA ASP E 67 -3.31 17.05 47.12
C ASP E 67 -3.64 15.58 46.88
N ALA E 68 -3.76 15.17 45.61
CA ALA E 68 -4.03 13.76 45.31
C ALA E 68 -2.88 12.89 45.77
N CYS E 69 -1.65 13.34 45.56
CA CYS E 69 -0.50 12.54 45.97
C CYS E 69 -0.48 12.31 47.47
N LYS E 70 -0.98 13.26 48.24
CA LYS E 70 -1.01 13.13 49.69
C LYS E 70 -2.00 12.10 50.17
N GLN E 71 -3.00 11.77 49.36
CA GLN E 71 -4.10 10.92 49.81
C GLN E 71 -3.69 9.50 50.20
N PRO E 72 -2.91 8.75 49.40
CA PRO E 72 -2.53 7.40 49.84
C PRO E 72 -1.61 7.39 51.06
N PHE E 73 -0.84 8.46 51.27
CA PHE E 73 -0.04 8.56 52.48
C PHE E 73 -0.94 8.77 53.69
N GLU E 74 -1.94 9.62 53.55
CA GLU E 74 -2.87 9.85 54.65
C GLU E 74 -3.65 8.59 55.00
N LYS E 75 -4.02 7.79 54.00
CA LYS E 75 -4.84 6.60 54.25
C LYS E 75 -4.01 5.42 54.74
N TYR E 76 -2.80 5.23 54.20
CA TYR E 76 -2.02 4.02 54.50
C TYR E 76 -0.91 4.26 55.51
N ARG E 77 -0.43 5.49 55.65
CA ARG E 77 0.65 5.79 56.59
C ARG E 77 1.80 4.79 56.38
N PRO E 78 2.46 4.82 55.25
CA PRO E 78 3.51 3.82 54.98
C PRO E 78 4.72 4.02 55.86
N THR E 79 5.43 2.90 56.12
CA THR E 79 6.74 2.90 56.76
C THR E 79 7.89 2.79 55.75
N TYR E 80 7.60 2.32 54.54
CA TYR E 80 8.57 2.19 53.47
C TYR E 80 7.88 2.51 52.16
N VAL E 81 8.63 3.13 51.25
CA VAL E 81 8.10 3.50 49.95
C VAL E 81 9.08 3.06 48.87
N ILE E 82 8.55 2.39 47.85
CA ILE E 82 9.29 2.06 46.63
C ILE E 82 8.66 2.90 45.53
N HIS E 83 9.42 3.88 45.05
CA HIS E 83 8.90 4.87 44.10
C HIS E 83 9.43 4.49 42.70
N LEU E 84 8.58 3.82 41.90
CA LEU E 84 8.90 3.38 40.56
C LEU E 84 8.18 4.17 39.48
N ALA E 85 7.15 4.93 39.85
CA ALA E 85 6.32 5.62 38.86
C ALA E 85 7.09 6.67 38.07
N ALA E 86 6.76 6.77 36.78
CA ALA E 86 7.30 7.84 35.96
C ALA E 86 6.39 8.05 34.75
N PHE E 87 6.46 9.24 34.18
CA PHE E 87 5.72 9.57 32.98
C PHE E 87 6.64 9.45 31.79
N VAL E 88 6.28 8.57 30.86
CA VAL E 88 7.13 8.23 29.72
C VAL E 88 6.42 8.40 28.38
N GLY E 89 5.18 8.85 28.36
CA GLY E 89 4.57 9.20 27.10
C GLY E 89 3.25 8.54 26.78
N ASN E 94 -1.00 14.15 21.05
CA ASN E 94 0.42 14.45 21.04
C ASN E 94 0.86 14.82 22.46
N MET E 95 0.97 13.79 23.30
CA MET E 95 1.24 13.92 24.72
C MET E 95 2.74 13.99 25.05
N ASN E 96 3.60 13.83 24.04
CA ASN E 96 5.03 13.62 24.25
C ASN E 96 5.85 14.88 24.01
N PHE E 97 5.34 16.06 24.35
CA PHE E 97 6.19 17.23 24.38
C PHE E 97 7.20 17.10 25.53
N LYS E 98 8.40 17.61 25.31
CA LYS E 98 9.41 17.57 26.37
C LYS E 98 8.96 18.35 27.60
N VAL E 99 8.21 19.45 27.40
CA VAL E 99 7.65 20.21 28.51
C VAL E 99 6.93 19.29 29.50
N SER E 100 6.07 18.41 28.98
CA SER E 100 5.33 17.51 29.85
C SER E 100 6.24 16.53 30.56
N PHE E 101 7.24 15.99 29.86
CA PHE E 101 8.11 15.02 30.49
C PHE E 101 8.85 15.64 31.65
N TRP E 102 9.25 16.90 31.50
CA TRP E 102 9.90 17.59 32.61
C TRP E 102 8.89 17.91 33.70
N LEU E 103 7.79 18.57 33.35
CA LEU E 103 6.84 19.04 34.35
C LEU E 103 6.16 17.87 35.06
N ASP E 104 5.70 16.85 34.31
CA ASP E 104 4.98 15.77 34.98
C ASP E 104 5.89 14.98 35.92
N ASN E 105 7.13 14.72 35.53
CA ASN E 105 8.01 13.93 36.38
C ASN E 105 8.50 14.74 37.59
N VAL E 106 8.89 16.00 37.38
CA VAL E 106 9.46 16.77 38.48
C VAL E 106 8.40 17.06 39.53
N ASN E 107 7.15 17.32 39.11
CA ASN E 107 6.06 17.56 40.06
C ASN E 107 5.75 16.30 40.87
N MET E 108 5.56 15.17 40.18
CA MET E 108 5.31 13.92 40.90
C MET E 108 6.43 13.59 41.87
N ASN E 109 7.69 13.68 41.40
CA ASN E 109 8.81 13.32 42.28
C ASN E 109 8.86 14.24 43.49
N ASN E 110 8.69 15.54 43.28
CA ASN E 110 8.66 16.48 44.39
C ASN E 110 7.56 16.13 45.39
N ASN E 111 6.36 15.84 44.89
CA ASN E 111 5.24 15.50 45.77
C ASN E 111 5.52 14.23 46.58
N ILE E 112 6.00 13.17 45.90
CA ILE E 112 6.20 11.87 46.54
C ILE E 112 7.24 11.98 47.66
N LEU E 113 8.39 12.60 47.37
CA LEU E 113 9.45 12.66 48.37
C LEU E 113 9.04 13.56 49.55
N THR E 114 8.36 14.67 49.27
CA THR E 114 7.88 15.56 50.34
C THR E 114 6.91 14.82 51.24
N CYS E 115 5.99 14.05 50.64
CA CYS E 115 5.06 13.23 51.43
C CYS E 115 5.82 12.20 52.24
N CYS E 116 6.81 11.54 51.63
CA CYS E 116 7.61 10.57 52.36
C CYS E 116 8.23 11.22 53.58
N TYR E 117 8.84 12.39 53.40
CA TYR E 117 9.49 13.05 54.52
C TYR E 117 8.46 13.45 55.57
N ASP E 118 7.38 14.10 55.14
CA ASP E 118 6.37 14.62 56.06
C ASP E 118 5.68 13.51 56.85
N PHE E 119 5.47 12.34 56.26
CA PHE E 119 4.82 11.22 56.92
C PHE E 119 5.80 10.25 57.56
N GLY E 120 7.07 10.63 57.69
CA GLY E 120 8.05 9.87 58.43
C GLY E 120 8.38 8.50 57.89
N VAL E 121 8.33 8.32 56.56
CA VAL E 121 8.73 7.04 55.96
C VAL E 121 10.16 6.72 56.37
N LYS E 122 10.38 5.48 56.80
CA LYS E 122 11.70 5.09 57.28
C LYS E 122 12.73 5.04 56.15
N LYS E 123 12.38 4.41 55.04
CA LYS E 123 13.29 4.35 53.89
C LYS E 123 12.48 4.46 52.62
N THR E 124 12.99 5.25 51.67
CA THR E 124 12.35 5.50 50.38
C THR E 124 13.36 5.15 49.30
N ILE E 125 12.98 4.27 48.37
CA ILE E 125 13.85 3.89 47.27
C ILE E 125 13.22 4.34 45.98
N SER E 126 13.90 5.22 45.28
CA SER E 126 13.43 5.69 43.99
C SER E 126 14.20 4.95 42.90
N CYS E 127 13.81 5.17 41.67
CA CYS E 127 14.30 4.42 40.52
C CYS E 127 14.81 5.40 39.46
N LEU E 128 16.06 5.21 39.04
CA LEU E 128 16.66 5.92 37.92
C LEU E 128 16.85 4.95 36.76
N SER E 129 17.37 5.46 35.66
CA SER E 129 17.53 4.66 34.46
C SER E 129 18.94 4.85 33.89
N THR E 130 19.45 3.83 33.20
CA THR E 130 20.76 3.97 32.60
C THR E 130 20.82 5.13 31.61
N CYS E 131 19.69 5.47 30.98
CA CYS E 131 19.75 6.47 29.92
C CYS E 131 19.84 7.88 30.45
N VAL E 132 19.88 8.09 31.77
CA VAL E 132 20.00 9.44 32.29
C VAL E 132 21.45 9.80 32.59
N PHE E 133 22.39 8.90 32.32
CA PHE E 133 23.80 9.18 32.55
C PHE E 133 24.34 10.09 31.45
N PRO E 134 25.51 10.69 31.67
CA PRO E 134 26.05 11.62 30.67
C PRO E 134 26.33 10.90 29.35
N ASP E 135 26.07 11.61 28.26
CA ASP E 135 26.27 11.04 26.95
C ASP E 135 27.75 10.74 26.70
N LYS E 136 28.63 11.69 27.01
CA LYS E 136 30.08 11.49 26.92
C LYS E 136 30.55 10.89 28.24
N ILE E 137 30.97 9.62 28.22
CA ILE E 137 31.28 8.90 29.45
C ILE E 137 32.27 7.79 29.13
N GLU E 138 33.09 7.43 30.11
CA GLU E 138 34.01 6.31 29.98
C GLU E 138 33.36 5.07 30.55
N TYR E 139 33.41 4.06 29.84
CA TYR E 139 32.82 2.81 30.30
C TYR E 139 33.82 2.01 31.14
N PRO E 140 33.35 1.17 32.08
CA PRO E 140 31.94 0.92 32.42
C PRO E 140 31.31 2.04 33.23
N ILE E 141 30.00 2.20 33.07
CA ILE E 141 29.27 3.20 33.81
C ILE E 141 29.19 2.80 35.27
N THR E 142 29.53 3.74 36.15
CA THR E 142 29.50 3.61 37.61
C THR E 142 28.60 4.71 38.16
N GLU E 143 28.08 4.48 39.37
CA GLU E 143 27.06 5.38 39.91
C GLU E 143 27.58 6.81 40.08
N GLU E 144 28.85 6.98 40.48
CA GLU E 144 29.33 8.32 40.75
C GLU E 144 29.34 9.22 39.51
N LYS E 145 29.28 8.65 38.31
CA LYS E 145 29.33 9.48 37.11
C LYS E 145 27.99 10.08 36.77
N LEU E 146 26.97 9.85 37.60
CA LEU E 146 25.60 10.24 37.28
C LEU E 146 25.47 11.71 36.85
N HIS E 147 26.16 12.62 37.55
CA HIS E 147 25.99 14.05 37.31
C HIS E 147 27.14 14.67 36.52
N GLU E 148 28.00 13.85 35.91
CA GLU E 148 29.23 14.31 35.25
C GLU E 148 29.02 14.62 33.77
N GLY E 149 28.17 15.61 33.51
CA GLY E 149 27.93 16.05 32.16
C GLY E 149 26.49 15.83 31.74
N PRO E 150 26.11 16.45 30.63
CA PRO E 150 24.71 16.43 30.23
C PRO E 150 24.31 15.07 29.67
N PRO E 151 23.06 14.69 29.84
CA PRO E 151 22.58 13.46 29.21
C PRO E 151 22.44 13.65 27.72
N HIS E 152 22.12 12.56 27.02
CA HIS E 152 21.86 12.63 25.60
C HIS E 152 20.63 13.51 25.32
N PHE E 153 20.64 14.15 24.15
CA PHE E 153 19.61 15.13 23.82
C PHE E 153 18.22 14.54 23.72
N SER E 154 18.09 13.30 23.24
CA SER E 154 16.78 12.75 22.83
C SER E 154 15.79 12.71 23.98
N ASN E 155 16.21 12.28 25.17
CA ASN E 155 15.30 12.13 26.29
C ASN E 155 15.75 12.95 27.49
N ASN E 156 16.28 14.16 27.23
CA ASN E 156 16.94 14.91 28.30
C ASN E 156 15.97 15.53 29.30
N ALA E 157 14.71 15.73 28.93
CA ALA E 157 13.72 16.16 29.93
C ALA E 157 13.46 15.06 30.95
N TYR E 158 13.22 13.84 30.46
CA TYR E 158 13.05 12.71 31.37
C TYR E 158 14.32 12.49 32.17
N ALA E 159 15.49 12.61 31.52
CA ALA E 159 16.76 12.36 32.20
C ALA E 159 16.99 13.36 33.33
N TYR E 160 16.79 14.64 33.06
CA TYR E 160 17.06 15.65 34.09
C TYR E 160 16.06 15.54 35.23
N ALA E 161 14.80 15.23 34.93
CA ALA E 161 13.86 14.99 36.02
C ALA E 161 14.36 13.88 36.94
N LYS E 162 14.88 12.79 36.36
CA LYS E 162 15.47 11.71 37.16
C LYS E 162 16.65 12.20 37.97
N ARG E 163 17.51 13.03 37.38
CA ARG E 163 18.64 13.59 38.10
C ARG E 163 18.20 14.42 39.29
N MET E 164 17.15 15.22 39.13
CA MET E 164 16.71 16.03 40.23
C MET E 164 15.94 15.22 41.24
N LEU E 165 15.40 14.06 40.84
CA LEU E 165 14.90 13.12 41.83
C LEU E 165 16.02 12.60 42.72
N ASP E 166 17.17 12.27 42.13
CA ASP E 166 18.32 11.88 42.94
C ASP E 166 18.73 13.01 43.88
N MET E 167 18.89 14.22 43.37
CA MET E 167 19.36 15.33 44.20
C MET E 167 18.39 15.64 45.34
N LEU E 168 17.07 15.62 45.05
CA LEU E 168 16.08 15.92 46.08
C LEU E 168 16.12 14.92 47.22
N GLY E 169 16.43 13.65 46.93
CA GLY E 169 16.63 12.69 48.00
C GLY E 169 17.86 13.06 48.84
N ARG E 170 18.95 13.41 48.17
CA ARG E 170 20.10 13.84 48.95
C ARG E 170 19.74 15.03 49.83
N TRP E 171 18.94 15.95 49.29
CA TRP E 171 18.57 17.14 50.06
C TRP E 171 17.64 16.80 51.22
N TYR E 172 16.72 15.86 51.02
CA TYR E 172 15.90 15.43 52.14
C TYR E 172 16.72 14.67 53.18
N ASN E 173 17.73 13.88 52.78
CA ASN E 173 18.63 13.27 53.77
C ASN E 173 19.29 14.34 54.63
N GLU E 174 19.72 15.43 54.01
CA GLU E 174 20.30 16.54 54.75
C GLU E 174 19.30 17.12 55.75
N LYS E 175 18.04 17.29 55.31
CA LYS E 175 17.02 17.86 56.18
C LYS E 175 16.71 16.94 57.35
N ALA E 176 16.55 15.64 57.09
CA ALA E 176 16.24 14.68 58.16
C ALA E 176 17.35 14.64 59.21
N VAL E 177 18.61 14.63 58.78
CA VAL E 177 19.72 14.66 59.72
C VAL E 177 19.65 15.90 60.59
N ASN E 178 19.58 17.06 59.94
CA ASN E 178 19.53 18.32 60.67
C ASN E 178 18.32 18.38 61.59
N GLU E 179 17.22 17.71 61.23
CA GLU E 179 16.01 17.71 62.04
C GLU E 179 15.89 16.46 62.91
N GLY E 180 16.89 15.59 62.91
CA GLY E 180 16.82 14.42 63.77
C GLY E 180 15.71 13.46 63.45
N LYS E 181 15.27 13.38 62.20
CA LYS E 181 14.25 12.43 61.76
C LYS E 181 14.90 11.20 61.16
N SER E 182 14.22 10.06 61.33
CA SER E 182 14.69 8.79 60.80
C SER E 182 14.06 8.58 59.43
N CYS E 183 14.62 9.28 58.44
CA CYS E 183 14.15 9.22 57.07
C CYS E 183 15.35 9.10 56.13
N LEU E 184 15.40 8.01 55.36
CA LEU E 184 16.47 7.79 54.42
C LEU E 184 15.94 7.73 52.99
N PHE E 185 16.66 8.38 52.07
CA PHE E 185 16.31 8.39 50.66
C PHE E 185 17.49 7.87 49.84
N THR E 186 17.24 6.90 48.97
CA THR E 186 18.24 6.32 48.08
C THR E 186 17.54 5.88 46.79
N SER E 187 18.27 5.18 45.92
CA SER E 187 17.71 4.81 44.62
C SER E 187 18.47 3.62 44.04
N VAL E 188 17.79 2.94 43.10
CA VAL E 188 18.38 1.83 42.34
C VAL E 188 18.40 2.20 40.87
N ILE E 189 19.35 1.62 40.15
CA ILE E 189 19.45 1.84 38.71
C ILE E 189 19.34 0.49 38.02
N PRO E 190 18.13 0.07 37.64
CA PRO E 190 17.96 -1.20 36.94
C PRO E 190 18.37 -1.02 35.49
N THR E 191 18.95 -2.07 34.94
CA THR E 191 19.51 -2.04 33.59
C THR E 191 18.83 -3.12 32.77
N ASN E 192 18.15 -2.72 31.70
CA ASN E 192 17.56 -3.63 30.72
C ASN E 192 16.80 -4.78 31.40
N LEU E 193 15.72 -4.40 32.06
CA LEU E 193 14.82 -5.38 32.64
C LEU E 193 14.01 -6.03 31.54
N PHE E 194 13.68 -7.31 31.75
CA PHE E 194 12.73 -8.02 30.91
C PHE E 194 12.07 -9.06 31.78
N GLY E 195 10.91 -9.53 31.35
CA GLY E 195 10.21 -10.56 32.05
C GLY E 195 8.72 -10.48 31.88
N PRO E 196 7.97 -11.27 32.65
CA PRO E 196 6.52 -11.21 32.57
C PRO E 196 6.00 -9.82 32.83
N HIS E 197 4.87 -9.50 32.21
CA HIS E 197 4.19 -8.21 32.36
C HIS E 197 4.97 -7.07 31.73
N ASP E 198 5.91 -7.38 30.84
CA ASP E 198 6.61 -6.36 30.07
C ASP E 198 5.64 -5.70 29.09
N ASN E 199 6.14 -4.72 28.33
CA ASN E 199 5.38 -4.16 27.22
C ASN E 199 5.92 -4.83 25.95
N PHE E 200 5.07 -5.63 25.30
CA PHE E 200 5.50 -6.44 24.17
C PHE E 200 5.12 -5.83 22.84
N ASN E 201 4.75 -4.55 22.83
CA ASN E 201 4.45 -3.86 21.59
C ASN E 201 5.71 -3.74 20.72
N VAL E 202 5.62 -4.19 19.47
CA VAL E 202 6.81 -4.25 18.63
C VAL E 202 7.34 -2.86 18.31
N GLU E 203 6.46 -1.85 18.22
CA GLU E 203 6.94 -0.52 17.90
C GLU E 203 7.43 0.22 19.14
N ALA E 204 6.70 0.14 20.25
CA ALA E 204 7.03 0.94 21.41
C ALA E 204 7.69 0.16 22.52
N GLY E 205 7.76 -1.17 22.43
CA GLY E 205 8.37 -1.94 23.50
C GLY E 205 9.87 -2.06 23.34
N HIS E 206 10.53 -2.49 24.43
CA HIS E 206 11.96 -2.69 24.33
C HIS E 206 12.28 -3.80 23.34
N VAL E 207 13.56 -3.84 22.94
CA VAL E 207 13.97 -4.74 21.87
C VAL E 207 13.68 -6.19 22.24
N LEU E 208 13.99 -6.59 23.46
CA LEU E 208 13.85 -7.99 23.84
C LEU E 208 12.39 -8.45 23.91
N PRO E 209 11.48 -7.78 24.65
CA PRO E 209 10.07 -8.20 24.59
C PRO E 209 9.47 -8.07 23.22
N GLY E 210 9.91 -7.08 22.43
CA GLY E 210 9.44 -6.96 21.06
C GLY E 210 9.83 -8.16 20.21
N LEU E 211 11.07 -8.65 20.39
CA LEU E 211 11.51 -9.80 19.63
C LEU E 211 10.67 -11.03 19.94
N MET E 212 10.31 -11.19 21.22
CA MET E 212 9.41 -12.27 21.60
C MET E 212 8.10 -12.19 20.83
N HIS E 213 7.52 -10.99 20.77
CA HIS E 213 6.26 -10.82 20.07
C HIS E 213 6.41 -11.05 18.56
N LYS E 214 7.50 -10.54 17.98
CA LYS E 214 7.74 -10.79 16.56
C LYS E 214 7.87 -12.29 16.31
N CYS E 215 8.47 -13.03 17.25
CA CYS E 215 8.58 -14.47 17.09
C CYS E 215 7.22 -15.16 17.19
N TYR E 216 6.39 -14.72 18.15
CA TYR E 216 5.04 -15.26 18.25
C TYR E 216 4.26 -15.01 16.97
N LYS E 217 4.32 -13.78 16.46
CA LYS E 217 3.57 -13.42 15.26
C LYS E 217 4.07 -14.21 14.06
N ALA E 218 5.38 -14.40 13.94
CA ALA E 218 5.91 -15.19 12.84
C ALA E 218 5.46 -16.64 12.95
N GLN E 219 5.45 -17.17 14.18
CA GLN E 219 5.03 -18.54 14.39
C GLN E 219 3.53 -18.73 14.13
N GLN E 220 2.73 -17.70 14.39
CA GLN E 220 1.29 -17.81 14.21
C GLN E 220 0.87 -17.45 12.79
N ASN E 221 1.49 -16.43 12.21
CA ASN E 221 1.24 -16.12 10.80
C ASN E 221 1.76 -17.21 9.89
N GLY E 222 2.84 -17.88 10.28
CA GLY E 222 3.57 -18.73 9.36
C GLY E 222 4.66 -18.02 8.59
N THR E 223 5.08 -16.84 9.02
CA THR E 223 6.03 -16.02 8.28
C THR E 223 7.46 -16.29 8.78
N ASP E 224 8.36 -15.33 8.56
CA ASP E 224 9.76 -15.42 8.96
C ASP E 224 10.04 -14.50 10.15
N PHE E 225 11.26 -14.60 10.69
CA PHE E 225 11.65 -13.89 11.92
C PHE E 225 12.73 -12.87 11.57
N VAL E 226 12.34 -11.59 11.53
CA VAL E 226 13.23 -10.52 11.11
C VAL E 226 13.67 -9.74 12.35
N VAL E 227 14.98 -9.63 12.55
CA VAL E 227 15.57 -8.84 13.61
C VAL E 227 16.20 -7.58 13.00
N PHE E 228 15.77 -6.42 13.48
CA PHE E 228 16.23 -5.11 12.98
C PHE E 228 17.68 -4.87 13.37
N GLY E 229 18.60 -5.14 12.45
CA GLY E 229 20.02 -4.88 12.62
C GLY E 229 20.82 -6.07 12.19
N SER E 230 22.11 -6.07 12.50
CA SER E 230 22.93 -7.23 12.19
C SER E 230 22.89 -8.27 13.29
N GLY E 231 22.45 -7.90 14.49
CA GLY E 231 22.52 -8.79 15.62
C GLY E 231 23.81 -8.74 16.39
N LYS E 232 24.74 -7.85 16.02
CA LYS E 232 26.07 -7.76 16.61
C LYS E 232 26.11 -7.01 17.94
N PRO E 233 25.31 -5.95 18.16
CA PRO E 233 25.44 -5.19 19.41
C PRO E 233 25.22 -6.04 20.66
N LEU E 234 25.87 -5.63 21.73
CA LEU E 234 25.93 -6.36 22.99
C LEU E 234 25.25 -5.57 24.10
N ARG E 235 24.47 -6.28 24.93
CA ARG E 235 23.81 -5.67 26.08
C ARG E 235 23.79 -6.63 27.24
N GLN E 236 23.71 -6.07 28.45
CA GLN E 236 23.54 -6.82 29.68
C GLN E 236 22.07 -6.79 30.04
N PHE E 237 21.46 -7.96 30.17
CA PHE E 237 20.03 -8.13 30.40
C PHE E 237 19.75 -8.67 31.79
N LEU E 238 18.78 -8.06 32.48
CA LEU E 238 18.48 -8.42 33.86
C LEU E 238 17.04 -8.89 33.97
N TYR E 239 16.89 -10.15 34.39
CA TYR E 239 15.57 -10.70 34.62
C TYR E 239 14.86 -9.89 35.70
N SER E 240 13.60 -9.54 35.45
CA SER E 240 12.90 -8.68 36.41
C SER E 240 12.78 -9.33 37.78
N HIS E 241 12.62 -10.66 37.85
CA HIS E 241 12.49 -11.29 39.16
C HIS E 241 13.79 -11.17 39.97
N ASP E 242 14.94 -11.24 39.29
CA ASP E 242 16.22 -10.96 39.94
C ASP E 242 16.25 -9.52 40.43
N ALA E 243 15.83 -8.59 39.57
CA ALA E 243 15.84 -7.18 39.96
C ALA E 243 15.01 -6.97 41.21
N ALA E 244 13.88 -7.67 41.33
CA ALA E 244 13.03 -7.49 42.50
C ALA E 244 13.73 -8.00 43.76
N ARG E 245 14.41 -9.15 43.67
CA ARG E 245 15.18 -9.64 44.81
C ARG E 245 16.30 -8.67 45.18
N MET E 246 16.97 -8.09 44.18
CA MET E 246 18.00 -7.10 44.44
C MET E 246 17.44 -5.84 45.09
N LEU E 247 16.27 -5.41 44.64
CA LEU E 247 15.60 -4.25 45.22
C LEU E 247 15.20 -4.52 46.65
N LEU E 248 14.63 -5.70 46.93
CA LEU E 248 14.27 -6.01 48.31
C LEU E 248 15.50 -6.10 49.21
N TRP E 249 16.57 -6.71 48.71
CA TRP E 249 17.81 -6.72 49.49
C TRP E 249 18.24 -5.30 49.83
N THR E 250 18.12 -4.38 48.86
CA THR E 250 18.49 -2.98 49.06
C THR E 250 17.62 -2.34 50.14
N MET E 251 16.31 -2.59 50.10
CA MET E 251 15.41 -2.01 51.10
C MET E 251 15.78 -2.44 52.51
N PHE E 252 16.14 -3.71 52.68
CA PHE E 252 16.45 -4.24 54.01
C PHE E 252 17.85 -3.91 54.48
N ASN E 253 18.79 -3.57 53.59
CA ASN E 253 20.19 -3.51 54.00
C ASN E 253 20.92 -2.22 53.65
N TYR E 254 20.57 -1.60 52.51
CA TYR E 254 21.39 -0.56 51.89
C TYR E 254 21.04 0.80 52.47
N GLN E 255 22.02 1.46 53.08
CA GLN E 255 21.84 2.74 53.75
C GLN E 255 22.40 3.95 52.98
N SER E 256 23.24 3.72 51.99
CA SER E 256 23.92 4.84 51.34
C SER E 256 22.95 5.65 50.47
N GLU E 257 23.13 6.95 50.43
CA GLU E 257 22.30 7.73 49.52
C GLU E 257 22.76 7.62 48.08
N GLU E 258 23.95 7.08 47.82
CA GLU E 258 24.38 6.88 46.45
C GLU E 258 23.48 5.86 45.78
N PRO E 259 23.07 6.08 44.54
CA PRO E 259 22.31 5.03 43.85
C PRO E 259 23.15 3.76 43.74
N ILE E 260 22.47 2.64 43.58
CA ILE E 260 23.13 1.36 43.38
C ILE E 260 22.62 0.75 42.07
N MET E 261 23.55 0.36 41.20
CA MET E 261 23.19 -0.24 39.92
C MET E 261 22.64 -1.64 40.10
N LEU E 262 21.59 -1.95 39.36
CA LEU E 262 21.10 -3.32 39.29
C LEU E 262 21.37 -3.84 37.88
N CYS E 263 22.40 -4.69 37.76
CA CYS E 263 22.70 -5.25 36.46
C CYS E 263 23.46 -6.56 36.62
N VAL E 264 23.46 -7.34 35.52
CA VAL E 264 24.29 -8.54 35.43
C VAL E 264 25.71 -8.13 35.04
N SER E 265 26.66 -9.03 35.22
CA SER E 265 28.05 -8.68 35.00
C SER E 265 28.34 -8.46 33.53
N GLU E 266 29.46 -7.82 33.26
CA GLU E 266 29.87 -7.71 31.88
C GLU E 266 30.06 -9.08 31.26
N GLU E 267 30.52 -10.07 32.05
CA GLU E 267 30.73 -11.41 31.52
C GLU E 267 29.44 -12.04 31.01
N ASP E 268 28.29 -11.59 31.50
CA ASP E 268 27.00 -12.14 31.11
C ASP E 268 26.31 -11.36 30.00
N GLU E 269 27.03 -10.48 29.30
CA GLU E 269 26.44 -9.76 28.18
C GLU E 269 26.07 -10.72 27.06
N LYS E 270 25.02 -10.37 26.34
CA LYS E 270 24.57 -11.13 25.19
C LYS E 270 24.53 -10.22 23.96
N SER E 271 24.73 -10.81 22.78
CA SER E 271 24.48 -10.07 21.55
C SER E 271 23.00 -10.17 21.19
N ILE E 272 22.52 -9.21 20.40
CA ILE E 272 21.14 -9.24 19.96
C ILE E 272 20.82 -10.55 19.24
N GLY E 273 21.80 -11.06 18.48
CA GLY E 273 21.60 -12.35 17.83
C GLY E 273 21.44 -13.49 18.82
N GLN E 274 22.28 -13.51 19.87
CA GLN E 274 22.12 -14.51 20.91
C GLN E 274 20.75 -14.43 21.54
N VAL E 275 20.28 -13.21 21.80
CA VAL E 275 18.95 -13.04 22.39
C VAL E 275 17.88 -13.58 21.44
N ALA E 276 17.99 -13.24 20.16
CA ALA E 276 17.00 -13.69 19.19
C ALA E 276 17.08 -15.20 19.00
N GLN E 277 18.30 -15.76 18.98
CA GLN E 277 18.42 -17.20 18.85
C GLN E 277 17.81 -17.91 20.06
N THR E 278 18.11 -17.40 21.27
CA THR E 278 17.55 -17.97 22.48
C THR E 278 16.03 -17.91 22.45
N ILE E 279 15.46 -16.78 22.01
CA ILE E 279 14.02 -16.62 21.94
C ILE E 279 13.40 -17.62 20.97
N LYS E 280 14.03 -17.79 19.80
CA LYS E 280 13.50 -18.73 18.80
C LYS E 280 13.34 -20.11 19.40
N ASP E 281 14.39 -20.62 20.06
CA ASP E 281 14.29 -21.93 20.70
C ASP E 281 13.29 -21.94 21.83
N ALA E 282 13.14 -20.82 22.55
CA ALA E 282 12.14 -20.73 23.60
C ALA E 282 10.75 -20.98 23.05
N PHE E 283 10.40 -20.30 21.96
CA PHE E 283 9.15 -20.56 21.26
C PHE E 283 9.16 -21.86 20.46
N ASN E 284 10.30 -22.51 20.30
CA ASN E 284 10.44 -23.63 19.37
C ASN E 284 9.93 -23.22 17.98
N PHE E 285 10.65 -22.27 17.39
CA PHE E 285 10.33 -21.72 16.08
C PHE E 285 11.18 -22.41 15.03
N THR E 286 10.53 -23.02 14.04
CA THR E 286 11.23 -23.79 13.01
C THR E 286 11.48 -23.01 11.74
N GLY E 287 10.74 -21.92 11.52
CA GLY E 287 10.89 -21.13 10.32
C GLY E 287 12.24 -20.44 10.27
N ASN E 288 12.42 -19.65 9.22
CA ASN E 288 13.70 -18.98 9.02
C ASN E 288 13.82 -17.78 9.96
N MET E 289 15.08 -17.42 10.26
CA MET E 289 15.42 -16.24 11.04
C MET E 289 16.50 -15.49 10.28
N VAL E 290 16.26 -14.21 9.99
CA VAL E 290 17.18 -13.38 9.22
C VAL E 290 17.33 -12.05 9.92
N PHE E 291 18.47 -11.40 9.70
CA PHE E 291 18.79 -10.11 10.31
C PHE E 291 18.77 -9.03 9.23
N ASP E 292 17.96 -8.01 9.43
CA ASP E 292 17.75 -6.96 8.43
C ASP E 292 18.74 -5.83 8.68
N THR E 293 19.80 -5.78 7.87
CA THR E 293 20.87 -4.81 8.03
C THR E 293 20.53 -3.45 7.43
N SER E 294 19.48 -3.36 6.60
CA SER E 294 18.99 -2.06 6.18
C SER E 294 18.72 -1.16 7.38
N LYS E 295 18.36 -1.77 8.51
CA LYS E 295 18.38 -1.06 9.79
C LYS E 295 19.80 -1.07 10.33
N ALA E 296 20.34 0.12 10.62
CA ALA E 296 21.65 0.23 11.23
C ALA E 296 21.55 -0.11 12.71
N ASP E 297 22.40 -1.02 13.18
CA ASP E 297 22.33 -1.44 14.56
C ASP E 297 22.96 -0.39 15.48
N GLY E 298 22.45 -0.33 16.70
CA GLY E 298 22.76 0.76 17.62
C GLY E 298 24.20 0.86 18.11
N GLN E 299 24.40 1.42 19.29
CA GLN E 299 25.73 1.47 19.89
C GLN E 299 26.21 0.05 20.19
N TYR E 300 27.46 -0.24 19.82
CA TYR E 300 28.02 -1.59 19.93
C TYR E 300 27.91 -2.18 21.33
N LYS E 301 28.67 -1.66 22.29
CA LYS E 301 28.59 -2.04 23.70
C LYS E 301 28.29 -0.80 24.55
N LYS E 302 27.53 -0.98 25.65
CA LYS E 302 27.21 0.12 26.59
C LYS E 302 27.29 -0.44 28.04
N THR E 303 28.49 -0.76 28.47
CA THR E 303 28.67 -1.57 29.68
C THR E 303 28.40 -0.79 30.95
N SER E 304 27.57 -1.35 31.82
CA SER E 304 27.37 -0.86 33.18
C SER E 304 28.08 -1.77 34.17
N SER E 305 28.41 -1.22 35.34
CA SER E 305 29.25 -1.88 36.33
C SER E 305 28.39 -2.37 37.49
N ASN E 306 28.50 -3.65 37.81
CA ASN E 306 27.82 -4.21 38.97
C ASN E 306 28.76 -4.37 40.17
N ALA E 307 29.88 -3.64 40.18
CA ALA E 307 30.90 -3.80 41.22
C ALA E 307 30.35 -3.53 42.62
N LYS E 308 29.53 -2.49 42.78
CA LYS E 308 29.05 -2.15 44.12
C LYS E 308 28.13 -3.23 44.67
N PHE E 309 27.13 -3.67 43.89
CA PHE E 309 26.23 -4.70 44.37
C PHE E 309 26.97 -6.01 44.58
N LEU E 310 27.86 -6.35 43.64
CA LEU E 310 28.61 -7.59 43.78
C LEU E 310 29.48 -7.57 45.03
N ARG E 311 30.08 -6.41 45.34
CA ARG E 311 30.91 -6.29 46.53
C ARG E 311 30.07 -6.37 47.80
N LEU E 312 28.88 -5.77 47.80
CA LEU E 312 28.07 -5.72 49.00
C LEU E 312 27.24 -6.97 49.20
N ASN E 313 26.93 -7.70 48.13
CA ASN E 313 26.10 -8.91 48.20
C ASN E 313 26.71 -9.97 47.29
N PRO E 314 27.89 -10.48 47.64
CA PRO E 314 28.61 -11.36 46.71
C PRO E 314 27.96 -12.72 46.51
N THR E 315 27.17 -13.21 47.44
CA THR E 315 26.58 -14.52 47.33
C THR E 315 25.27 -14.51 46.55
N PHE E 316 24.94 -13.40 45.92
CA PHE E 316 23.67 -13.31 45.25
C PHE E 316 23.67 -14.19 44.02
N GLN E 317 22.58 -14.94 43.83
CA GLN E 317 22.45 -15.85 42.70
C GLN E 317 21.45 -15.32 41.68
N TYR E 318 21.90 -15.20 40.45
CA TYR E 318 21.14 -14.73 39.31
C TYR E 318 20.46 -15.89 38.57
N THR E 319 19.34 -15.58 37.93
CA THR E 319 18.67 -16.55 37.06
C THR E 319 19.44 -16.67 35.76
N PRO E 320 19.84 -17.86 35.35
CA PRO E 320 20.51 -17.98 34.05
C PRO E 320 19.62 -17.41 32.95
N PHE E 321 20.27 -16.74 31.98
CA PHE E 321 19.56 -16.07 30.89
C PHE E 321 18.63 -17.04 30.14
N GLU E 322 19.11 -18.25 29.84
CA GLU E 322 18.26 -19.20 29.12
C GLU E 322 17.02 -19.53 29.94
N GLN E 323 17.18 -19.69 31.25
CA GLN E 323 16.04 -19.97 32.11
C GLN E 323 15.10 -18.77 32.16
N ALA E 324 15.62 -17.56 32.17
CA ALA E 324 14.75 -16.40 32.26
C ALA E 324 13.92 -16.24 30.98
N ILE E 325 14.55 -16.43 29.83
CA ILE E 325 13.84 -16.30 28.55
C ILE E 325 12.74 -17.34 28.42
N LYS E 326 13.04 -18.59 28.79
CA LYS E 326 12.03 -19.65 28.73
C LYS E 326 10.84 -19.32 29.63
N GLU E 327 11.11 -18.82 30.83
CA GLU E 327 10.02 -18.47 31.74
C GLU E 327 9.17 -17.34 31.17
N THR E 328 9.80 -16.30 30.63
CA THR E 328 9.03 -15.18 30.10
C THR E 328 8.21 -15.61 28.90
N VAL E 329 8.78 -16.45 28.03
CA VAL E 329 8.05 -16.92 26.86
C VAL E 329 6.86 -17.78 27.29
N GLN E 330 7.06 -18.66 28.27
CA GLN E 330 5.91 -19.45 28.73
C GLN E 330 4.85 -18.54 29.36
N TRP E 331 5.27 -17.50 30.09
CA TRP E 331 4.30 -16.56 30.63
C TRP E 331 3.56 -15.86 29.50
N PHE E 332 4.29 -15.46 28.46
CA PHE E 332 3.70 -14.78 27.32
C PHE E 332 2.65 -15.65 26.64
N LEU E 333 2.97 -16.93 26.43
CA LEU E 333 2.02 -17.83 25.78
C LEU E 333 0.79 -18.10 26.64
N GLU E 334 0.98 -18.26 27.96
CA GLU E 334 -0.15 -18.53 28.81
C GLU E 334 -1.06 -17.32 29.00
N ASN E 335 -0.52 -16.10 28.85
CA ASN E 335 -1.27 -14.87 29.13
C ASN E 335 -1.31 -13.91 27.95
N TYR E 336 -1.20 -14.41 26.71
CA TYR E 336 -1.15 -13.51 25.56
C TYR E 336 -2.34 -12.57 25.52
N GLU E 337 -3.53 -13.06 25.88
CA GLU E 337 -4.72 -12.22 25.77
C GLU E 337 -4.57 -10.96 26.61
N THR E 338 -3.95 -11.08 27.77
CA THR E 338 -3.80 -9.98 28.70
C THR E 338 -2.42 -9.32 28.65
N ALA E 339 -1.52 -9.79 27.79
CA ALA E 339 -0.23 -9.12 27.76
C ALA E 339 -0.35 -7.79 27.04
N ARG E 340 0.51 -6.85 27.41
CA ARG E 340 0.51 -5.54 26.79
C ARG E 340 1.19 -5.63 25.44
N LYS E 341 0.53 -5.11 24.42
CA LYS E 341 0.98 -5.22 23.03
C LYS E 341 0.71 -3.92 22.30
N PRO F 18 15.85 44.80 14.60
CA PRO F 18 15.58 45.07 16.01
C PRO F 18 14.09 45.23 16.31
N ILE F 19 13.69 44.88 17.54
CA ILE F 19 12.32 45.06 18.00
C ILE F 19 11.96 46.53 18.16
N THR F 20 10.74 46.87 17.77
CA THR F 20 10.19 48.20 18.03
C THR F 20 9.09 48.04 19.09
N LEU F 21 9.24 48.73 20.22
CA LEU F 21 8.22 48.74 21.26
C LEU F 21 7.13 49.75 20.91
N THR F 22 5.89 49.39 21.17
CA THR F 22 4.76 50.30 21.01
C THR F 22 4.08 50.53 22.36
N GLN F 23 3.14 51.47 22.37
CA GLN F 23 2.33 51.73 23.56
C GLN F 23 1.31 50.64 23.81
N ASP F 24 1.02 49.79 22.82
CA ASP F 24 0.11 48.68 23.04
C ASP F 24 0.78 47.48 23.70
N ASP F 25 2.12 47.48 23.80
CA ASP F 25 2.87 46.40 24.42
C ASP F 25 2.89 46.56 25.93
N VAL F 26 2.95 45.43 26.65
CA VAL F 26 3.05 45.38 28.11
C VAL F 26 4.18 44.45 28.52
N ILE F 27 5.11 44.96 29.35
CA ILE F 27 6.29 44.21 29.78
C ILE F 27 6.19 43.93 31.30
N LEU F 28 6.14 42.64 31.67
CA LEU F 28 6.09 42.19 33.07
C LEU F 28 7.49 41.80 33.54
N VAL F 29 7.89 42.31 34.70
CA VAL F 29 9.22 42.08 35.28
C VAL F 29 9.09 41.47 36.67
N THR F 30 9.61 40.24 36.84
CA THR F 30 9.75 39.64 38.15
C THR F 30 11.02 40.15 38.83
N GLY F 31 11.02 40.15 40.16
CA GLY F 31 12.16 40.69 40.89
C GLY F 31 12.49 42.11 40.48
N GLY F 32 11.46 42.89 40.18
CA GLY F 32 11.64 44.17 39.56
C GLY F 32 12.02 45.29 40.49
N THR F 33 12.07 45.05 41.79
CA THR F 33 12.38 46.09 42.76
C THR F 33 13.78 45.98 43.33
N GLY F 34 14.59 45.06 42.83
CA GLY F 34 15.96 44.92 43.28
C GLY F 34 16.91 45.82 42.51
N LEU F 35 18.20 45.52 42.66
CA LEU F 35 19.25 46.30 42.01
C LEU F 35 19.04 46.33 40.51
N PHE F 36 18.86 45.15 39.90
CA PHE F 36 18.70 45.08 38.45
C PHE F 36 17.40 45.73 38.00
N GLY F 37 16.30 45.46 38.70
CA GLY F 37 15.02 46.02 38.32
C GLY F 37 15.01 47.54 38.32
N LYS F 38 15.64 48.15 39.32
CA LYS F 38 15.70 49.61 39.36
C LYS F 38 16.53 50.14 38.21
N ALA F 39 17.57 49.40 37.78
CA ALA F 39 18.34 49.82 36.61
C ALA F 39 17.49 49.70 35.34
N VAL F 40 16.63 48.70 35.26
CA VAL F 40 15.66 48.64 34.16
C VAL F 40 14.69 49.80 34.25
N GLU F 41 14.17 50.07 35.44
CA GLU F 41 13.24 51.18 35.65
C GLU F 41 13.89 52.53 35.29
N HIS F 42 15.17 52.70 35.60
CA HIS F 42 15.85 53.95 35.28
C HIS F 42 16.00 54.15 33.78
N ILE F 43 16.55 53.16 33.09
CA ILE F 43 16.83 53.32 31.67
C ILE F 43 15.53 53.46 30.87
N VAL F 44 14.48 52.73 31.26
CA VAL F 44 13.20 52.85 30.57
C VAL F 44 12.73 54.30 30.57
N LYS F 45 12.85 54.99 31.70
CA LYS F 45 12.49 56.40 31.76
C LYS F 45 13.52 57.25 31.03
N LYS F 46 14.81 56.95 31.21
CA LYS F 46 15.87 57.76 30.62
C LYS F 46 15.86 57.67 29.09
N GLU F 47 15.57 56.51 28.53
CA GLU F 47 15.57 56.34 27.09
C GLU F 47 14.18 56.42 26.49
N GLN F 48 13.15 56.71 27.29
CA GLN F 48 11.77 56.83 26.82
C GLN F 48 11.33 55.59 26.03
N ILE F 49 11.59 54.41 26.61
CA ILE F 49 11.15 53.14 26.01
C ILE F 49 9.64 53.03 26.12
N LYS F 50 9.01 52.53 25.05
CA LYS F 50 7.56 52.48 24.99
C LYS F 50 7.02 51.37 25.88
N GLY F 51 5.70 51.38 26.07
CA GLY F 51 5.00 50.32 26.74
C GLY F 51 4.71 50.63 28.20
N LYS F 52 3.73 49.90 28.74
CA LYS F 52 3.40 49.94 30.16
C LYS F 52 4.27 48.91 30.87
N TRP F 53 5.13 49.36 31.77
CA TRP F 53 6.05 48.48 32.47
C TRP F 53 5.47 48.15 33.84
N VAL F 54 5.32 46.86 34.12
CA VAL F 54 4.78 46.41 35.39
C VAL F 54 5.90 45.65 36.10
N PHE F 55 6.32 46.17 37.25
CA PHE F 55 7.35 45.57 38.08
C PHE F 55 6.64 44.89 39.25
N LEU F 56 6.50 43.57 39.16
CA LEU F 56 5.67 42.84 40.10
C LEU F 56 6.23 42.88 41.51
N GLY F 57 5.32 42.78 42.50
CA GLY F 57 5.74 42.76 43.89
C GLY F 57 5.10 41.74 44.80
N SER F 58 5.32 41.90 46.12
CA SER F 58 4.90 40.89 47.08
C SER F 58 3.39 40.76 47.17
N LYS F 59 2.67 41.89 47.10
CA LYS F 59 1.22 41.86 47.25
C LYS F 59 0.51 41.31 46.02
N ASP F 60 1.23 41.10 44.92
CA ASP F 60 0.63 40.75 43.65
C ASP F 60 0.44 39.25 43.50
N GLY F 61 1.04 38.47 44.37
CA GLY F 61 0.86 37.03 44.38
C GLY F 61 2.14 36.29 44.67
N ASP F 62 2.00 35.12 45.27
CA ASP F 62 3.13 34.21 45.50
C ASP F 62 3.36 33.46 44.19
N LEU F 63 4.38 33.88 43.43
CA LEU F 63 4.62 33.28 42.12
C LEU F 63 4.97 31.80 42.21
N ARG F 64 5.30 31.29 43.39
CA ARG F 64 5.49 29.85 43.52
C ARG F 64 4.17 29.10 43.34
N ASP F 65 3.04 29.76 43.60
CA ASP F 65 1.72 29.15 43.48
C ASP F 65 1.20 29.28 42.05
N ALA F 66 0.78 28.14 41.48
CA ALA F 66 0.38 28.11 40.08
C ALA F 66 -0.85 28.99 39.81
N ASP F 67 -1.86 28.90 40.67
CA ASP F 67 -3.05 29.73 40.47
C ASP F 67 -2.74 31.20 40.73
N ALA F 68 -2.04 31.49 41.82
CA ALA F 68 -1.70 32.87 42.11
C ALA F 68 -0.81 33.45 41.02
N CYS F 69 0.13 32.65 40.52
CA CYS F 69 1.03 33.12 39.48
C CYS F 69 0.27 33.51 38.22
N LYS F 70 -0.83 32.80 37.91
CA LYS F 70 -1.64 33.12 36.74
C LYS F 70 -2.41 34.42 36.93
N GLN F 71 -2.65 34.84 38.17
CA GLN F 71 -3.51 36.00 38.43
C GLN F 71 -2.96 37.31 37.84
N PRO F 72 -1.68 37.66 38.00
CA PRO F 72 -1.20 38.90 37.34
C PRO F 72 -1.17 38.78 35.83
N PHE F 73 -1.00 37.58 35.28
CA PHE F 73 -1.08 37.42 33.83
C PHE F 73 -2.50 37.65 33.33
N GLU F 74 -3.50 37.13 34.04
CA GLU F 74 -4.90 37.32 33.66
C GLU F 74 -5.31 38.77 33.73
N LYS F 75 -4.77 39.52 34.68
CA LYS F 75 -5.18 40.90 34.86
C LYS F 75 -4.49 41.83 33.87
N TYR F 76 -3.22 41.57 33.53
CA TYR F 76 -2.44 42.52 32.75
C TYR F 76 -2.13 42.10 31.32
N ARG F 77 -2.16 40.79 30.99
CA ARG F 77 -1.90 40.29 29.64
C ARG F 77 -0.61 40.84 29.01
N PRO F 78 0.57 40.47 29.53
CA PRO F 78 1.82 41.04 29.02
C PRO F 78 2.22 40.57 27.62
N THR F 79 2.97 41.43 26.90
CA THR F 79 3.55 41.08 25.62
C THR F 79 5.02 40.64 25.70
N TYR F 80 5.72 41.01 26.75
CA TYR F 80 7.10 40.59 26.98
C TYR F 80 7.27 40.40 28.47
N VAL F 81 8.17 39.50 28.87
CA VAL F 81 8.38 39.19 30.29
C VAL F 81 9.88 39.17 30.60
N ILE F 82 10.27 39.79 31.71
CA ILE F 82 11.62 39.68 32.24
C ILE F 82 11.57 38.99 33.60
N HIS F 83 12.13 37.80 33.66
CA HIS F 83 12.04 36.99 34.86
C HIS F 83 13.37 37.11 35.60
N LEU F 84 13.40 37.95 36.65
CA LEU F 84 14.61 38.12 37.48
C LEU F 84 14.49 37.54 38.88
N ALA F 85 13.29 37.21 39.34
CA ALA F 85 13.11 36.74 40.70
C ALA F 85 13.77 35.38 40.92
N ALA F 86 14.36 35.20 42.10
CA ALA F 86 14.90 33.91 42.53
C ALA F 86 14.99 33.92 44.04
N PHE F 87 15.01 32.75 44.64
CA PHE F 87 15.22 32.65 46.08
C PHE F 87 16.67 32.25 46.30
N VAL F 88 17.45 33.16 46.88
CA VAL F 88 18.90 32.99 46.99
C VAL F 88 19.41 33.16 48.41
N ASN F 96 15.20 27.64 54.71
CA ASN F 96 16.66 27.75 54.70
C ASN F 96 17.33 26.38 54.38
N PHE F 97 16.54 25.31 54.37
CA PHE F 97 17.01 24.02 53.87
C PHE F 97 17.14 24.05 52.35
N LYS F 98 18.08 23.24 51.84
CA LYS F 98 18.25 23.12 50.40
C LYS F 98 16.97 22.64 49.74
N VAL F 99 16.23 21.77 50.43
CA VAL F 99 14.91 21.33 50.00
C VAL F 99 14.02 22.52 49.68
N SER F 100 14.00 23.50 50.57
CA SER F 100 13.15 24.67 50.35
C SER F 100 13.63 25.46 49.15
N PHE F 101 14.94 25.63 49.01
CA PHE F 101 15.46 26.37 47.87
C PHE F 101 15.19 25.68 46.55
N TRP F 102 15.20 24.34 46.54
CA TRP F 102 14.85 23.62 45.32
C TRP F 102 13.40 23.84 44.97
N LEU F 103 12.50 23.60 45.95
CA LEU F 103 11.07 23.66 45.67
C LEU F 103 10.63 25.06 45.30
N ASP F 104 11.06 26.08 46.05
CA ASP F 104 10.63 27.45 45.81
C ASP F 104 11.08 27.95 44.45
N ASN F 105 12.33 27.66 44.08
CA ASN F 105 12.84 28.13 42.79
C ASN F 105 12.26 27.33 41.63
N VAL F 106 12.22 26.01 41.72
CA VAL F 106 11.76 25.28 40.54
C VAL F 106 10.28 25.54 40.31
N ASN F 107 9.49 25.67 41.38
CA ASN F 107 8.06 25.92 41.21
C ASN F 107 7.83 27.28 40.58
N MET F 108 8.46 28.32 41.13
CA MET F 108 8.34 29.64 40.52
C MET F 108 8.75 29.61 39.06
N ASN F 109 9.87 28.93 38.76
CA ASN F 109 10.35 28.89 37.37
C ASN F 109 9.38 28.15 36.47
N ASN F 110 8.87 27.00 36.91
CA ASN F 110 7.90 26.26 36.11
C ASN F 110 6.67 27.11 35.83
N ASN F 111 6.14 27.78 36.85
CA ASN F 111 4.95 28.62 36.68
C ASN F 111 5.21 29.77 35.71
N ILE F 112 6.31 30.49 35.91
CA ILE F 112 6.55 31.68 35.10
C ILE F 112 6.67 31.31 33.63
N LEU F 113 7.50 30.32 33.33
CA LEU F 113 7.70 29.94 31.94
C LEU F 113 6.43 29.37 31.35
N THR F 114 5.68 28.61 32.14
CA THR F 114 4.41 28.08 31.66
C THR F 114 3.41 29.20 31.37
N CYS F 115 3.34 30.20 32.26
CA CYS F 115 2.45 31.33 32.05
C CYS F 115 2.83 32.13 30.82
N CYS F 116 4.13 32.34 30.60
CA CYS F 116 4.56 33.02 29.39
C CYS F 116 4.01 32.31 28.16
N TYR F 117 4.16 30.99 28.12
CA TYR F 117 3.67 30.23 26.96
C TYR F 117 2.16 30.27 26.87
N ASP F 118 1.46 29.97 27.98
CA ASP F 118 0.01 29.87 27.92
C ASP F 118 -0.63 31.19 27.54
N PHE F 119 -0.03 32.31 27.96
CA PHE F 119 -0.57 33.62 27.63
C PHE F 119 0.11 34.22 26.40
N GLY F 120 0.88 33.43 25.66
CA GLY F 120 1.43 33.85 24.39
C GLY F 120 2.37 35.03 24.44
N VAL F 121 3.15 35.18 25.53
CA VAL F 121 4.15 36.23 25.58
C VAL F 121 5.12 36.05 24.42
N LYS F 122 5.39 37.15 23.72
CA LYS F 122 6.20 37.05 22.51
C LYS F 122 7.64 36.65 22.84
N LYS F 123 8.24 37.31 23.83
CA LYS F 123 9.59 36.95 24.22
C LYS F 123 9.74 37.03 25.73
N THR F 124 10.43 36.04 26.31
CA THR F 124 10.69 35.97 27.74
C THR F 124 12.19 35.82 27.97
N ILE F 125 12.76 36.72 28.76
CA ILE F 125 14.18 36.72 29.10
C ILE F 125 14.30 36.44 30.60
N SER F 126 15.03 35.37 30.93
CA SER F 126 15.32 34.99 32.30
C SER F 126 16.77 35.31 32.64
N CYS F 127 17.09 35.14 33.92
CA CYS F 127 18.37 35.53 34.48
C CYS F 127 19.01 34.33 35.18
N LEU F 128 20.23 34.01 34.78
CA LEU F 128 21.06 33.05 35.47
C LEU F 128 22.13 33.82 36.21
N SER F 129 23.10 33.11 36.79
CA SER F 129 24.19 33.79 37.45
C SER F 129 25.45 32.97 37.26
N THR F 130 26.59 33.58 37.63
CA THR F 130 27.89 32.98 37.37
C THR F 130 28.12 31.72 38.20
N CYS F 131 27.52 31.63 39.40
CA CYS F 131 27.76 30.52 40.32
C CYS F 131 26.98 29.27 39.96
N VAL F 132 26.27 29.27 38.83
CA VAL F 132 25.51 28.10 38.42
C VAL F 132 26.33 27.21 37.49
N PHE F 133 27.55 27.60 37.14
CA PHE F 133 28.45 26.85 36.30
C PHE F 133 29.12 25.70 37.05
N PRO F 134 29.74 24.76 36.33
CA PRO F 134 30.37 23.63 36.99
C PRO F 134 31.52 24.04 37.90
N ASP F 135 31.64 23.36 39.03
CA ASP F 135 32.74 23.62 39.94
C ASP F 135 34.09 23.35 39.27
N LYS F 136 34.22 22.20 38.61
CA LYS F 136 35.43 21.88 37.86
C LYS F 136 35.30 22.47 36.46
N ILE F 137 36.08 23.51 36.18
CA ILE F 137 35.96 24.27 34.94
C ILE F 137 37.30 24.90 34.61
N GLU F 138 37.60 25.01 33.32
CA GLU F 138 38.77 25.72 32.84
C GLU F 138 38.39 27.14 32.47
N TYR F 139 39.15 28.10 32.94
CA TYR F 139 38.84 29.48 32.66
C TYR F 139 39.43 29.88 31.32
N PRO F 140 38.82 30.86 30.63
CA PRO F 140 37.62 31.63 30.98
C PRO F 140 36.29 30.88 30.85
N ILE F 141 35.31 31.28 31.65
CA ILE F 141 33.98 30.69 31.56
C ILE F 141 33.30 31.13 30.25
N THR F 142 32.75 30.17 29.52
CA THR F 142 31.99 30.43 28.31
C THR F 142 30.60 29.85 28.47
N GLU F 143 29.64 30.41 27.73
CA GLU F 143 28.23 30.08 27.93
C GLU F 143 27.95 28.61 27.70
N GLU F 144 28.64 28.01 26.73
CA GLU F 144 28.41 26.61 26.38
C GLU F 144 28.74 25.66 27.52
N LYS F 145 29.48 26.11 28.54
CA LYS F 145 29.89 25.22 29.64
C LYS F 145 28.86 25.10 30.75
N LEU F 146 27.68 25.73 30.62
CA LEU F 146 26.73 25.82 31.71
C LEU F 146 26.36 24.45 32.30
N HIS F 147 26.13 23.45 31.45
CA HIS F 147 25.67 22.15 31.91
C HIS F 147 26.76 21.11 31.90
N GLU F 148 28.03 21.52 31.76
CA GLU F 148 29.10 20.55 31.61
C GLU F 148 29.71 20.18 32.97
N GLY F 149 28.85 19.62 33.82
CA GLY F 149 29.26 19.12 35.12
C GLY F 149 28.55 19.79 36.28
N PRO F 150 28.64 19.15 37.45
CA PRO F 150 27.81 19.59 38.58
C PRO F 150 28.31 20.90 39.14
N PRO F 151 27.42 21.70 39.73
CA PRO F 151 27.86 22.94 40.38
C PRO F 151 28.59 22.73 41.69
N HIS F 152 29.07 23.83 42.25
CA HIS F 152 29.67 23.74 43.57
C HIS F 152 28.62 23.34 44.59
N PHE F 153 29.05 22.63 45.64
CA PHE F 153 28.12 22.06 46.61
C PHE F 153 27.33 23.13 47.37
N SER F 154 27.92 24.31 47.57
CA SER F 154 27.40 25.27 48.54
C SER F 154 25.96 25.66 48.28
N ASN F 155 25.64 26.00 47.04
CA ASN F 155 24.34 26.51 46.65
C ASN F 155 23.79 25.70 45.49
N ASN F 156 23.97 24.38 45.55
CA ASN F 156 23.66 23.55 44.38
C ASN F 156 22.16 23.40 44.18
N ALA F 157 21.33 23.64 45.19
CA ALA F 157 19.88 23.64 44.96
C ALA F 157 19.47 24.81 44.08
N TYR F 158 19.93 26.02 44.45
CA TYR F 158 19.73 27.19 43.62
C TYR F 158 20.36 27.00 42.25
N ALA F 159 21.56 26.40 42.21
CA ALA F 159 22.25 26.22 40.95
C ALA F 159 21.44 25.36 40.00
N TYR F 160 20.99 24.19 40.48
CA TYR F 160 20.27 23.26 39.61
C TYR F 160 18.93 23.85 39.19
N ALA F 161 18.27 24.57 40.10
CA ALA F 161 17.03 25.25 39.71
C ALA F 161 17.30 26.20 38.55
N LYS F 162 18.39 26.97 38.62
CA LYS F 162 18.74 27.83 37.50
C LYS F 162 19.09 27.02 36.26
N ARG F 163 19.81 25.90 36.45
CA ARG F 163 20.14 25.06 35.30
C ARG F 163 18.88 24.56 34.62
N MET F 164 17.86 24.21 35.41
CA MET F 164 16.58 23.74 34.85
C MET F 164 15.69 24.87 34.39
N LEU F 165 15.94 26.09 34.85
CA LEU F 165 15.27 27.24 34.25
C LEU F 165 15.71 27.41 32.80
N ASP F 166 17.02 27.29 32.54
CA ASP F 166 17.48 27.36 31.15
C ASP F 166 16.87 26.25 30.30
N MET F 167 16.92 25.01 30.79
CA MET F 167 16.43 23.90 29.99
C MET F 167 14.93 24.04 29.71
N LEU F 168 14.15 24.46 30.70
CA LEU F 168 12.72 24.61 30.46
C LEU F 168 12.45 25.62 29.37
N GLY F 169 13.27 26.66 29.28
CA GLY F 169 13.11 27.61 28.19
C GLY F 169 13.35 26.98 26.83
N ARG F 170 14.44 26.22 26.72
CA ARG F 170 14.71 25.51 25.47
C ARG F 170 13.57 24.56 25.11
N TRP F 171 13.05 23.85 26.12
CA TRP F 171 11.94 22.94 25.86
C TRP F 171 10.69 23.69 25.43
N TYR F 172 10.44 24.87 26.02
CA TYR F 172 9.31 25.66 25.54
C TYR F 172 9.56 26.20 24.15
N ASN F 173 10.83 26.49 23.79
CA ASN F 173 11.15 26.82 22.41
C ASN F 173 10.82 25.65 21.47
N GLU F 174 11.10 24.43 21.92
CA GLU F 174 10.76 23.26 21.13
C GLU F 174 9.25 23.16 20.90
N LYS F 175 8.46 23.40 21.95
CA LYS F 175 7.02 23.31 21.82
C LYS F 175 6.46 24.41 20.92
N ALA F 176 6.95 25.66 21.08
CA ALA F 176 6.44 26.75 20.25
C ALA F 176 6.65 26.47 18.77
N VAL F 177 7.83 25.98 18.40
CA VAL F 177 8.07 25.58 17.02
C VAL F 177 7.09 24.51 16.61
N ASN F 178 7.00 23.43 17.41
CA ASN F 178 6.11 22.32 17.07
C ASN F 178 4.67 22.78 16.95
N GLU F 179 4.30 23.84 17.67
CA GLU F 179 2.96 24.39 17.58
C GLU F 179 2.89 25.64 16.72
N GLY F 180 3.99 26.08 16.15
CA GLY F 180 3.98 27.26 15.30
C GLY F 180 3.59 28.52 16.02
N LYS F 181 3.89 28.61 17.30
CA LYS F 181 3.58 29.79 18.10
C LYS F 181 4.79 30.70 18.11
N SER F 182 4.52 32.01 18.20
CA SER F 182 5.56 33.03 18.24
C SER F 182 5.88 33.35 19.70
N CYS F 183 6.63 32.45 20.32
CA CYS F 183 7.11 32.58 21.69
C CYS F 183 8.58 32.17 21.73
N LEU F 184 9.44 33.08 22.15
CA LEU F 184 10.86 32.83 22.26
C LEU F 184 11.27 32.95 23.73
N PHE F 185 12.11 32.03 24.17
CA PHE F 185 12.65 32.01 25.52
C PHE F 185 14.17 32.02 25.44
N THR F 186 14.81 32.91 26.19
CA THR F 186 16.27 32.95 26.28
C THR F 186 16.65 33.46 27.66
N SER F 187 17.95 33.71 27.88
CA SER F 187 18.41 34.10 29.20
C SER F 187 19.74 34.82 29.10
N VAL F 188 20.03 35.62 30.14
CA VAL F 188 21.28 36.35 30.29
C VAL F 188 21.97 35.90 31.57
N ILE F 189 23.29 36.07 31.59
CA ILE F 189 24.06 35.78 32.80
C ILE F 189 24.80 37.04 33.21
N PRO F 190 24.22 37.88 34.08
CA PRO F 190 24.94 39.09 34.51
C PRO F 190 26.00 38.74 35.54
N THR F 191 27.13 39.45 35.46
CA THR F 191 28.30 39.14 36.28
C THR F 191 28.70 40.34 37.13
N ASN F 192 28.62 40.18 38.44
CA ASN F 192 29.11 41.15 39.42
C ASN F 192 28.62 42.57 39.11
N LEU F 193 27.32 42.75 39.25
CA LEU F 193 26.75 44.06 39.07
C LEU F 193 27.00 44.95 40.29
N PHE F 194 27.09 46.25 40.04
CA PHE F 194 27.19 47.25 41.09
C PHE F 194 26.46 48.51 40.65
N GLY F 195 26.02 49.29 41.62
CA GLY F 195 25.35 50.53 41.32
C GLY F 195 24.30 50.89 42.34
N PRO F 196 23.50 51.92 42.02
CA PRO F 196 22.44 52.34 42.94
C PRO F 196 21.48 51.21 43.26
N HIS F 197 20.92 51.28 44.46
CA HIS F 197 19.94 50.34 44.99
C HIS F 197 20.55 48.97 45.30
N ASP F 198 21.88 48.87 45.38
CA ASP F 198 22.52 47.65 45.83
C ASP F 198 22.28 47.46 47.32
N ASN F 199 22.77 46.32 47.85
CA ASN F 199 22.77 46.04 49.28
C ASN F 199 24.15 46.37 49.83
N PHE F 200 24.21 47.38 50.71
CA PHE F 200 25.47 47.90 51.23
C PHE F 200 25.77 47.38 52.64
N ASN F 201 25.18 46.27 53.04
CA ASN F 201 25.49 45.68 54.34
C ASN F 201 26.95 45.23 54.37
N VAL F 202 27.70 45.69 55.38
CA VAL F 202 29.14 45.42 55.44
C VAL F 202 29.40 43.94 55.68
N GLU F 203 28.49 43.24 56.34
CA GLU F 203 28.68 41.81 56.57
C GLU F 203 28.16 40.92 55.43
N ALA F 204 26.99 41.23 54.87
CA ALA F 204 26.34 40.33 53.92
C ALA F 204 26.42 40.77 52.47
N GLY F 205 26.90 41.97 52.17
CA GLY F 205 26.86 42.47 50.81
C GLY F 205 28.02 42.00 49.97
N HIS F 206 27.91 42.24 48.68
CA HIS F 206 29.01 41.93 47.79
C HIS F 206 30.20 42.85 48.10
N VAL F 207 31.37 42.46 47.58
CA VAL F 207 32.60 43.14 47.96
C VAL F 207 32.52 44.62 47.61
N LEU F 208 32.00 44.95 46.43
CA LEU F 208 32.03 46.35 46.01
C LEU F 208 31.13 47.21 46.89
N PRO F 209 29.85 46.92 47.07
CA PRO F 209 29.07 47.73 48.02
C PRO F 209 29.53 47.62 49.46
N GLY F 210 30.06 46.46 49.87
CA GLY F 210 30.53 46.32 51.23
C GLY F 210 31.69 47.25 51.57
N LEU F 211 32.66 47.35 50.66
CA LEU F 211 33.77 48.27 50.88
C LEU F 211 33.28 49.71 50.86
N MET F 212 32.34 50.03 49.96
CA MET F 212 31.78 51.38 49.92
C MET F 212 31.18 51.76 51.27
N HIS F 213 30.35 50.90 51.85
CA HIS F 213 29.79 51.22 53.16
C HIS F 213 30.89 51.23 54.22
N LYS F 214 31.81 50.26 54.16
CA LYS F 214 32.92 50.20 55.12
C LYS F 214 33.76 51.46 55.02
N CYS F 215 33.91 52.02 53.82
CA CYS F 215 34.69 53.25 53.68
C CYS F 215 34.01 54.42 54.37
N TYR F 216 32.69 54.57 54.20
CA TYR F 216 31.97 55.69 54.83
C TYR F 216 32.04 55.62 56.35
N LYS F 217 31.78 54.43 56.93
CA LYS F 217 31.79 54.30 58.38
C LYS F 217 33.16 54.60 58.98
N ALA F 218 34.23 54.21 58.28
CA ALA F 218 35.59 54.47 58.75
C ALA F 218 35.88 55.96 58.84
N GLN F 219 35.28 56.76 57.96
CA GLN F 219 35.48 58.21 58.04
C GLN F 219 34.88 58.80 59.31
N GLN F 220 33.77 58.25 59.78
CA GLN F 220 33.13 58.78 60.98
C GLN F 220 33.25 57.77 62.13
N PHE F 225 39.69 52.81 57.04
CA PHE F 225 39.20 51.89 56.01
C PHE F 225 40.04 50.62 55.95
N VAL F 226 39.46 49.53 56.41
CA VAL F 226 40.15 48.25 56.50
C VAL F 226 39.68 47.42 55.32
N VAL F 227 40.61 46.94 54.50
CA VAL F 227 40.27 46.09 53.36
C VAL F 227 40.57 44.66 53.77
N PHE F 228 39.52 43.86 53.87
CA PHE F 228 39.62 42.47 54.35
C PHE F 228 40.35 41.62 53.32
N GLY F 229 41.62 41.31 53.59
CA GLY F 229 42.37 40.42 52.75
C GLY F 229 43.75 40.97 52.45
N SER F 230 44.41 40.34 51.47
CA SER F 230 45.69 40.84 50.99
C SER F 230 45.53 41.90 49.90
N GLY F 231 44.34 42.01 49.31
CA GLY F 231 44.10 42.94 48.24
C GLY F 231 44.49 42.49 46.85
N LYS F 232 45.02 41.29 46.70
CA LYS F 232 45.54 40.87 45.39
C LYS F 232 44.51 40.31 44.40
N PRO F 233 43.49 39.53 44.81
CA PRO F 233 42.62 38.88 43.81
C PRO F 233 41.92 39.83 42.85
N LEU F 234 41.61 39.32 41.64
CA LEU F 234 41.11 40.12 40.52
C LEU F 234 39.71 39.69 40.08
N ARG F 235 38.87 40.68 39.79
CA ARG F 235 37.51 40.42 39.33
C ARG F 235 37.07 41.47 38.31
N GLN F 236 36.07 41.10 37.48
CA GLN F 236 35.43 41.98 36.50
C GLN F 236 34.05 42.45 36.97
N PHE F 237 33.83 43.77 37.05
CA PHE F 237 32.62 44.37 37.59
C PHE F 237 31.82 45.14 36.53
N LEU F 238 30.49 44.99 36.54
CA LEU F 238 29.61 45.63 35.57
C LEU F 238 28.60 46.54 36.27
N TYR F 239 28.54 47.80 35.83
CA TYR F 239 27.59 48.79 36.34
C TYR F 239 26.13 48.36 36.18
N SER F 240 25.32 48.67 37.19
CA SER F 240 23.91 48.30 37.16
C SER F 240 23.17 48.92 35.97
N HIS F 241 23.43 50.19 35.68
CA HIS F 241 22.75 50.83 34.56
C HIS F 241 23.26 50.33 33.21
N ASP F 242 24.54 49.97 33.11
CA ASP F 242 25.05 49.39 31.88
C ASP F 242 24.42 48.05 31.57
N ALA F 243 24.46 47.12 32.54
CA ALA F 243 23.90 45.80 32.26
C ALA F 243 22.42 45.91 31.91
N ALA F 244 21.72 46.90 32.49
CA ALA F 244 20.30 47.11 32.21
C ALA F 244 20.07 47.51 30.76
N ARG F 245 20.96 48.33 30.20
CA ARG F 245 20.85 48.62 28.79
C ARG F 245 21.08 47.36 27.98
N MET F 246 22.06 46.55 28.38
CA MET F 246 22.34 45.29 27.68
C MET F 246 21.15 44.34 27.71
N LEU F 247 20.44 44.25 28.83
CA LEU F 247 19.24 43.43 28.81
C LEU F 247 18.22 44.03 27.85
N LEU F 248 18.09 45.36 27.88
CA LEU F 248 17.16 46.05 26.99
C LEU F 248 17.56 45.88 25.53
N TRP F 249 18.85 46.02 25.22
CA TRP F 249 19.32 45.72 23.86
C TRP F 249 19.07 44.27 23.51
N THR F 250 19.37 43.37 24.45
CA THR F 250 19.14 41.95 24.25
C THR F 250 17.66 41.65 24.10
N MET F 251 16.82 42.31 24.91
CA MET F 251 15.39 42.09 24.81
C MET F 251 14.89 42.41 23.40
N PHE F 252 15.44 43.47 22.78
CA PHE F 252 14.99 43.94 21.46
C PHE F 252 15.59 43.20 20.28
N ASN F 253 16.73 42.52 20.43
CA ASN F 253 17.49 42.08 19.26
C ASN F 253 17.87 40.59 19.27
N TYR F 254 18.03 39.99 20.46
CA TYR F 254 18.73 38.71 20.59
C TYR F 254 17.79 37.56 20.23
N GLN F 255 18.22 36.71 19.27
CA GLN F 255 17.40 35.64 18.75
C GLN F 255 17.78 34.24 19.26
N SER F 256 18.98 34.06 19.80
CA SER F 256 19.48 32.75 20.22
C SER F 256 18.90 32.31 21.56
N GLU F 257 18.67 31.00 21.69
CA GLU F 257 18.26 30.45 22.98
C GLU F 257 19.44 30.18 23.91
N GLU F 258 20.66 30.24 23.41
CA GLU F 258 21.82 30.13 24.28
C GLU F 258 21.87 31.31 25.24
N PRO F 259 22.21 31.08 26.50
CA PRO F 259 22.41 32.22 27.41
C PRO F 259 23.56 33.09 26.92
N ILE F 260 23.50 34.37 27.26
CA ILE F 260 24.49 35.35 26.86
C ILE F 260 25.07 36.00 28.11
N MET F 261 26.39 36.00 28.20
CA MET F 261 27.03 36.64 29.33
C MET F 261 26.88 38.14 29.21
N LEU F 262 26.52 38.78 30.32
CA LEU F 262 26.59 40.23 30.44
C LEU F 262 27.67 40.46 31.50
N CYS F 263 28.85 40.84 31.05
CA CYS F 263 29.98 41.11 31.95
C CYS F 263 30.92 42.05 31.25
N VAL F 264 31.83 42.65 32.03
CA VAL F 264 32.87 43.48 31.45
C VAL F 264 34.01 42.59 30.95
N SER F 265 34.85 43.16 30.10
CA SER F 265 35.93 42.42 29.47
C SER F 265 37.00 42.05 30.50
N GLU F 266 37.84 41.08 30.12
CA GLU F 266 38.97 40.71 30.97
C GLU F 266 39.91 41.88 31.16
N GLU F 267 40.04 42.74 30.15
CA GLU F 267 40.93 43.89 30.23
C GLU F 267 40.56 44.84 31.37
N ASP F 268 39.31 44.83 31.82
CA ASP F 268 38.87 45.73 32.87
C ASP F 268 38.93 45.11 34.26
N GLU F 269 39.63 43.99 34.42
CA GLU F 269 39.77 43.36 35.74
C GLU F 269 40.55 44.28 36.68
N LYS F 270 40.14 44.29 37.95
CA LYS F 270 40.80 45.09 38.99
C LYS F 270 41.20 44.21 40.15
N SER F 271 42.23 44.64 40.87
CA SER F 271 42.60 43.98 42.11
C SER F 271 41.72 44.48 43.25
N ILE F 272 41.62 43.66 44.30
CA ILE F 272 40.88 44.09 45.49
C ILE F 272 41.52 45.35 46.06
N GLY F 273 42.86 45.41 46.05
CA GLY F 273 43.53 46.63 46.45
C GLY F 273 43.26 47.77 45.49
N GLN F 274 43.30 47.49 44.19
CA GLN F 274 42.90 48.50 43.22
C GLN F 274 41.46 48.95 43.47
N VAL F 275 40.58 47.99 43.77
CA VAL F 275 39.17 48.31 44.04
C VAL F 275 39.05 49.22 45.27
N ALA F 276 39.75 48.89 46.35
CA ALA F 276 39.63 49.66 47.57
C ALA F 276 40.16 51.09 47.40
N GLN F 277 41.28 51.25 46.68
CA GLN F 277 41.87 52.58 46.51
C GLN F 277 40.94 53.52 45.75
N THR F 278 40.27 53.03 44.71
CA THR F 278 39.33 53.84 43.96
C THR F 278 38.23 54.39 44.86
N ILE F 279 37.79 53.57 45.83
CA ILE F 279 36.71 53.95 46.73
C ILE F 279 37.04 55.23 47.50
N LYS F 280 38.31 55.43 47.87
CA LYS F 280 38.66 56.64 48.64
C LYS F 280 38.12 57.90 47.98
N ASP F 281 38.36 58.07 46.69
CA ASP F 281 37.80 59.20 45.95
C ASP F 281 36.26 59.07 45.83
N VAL F 290 44.48 50.12 55.18
CA VAL F 290 45.20 48.92 55.54
C VAL F 290 44.44 47.66 55.11
N PHE F 291 45.16 46.56 54.86
CA PHE F 291 44.55 45.29 54.47
C PHE F 291 44.78 44.27 55.57
N ASP F 292 43.69 43.67 56.08
CA ASP F 292 43.74 42.73 57.21
C ASP F 292 43.64 41.28 56.75
N THR F 293 44.77 40.58 56.70
CA THR F 293 44.76 39.17 56.28
C THR F 293 44.32 38.26 57.43
N TYR F 300 40.82 33.98 44.99
CA TYR F 300 41.86 33.98 43.96
C TYR F 300 41.40 34.79 42.75
N LYS F 301 41.81 34.37 41.54
CA LYS F 301 41.37 34.99 40.31
C LYS F 301 40.62 33.94 39.47
N LYS F 302 39.50 34.37 38.86
CA LYS F 302 38.56 33.47 38.16
C LYS F 302 37.96 34.14 36.92
N THR F 303 38.74 34.19 35.84
CA THR F 303 38.39 35.05 34.70
C THR F 303 37.17 34.52 33.95
N SER F 304 36.23 35.42 33.65
CA SER F 304 35.08 35.16 32.80
C SER F 304 35.23 35.83 31.45
N SER F 305 34.53 35.28 30.44
CA SER F 305 34.67 35.68 29.04
C SER F 305 33.41 36.38 28.51
N ASN F 306 33.60 37.58 27.96
CA ASN F 306 32.52 38.35 27.36
C ASN F 306 32.49 38.27 25.83
N ALA F 307 33.12 37.23 25.26
CA ALA F 307 33.33 37.19 23.81
C ALA F 307 32.03 37.31 23.01
N LYS F 308 30.94 36.75 23.51
CA LYS F 308 29.69 36.76 22.75
C LYS F 308 29.13 38.16 22.56
N PHE F 309 29.08 38.95 23.65
CA PHE F 309 28.49 40.29 23.57
C PHE F 309 29.25 41.17 22.58
N LEU F 310 30.58 41.04 22.53
CA LEU F 310 31.37 41.83 21.60
C LEU F 310 30.97 41.56 20.15
N ARG F 311 30.58 40.32 19.83
CA ARG F 311 30.24 39.99 18.46
C ARG F 311 28.97 40.68 17.97
N LEU F 312 27.94 40.75 18.80
CA LEU F 312 26.65 41.27 18.35
C LEU F 312 26.47 42.78 18.56
N ASN F 313 27.18 43.38 19.51
CA ASN F 313 27.02 44.80 19.83
C ASN F 313 28.37 45.45 20.04
N PRO F 314 29.17 45.58 18.96
CA PRO F 314 30.49 46.22 19.11
C PRO F 314 30.41 47.72 19.31
N THR F 315 29.28 48.34 18.96
CA THR F 315 29.09 49.77 19.14
C THR F 315 28.53 50.10 20.52
N PHE F 316 28.47 49.12 21.41
CA PHE F 316 27.96 49.32 22.76
C PHE F 316 28.93 50.07 23.65
N GLN F 317 28.39 51.00 24.45
CA GLN F 317 29.19 51.78 25.39
C GLN F 317 28.90 51.36 26.83
N TYR F 318 29.95 50.95 27.53
CA TYR F 318 29.88 50.70 28.96
C TYR F 318 30.34 51.95 29.69
N THR F 319 29.84 52.15 30.90
CA THR F 319 30.31 53.25 31.73
C THR F 319 31.67 52.90 32.33
N PRO F 320 32.71 53.71 32.11
CA PRO F 320 34.02 53.44 32.73
C PRO F 320 33.91 53.33 34.25
N PHE F 321 34.77 52.47 34.82
CA PHE F 321 34.71 52.14 36.24
C PHE F 321 34.69 53.36 37.15
N GLU F 322 35.48 54.38 36.82
CA GLU F 322 35.56 55.56 37.68
C GLU F 322 34.22 56.28 37.77
N GLN F 323 33.51 56.42 36.65
CA GLN F 323 32.22 57.11 36.67
C GLN F 323 31.15 56.34 37.45
N ALA F 324 31.13 55.01 37.34
CA ALA F 324 30.12 54.21 38.03
C ALA F 324 30.31 54.26 39.54
N ILE F 325 31.56 54.22 40.01
CA ILE F 325 31.80 54.35 41.46
C ILE F 325 31.33 55.73 41.94
N LYS F 326 31.70 56.78 41.19
CA LYS F 326 31.30 58.14 41.57
C LYS F 326 29.79 58.35 41.52
N GLU F 327 29.14 57.85 40.46
CA GLU F 327 27.68 58.01 40.38
C GLU F 327 26.99 57.26 41.50
N THR F 328 27.47 56.05 41.82
CA THR F 328 26.82 55.23 42.83
C THR F 328 26.88 55.88 44.22
N VAL F 329 28.02 56.50 44.57
CA VAL F 329 28.14 57.12 45.88
C VAL F 329 27.22 58.33 46.01
N GLN F 330 27.09 59.15 44.95
CA GLN F 330 26.23 60.32 45.05
C GLN F 330 24.79 59.91 45.34
N TRP F 331 24.32 58.83 44.68
CA TRP F 331 23.03 58.26 45.04
C TRP F 331 23.08 57.72 46.47
N PHE F 332 24.17 57.04 46.81
CA PHE F 332 24.36 56.53 48.16
C PHE F 332 24.39 57.67 49.17
N LEU F 333 25.11 58.75 48.85
CA LEU F 333 25.17 59.91 49.74
C LEU F 333 23.83 60.62 49.81
N GLU F 334 23.17 60.81 48.66
CA GLU F 334 21.88 61.50 48.68
C GLU F 334 20.77 60.64 49.29
N ASN F 335 20.91 59.31 49.27
CA ASN F 335 19.86 58.40 49.73
C ASN F 335 20.34 57.47 50.85
N TYR F 336 21.34 57.91 51.61
CA TYR F 336 21.89 57.05 52.68
C TYR F 336 20.78 56.61 53.64
N GLU F 337 19.86 57.51 53.96
CA GLU F 337 18.81 57.17 54.90
C GLU F 337 17.98 56.00 54.40
N THR F 338 17.80 55.88 53.08
CA THR F 338 16.94 54.87 52.48
C THR F 338 17.70 53.67 51.92
N ALA F 339 19.03 53.67 51.95
CA ALA F 339 19.76 52.53 51.41
C ALA F 339 19.69 51.33 52.35
N ARG F 340 19.88 50.14 51.78
CA ARG F 340 19.94 48.93 52.59
C ARG F 340 21.33 48.82 53.20
N LYS F 341 21.38 48.65 54.51
CA LYS F 341 22.66 48.67 55.22
C LYS F 341 22.65 47.62 56.32
S SO4 G . -13.71 -11.35 -38.63
O1 SO4 G . -15.13 -11.47 -38.30
O2 SO4 G . -12.92 -11.69 -37.44
O3 SO4 G . -13.37 -12.27 -39.71
O4 SO4 G . -13.42 -9.98 -39.03
CL CL H . -13.88 -10.68 -43.86
S SO4 I . 4.59 26.64 -18.29
O1 SO4 I . 4.01 26.58 -16.95
O2 SO4 I . 5.79 25.81 -18.35
O3 SO4 I . 4.93 28.03 -18.58
O4 SO4 I . 3.64 26.16 -19.27
S SO4 J . -8.85 -13.37 14.03
O1 SO4 J . -9.22 -14.65 14.62
O2 SO4 J . -8.99 -12.34 15.05
O3 SO4 J . -7.46 -13.42 13.55
O4 SO4 J . -9.71 -13.05 12.90
S SO4 K . 6.96 -0.96 32.28
O1 SO4 K . 6.19 -1.93 33.04
O2 SO4 K . 7.86 -0.27 33.20
O3 SO4 K . 7.73 -1.66 31.26
O4 SO4 K . 6.06 0.01 31.67
CL CL L . 15.30 -1.49 24.01
#